data_1UY4
# 
_entry.id   1UY4 
# 
_audit_conform.dict_name       mmcif_pdbx.dic 
_audit_conform.dict_version    5.382 
_audit_conform.dict_location   http://mmcif.pdb.org/dictionaries/ascii/mmcif_pdbx.dic 
# 
loop_
_database_2.database_id 
_database_2.database_code 
_database_2.pdbx_database_accession 
_database_2.pdbx_DOI 
PDB   1UY4         pdb_00001uy4 10.2210/pdb1uy4/pdb 
PDBE  EBI-14698    ?            ?                   
WWPDB D_1290014698 ?            ?                   
# 
loop_
_pdbx_database_related.db_name 
_pdbx_database_related.db_id 
_pdbx_database_related.content_type 
_pdbx_database_related.details 
PDB 1NAE unspecified 'STRUCTURE OF CSCBM6-3 FROM CLOSTRIDIUM STERCORARIUM INCOMPLEX WITH XYLOTRIOSE' 
PDB 1OD3 unspecified 'STRUCTURE OF CBM6-3 IN COMPLEX WITH LAMINARIBIOSE'                             
PDB 1UY1 unspecified 'STRUCTURE OF CARBOHYDRATE-BINDING MODULE LAMINARIBIOSE'                        
PDB 1UY2 unspecified 'STRUCTURE OF CARBOHYDRATE-BINDING MODULE LAMINARIBIOSE'                        
PDB 1UY3 unspecified 'STRUCTURE OF CARBOHYDRATE-BINDING MODULE LAMINARIBIOSE'                        
# 
_pdbx_database_status.status_code                     REL 
_pdbx_database_status.entry_id                        1UY4 
_pdbx_database_status.deposit_site                    PDBE 
_pdbx_database_status.process_site                    PDBE 
_pdbx_database_status.SG_entry                        . 
_pdbx_database_status.recvd_initial_deposition_date   2004-03-01 
_pdbx_database_status.pdb_format_compatible           Y 
_pdbx_database_status.status_code_sf                  REL 
_pdbx_database_status.status_code_mr                  ? 
_pdbx_database_status.status_code_cs                  ? 
_pdbx_database_status.methods_development_category    ? 
_pdbx_database_status.status_code_nmr_data            ? 
# 
loop_
_audit_author.name 
_audit_author.pdbx_ordinal 
'Van Bueren, A.L.' 1 
'Boraston, A.B.'   2 
# 
_citation.id                        primary 
_citation.title                     
;Binding Sub-Site Dissection of a Carbohydrate-Binding Module Reveals the Contribution of Entropy to Oligosaccharide Recognition at "Non-Primary" Binding Subsites.
;
_citation.journal_abbrev            J.Mol.Biol. 
_citation.journal_volume            340 
_citation.page_first                869 
_citation.page_last                 ? 
_citation.year                      2004 
_citation.journal_id_ASTM           JMOBAK 
_citation.country                   UK 
_citation.journal_id_ISSN           0022-2836 
_citation.journal_id_CSD            0070 
_citation.book_publisher            ? 
_citation.pdbx_database_id_PubMed   15223327 
_citation.pdbx_database_id_DOI      10.1016/J.JMB.2004.05.038 
# 
loop_
_citation_author.citation_id 
_citation_author.name 
_citation_author.ordinal 
_citation_author.identifier_ORCID 
primary 'Van Bueren, A.L.' 1 ? 
primary 'Boraston, A.B.'   2 ? 
# 
_cell.entry_id           1UY4 
_cell.length_a           83.437 
_cell.length_b           83.437 
_cell.length_c           44.921 
_cell.angle_alpha        90.00 
_cell.angle_beta         90.00 
_cell.angle_gamma        90.00 
_cell.Z_PDB              8 
_cell.pdbx_unique_axis   ? 
# 
_symmetry.entry_id                         1UY4 
_symmetry.space_group_name_H-M             'P 41 21 2' 
_symmetry.pdbx_full_space_group_name_H-M   ? 
_symmetry.cell_setting                     ? 
_symmetry.Int_Tables_number                92 
# 
loop_
_entity.id 
_entity.type 
_entity.src_method 
_entity.pdbx_description 
_entity.formula_weight 
_entity.pdbx_number_of_molecules 
_entity.pdbx_ec 
_entity.pdbx_mutation 
_entity.pdbx_fragment 
_entity.details 
1 polymer     man 'ENDO-1,4-BETA-XYLANASE A'                                                                          15240.524 1 
? ? 'CARBOHYDRATE-BINDING MODULE, RESIDUES 236-374' ? 
2 branched    man 'beta-D-xylopyranose-(1-4)-beta-D-xylopyranose-(1-4)-beta-D-xylopyranose-(1-4)-beta-D-xylopyranose' 546.474   1 
? ? ?                                               ? 
3 non-polymer syn 'SODIUM ION'                                                                                        22.990    1 
? ? ?                                               ? 
4 non-polymer syn 'CALCIUM ION'                                                                                       40.078    1 
? ? ?                                               ? 
5 non-polymer syn GLYCEROL                                                                                            92.094    1 
? ? ?                                               ? 
6 water       nat water                                                                                               18.015    
166 ? ? ?                                               ? 
# 
_entity_name_com.entity_id   1 
_entity_name_com.name        'CSCBM6-1,1,4-BETA-D-XYLAN XYLANOHYDROLASE A' 
# 
_entity_poly.entity_id                      1 
_entity_poly.type                           'polypeptide(L)' 
_entity_poly.nstd_linkage                   no 
_entity_poly.nstd_monomer                   no 
_entity_poly.pdbx_seq_one_letter_code       
;GSHMASPTPAPSQSPIRRDAFSIIEAEEYNSTNSSTLQVIGTPNNGRGIGYIENGNTVTYSNIDFGSGATGFSATVATEV
NTSIQIRSDSPTGTLLGTLYVSSTGSWNTYNTVSTNISKITGVHDIVLVFSGPVNVDNFIFSRSS
;
_entity_poly.pdbx_seq_one_letter_code_can   
;GSHMASPTPAPSQSPIRRDAFSIIEAEEYNSTNSSTLQVIGTPNNGRGIGYIENGNTVTYSNIDFGSGATGFSATVATEV
NTSIQIRSDSPTGTLLGTLYVSSTGSWNTYNTVSTNISKITGVHDIVLVFSGPVNVDNFIFSRSS
;
_entity_poly.pdbx_strand_id                 A 
_entity_poly.pdbx_target_identifier         ? 
# 
loop_
_entity_poly_seq.entity_id 
_entity_poly_seq.num 
_entity_poly_seq.mon_id 
_entity_poly_seq.hetero 
1 1   GLY n 
1 2   SER n 
1 3   HIS n 
1 4   MET n 
1 5   ALA n 
1 6   SER n 
1 7   PRO n 
1 8   THR n 
1 9   PRO n 
1 10  ALA n 
1 11  PRO n 
1 12  SER n 
1 13  GLN n 
1 14  SER n 
1 15  PRO n 
1 16  ILE n 
1 17  ARG n 
1 18  ARG n 
1 19  ASP n 
1 20  ALA n 
1 21  PHE n 
1 22  SER n 
1 23  ILE n 
1 24  ILE n 
1 25  GLU n 
1 26  ALA n 
1 27  GLU n 
1 28  GLU n 
1 29  TYR n 
1 30  ASN n 
1 31  SER n 
1 32  THR n 
1 33  ASN n 
1 34  SER n 
1 35  SER n 
1 36  THR n 
1 37  LEU n 
1 38  GLN n 
1 39  VAL n 
1 40  ILE n 
1 41  GLY n 
1 42  THR n 
1 43  PRO n 
1 44  ASN n 
1 45  ASN n 
1 46  GLY n 
1 47  ARG n 
1 48  GLY n 
1 49  ILE n 
1 50  GLY n 
1 51  TYR n 
1 52  ILE n 
1 53  GLU n 
1 54  ASN n 
1 55  GLY n 
1 56  ASN n 
1 57  THR n 
1 58  VAL n 
1 59  THR n 
1 60  TYR n 
1 61  SER n 
1 62  ASN n 
1 63  ILE n 
1 64  ASP n 
1 65  PHE n 
1 66  GLY n 
1 67  SER n 
1 68  GLY n 
1 69  ALA n 
1 70  THR n 
1 71  GLY n 
1 72  PHE n 
1 73  SER n 
1 74  ALA n 
1 75  THR n 
1 76  VAL n 
1 77  ALA n 
1 78  THR n 
1 79  GLU n 
1 80  VAL n 
1 81  ASN n 
1 82  THR n 
1 83  SER n 
1 84  ILE n 
1 85  GLN n 
1 86  ILE n 
1 87  ARG n 
1 88  SER n 
1 89  ASP n 
1 90  SER n 
1 91  PRO n 
1 92  THR n 
1 93  GLY n 
1 94  THR n 
1 95  LEU n 
1 96  LEU n 
1 97  GLY n 
1 98  THR n 
1 99  LEU n 
1 100 TYR n 
1 101 VAL n 
1 102 SER n 
1 103 SER n 
1 104 THR n 
1 105 GLY n 
1 106 SER n 
1 107 TRP n 
1 108 ASN n 
1 109 THR n 
1 110 TYR n 
1 111 ASN n 
1 112 THR n 
1 113 VAL n 
1 114 SER n 
1 115 THR n 
1 116 ASN n 
1 117 ILE n 
1 118 SER n 
1 119 LYS n 
1 120 ILE n 
1 121 THR n 
1 122 GLY n 
1 123 VAL n 
1 124 HIS n 
1 125 ASP n 
1 126 ILE n 
1 127 VAL n 
1 128 LEU n 
1 129 VAL n 
1 130 PHE n 
1 131 SER n 
1 132 GLY n 
1 133 PRO n 
1 134 VAL n 
1 135 ASN n 
1 136 VAL n 
1 137 ASP n 
1 138 ASN n 
1 139 PHE n 
1 140 ILE n 
1 141 PHE n 
1 142 SER n 
1 143 ARG n 
1 144 SER n 
1 145 SER n 
# 
_entity_src_gen.entity_id                          1 
_entity_src_gen.pdbx_src_id                        1 
_entity_src_gen.pdbx_alt_source_flag               sample 
_entity_src_gen.pdbx_seq_type                      ? 
_entity_src_gen.pdbx_beg_seq_num                   ? 
_entity_src_gen.pdbx_end_seq_num                   ? 
_entity_src_gen.gene_src_common_name               ? 
_entity_src_gen.gene_src_genus                     ? 
_entity_src_gen.pdbx_gene_src_gene                 ? 
_entity_src_gen.gene_src_species                   ? 
_entity_src_gen.gene_src_strain                    'NCIB 11745' 
_entity_src_gen.gene_src_tissue                    ? 
_entity_src_gen.gene_src_tissue_fraction           ? 
_entity_src_gen.gene_src_details                   ? 
_entity_src_gen.pdbx_gene_src_fragment             ? 
_entity_src_gen.pdbx_gene_src_scientific_name      'CLOSTRIDIUM STERCORARIUM' 
_entity_src_gen.pdbx_gene_src_ncbi_taxonomy_id     1510 
_entity_src_gen.pdbx_gene_src_variant              ? 
_entity_src_gen.pdbx_gene_src_cell_line            ? 
_entity_src_gen.pdbx_gene_src_atcc                 ? 
_entity_src_gen.pdbx_gene_src_organ                ? 
_entity_src_gen.pdbx_gene_src_organelle            ? 
_entity_src_gen.pdbx_gene_src_cell                 ? 
_entity_src_gen.pdbx_gene_src_cellular_location    ? 
_entity_src_gen.host_org_common_name               ? 
_entity_src_gen.pdbx_host_org_scientific_name      'ESCHERICHIA COLI' 
_entity_src_gen.pdbx_host_org_ncbi_taxonomy_id     469008 
_entity_src_gen.host_org_genus                     ? 
_entity_src_gen.pdbx_host_org_gene                 ? 
_entity_src_gen.pdbx_host_org_organ                ? 
_entity_src_gen.host_org_species                   ? 
_entity_src_gen.pdbx_host_org_tissue               ? 
_entity_src_gen.pdbx_host_org_tissue_fraction      ? 
_entity_src_gen.pdbx_host_org_strain               'BL21(DE3)' 
_entity_src_gen.pdbx_host_org_variant              ? 
_entity_src_gen.pdbx_host_org_cell_line            ? 
_entity_src_gen.pdbx_host_org_atcc                 ? 
_entity_src_gen.pdbx_host_org_culture_collection   ? 
_entity_src_gen.pdbx_host_org_cell                 ? 
_entity_src_gen.pdbx_host_org_organelle            ? 
_entity_src_gen.pdbx_host_org_cellular_location    ? 
_entity_src_gen.pdbx_host_org_vector_type          ? 
_entity_src_gen.pdbx_host_org_vector               'PET 28' 
_entity_src_gen.host_org_details                   ? 
_entity_src_gen.expression_system_id               ? 
_entity_src_gen.plasmid_name                       PET-CBM6-1 
_entity_src_gen.plasmid_details                    ? 
_entity_src_gen.pdbx_description                   ? 
# 
loop_
_struct_ref.id 
_struct_ref.db_name 
_struct_ref.db_code 
_struct_ref.entity_id 
_struct_ref.pdbx_seq_one_letter_code 
_struct_ref.pdbx_align_begin 
_struct_ref.pdbx_db_accession 
_struct_ref.pdbx_db_isoform 
1 PDB 1UY4   1 ? ? 1UY4   ? 
2 UNP Q93AQ5 1 ? ? Q93AQ5 ? 
# 
loop_
_struct_ref_seq.align_id 
_struct_ref_seq.ref_id 
_struct_ref_seq.pdbx_PDB_id_code 
_struct_ref_seq.pdbx_strand_id 
_struct_ref_seq.seq_align_beg 
_struct_ref_seq.pdbx_seq_align_beg_ins_code 
_struct_ref_seq.seq_align_end 
_struct_ref_seq.pdbx_seq_align_end_ins_code 
_struct_ref_seq.pdbx_db_accession 
_struct_ref_seq.db_align_beg 
_struct_ref_seq.pdbx_db_align_beg_ins_code 
_struct_ref_seq.db_align_end 
_struct_ref_seq.pdbx_db_align_end_ins_code 
_struct_ref_seq.pdbx_auth_seq_align_beg 
_struct_ref_seq.pdbx_auth_seq_align_end 
1 1 1UY4 A 1 ? 6   ? 1UY4   1 ? 6   ? 1 6   
2 2 1UY4 A 7 ? 145 ? Q93AQ5 1 ? 139 ? 7 145 
# 
_struct_ref_seq_dif.align_id                     1 
_struct_ref_seq_dif.pdbx_pdb_id_code             1UY4 
_struct_ref_seq_dif.mon_id                       ASN 
_struct_ref_seq_dif.pdbx_pdb_strand_id           A 
_struct_ref_seq_dif.seq_num                      111 
_struct_ref_seq_dif.pdbx_pdb_ins_code            ? 
_struct_ref_seq_dif.pdbx_seq_db_name             UNP 
_struct_ref_seq_dif.pdbx_seq_db_accession_code   Q93AQ5 
_struct_ref_seq_dif.db_mon_id                    GLN 
_struct_ref_seq_dif.pdbx_seq_db_seq_num          105 
_struct_ref_seq_dif.details                      conflict 
_struct_ref_seq_dif.pdbx_auth_seq_num            111 
_struct_ref_seq_dif.pdbx_ordinal                 1 
# 
loop_
_chem_comp.id 
_chem_comp.type 
_chem_comp.mon_nstd_flag 
_chem_comp.name 
_chem_comp.pdbx_synonyms 
_chem_comp.formula 
_chem_comp.formula_weight 
ALA 'L-peptide linking'          y ALANINE             ?                                 'C3 H7 N O2'     89.093  
ARG 'L-peptide linking'          y ARGININE            ?                                 'C6 H15 N4 O2 1' 175.209 
ASN 'L-peptide linking'          y ASPARAGINE          ?                                 'C4 H8 N2 O3'    132.118 
ASP 'L-peptide linking'          y 'ASPARTIC ACID'     ?                                 'C4 H7 N O4'     133.103 
CA  non-polymer                  . 'CALCIUM ION'       ?                                 'Ca 2'           40.078  
GLN 'L-peptide linking'          y GLUTAMINE           ?                                 'C5 H10 N2 O3'   146.144 
GLU 'L-peptide linking'          y 'GLUTAMIC ACID'     ?                                 'C5 H9 N O4'     147.129 
GLY 'peptide linking'            y GLYCINE             ?                                 'C2 H5 N O2'     75.067  
GOL non-polymer                  . GLYCEROL            'GLYCERIN; PROPANE-1,2,3-TRIOL'   'C3 H8 O3'       92.094  
HIS 'L-peptide linking'          y HISTIDINE           ?                                 'C6 H10 N3 O2 1' 156.162 
HOH non-polymer                  . WATER               ?                                 'H2 O'           18.015  
ILE 'L-peptide linking'          y ISOLEUCINE          ?                                 'C6 H13 N O2'    131.173 
LEU 'L-peptide linking'          y LEUCINE             ?                                 'C6 H13 N O2'    131.173 
LYS 'L-peptide linking'          y LYSINE              ?                                 'C6 H15 N2 O2 1' 147.195 
MET 'L-peptide linking'          y METHIONINE          ?                                 'C5 H11 N O2 S'  149.211 
NA  non-polymer                  . 'SODIUM ION'        ?                                 'Na 1'           22.990  
PHE 'L-peptide linking'          y PHENYLALANINE       ?                                 'C9 H11 N O2'    165.189 
PRO 'L-peptide linking'          y PROLINE             ?                                 'C5 H9 N O2'     115.130 
SER 'L-peptide linking'          y SERINE              ?                                 'C3 H7 N O3'     105.093 
THR 'L-peptide linking'          y THREONINE           ?                                 'C4 H9 N O3'     119.119 
TRP 'L-peptide linking'          y TRYPTOPHAN          ?                                 'C11 H12 N2 O2'  204.225 
TYR 'L-peptide linking'          y TYROSINE            ?                                 'C9 H11 N O3'    181.189 
VAL 'L-peptide linking'          y VALINE              ?                                 'C5 H11 N O2'    117.146 
XYP 'D-saccharide, beta linking' . beta-D-xylopyranose 'beta-D-xylose; D-xylose; xylose' 'C5 H10 O5'      150.130 
# 
_exptl.entry_id          1UY4 
_exptl.method            'X-RAY DIFFRACTION' 
_exptl.crystals_number   1 
# 
_exptl_crystal.id                    1 
_exptl_crystal.density_meas          ? 
_exptl_crystal.density_Matthews      2.56 
_exptl_crystal.density_percent_sol   52.05 
_exptl_crystal.description           ? 
# 
_exptl_crystal_grow.crystal_id      1 
_exptl_crystal_grow.method          ? 
_exptl_crystal_grow.temp            ? 
_exptl_crystal_grow.temp_details    ? 
_exptl_crystal_grow.pH              4.50 
_exptl_crystal_grow.pdbx_pH_range   ? 
_exptl_crystal_grow.pdbx_details    'pH 4.50' 
# 
_diffrn.id                     1 
_diffrn.ambient_temp           113.0 
_diffrn.ambient_temp_details   ? 
_diffrn.crystal_id             1 
# 
_diffrn_detector.diffrn_id              1 
_diffrn_detector.detector               'IMAGE PLATE' 
_diffrn_detector.type                   'RIGAKU R-AXIS IV++' 
_diffrn_detector.pdbx_collection_date   ? 
_diffrn_detector.details                'OSMIC BLUE' 
# 
_diffrn_radiation.diffrn_id                        1 
_diffrn_radiation.wavelength_id                    1 
_diffrn_radiation.pdbx_monochromatic_or_laue_m_l   M 
_diffrn_radiation.monochromator                    ? 
_diffrn_radiation.pdbx_diffrn_protocol             'SINGLE WAVELENGTH' 
_diffrn_radiation.pdbx_scattering_type             x-ray 
# 
_diffrn_radiation_wavelength.id           1 
_diffrn_radiation_wavelength.wavelength   1.5418 
_diffrn_radiation_wavelength.wt           1.0 
# 
_diffrn_source.diffrn_id                   1 
_diffrn_source.source                      'ROTATING ANODE' 
_diffrn_source.type                        'RIGAKU MICROMAX-002' 
_diffrn_source.pdbx_synchrotron_site       ? 
_diffrn_source.pdbx_synchrotron_beamline   ? 
_diffrn_source.pdbx_wavelength             1.5418 
_diffrn_source.pdbx_wavelength_list        ? 
# 
_reflns.pdbx_diffrn_id               1 
_reflns.pdbx_ordinal                 1 
_reflns.entry_id                     1UY4 
_reflns.observed_criterion_sigma_I   ? 
_reflns.observed_criterion_sigma_F   ? 
_reflns.d_resolution_low             20.000 
_reflns.d_resolution_high            1.690 
_reflns.number_obs                   17203 
_reflns.number_all                   ? 
_reflns.percent_possible_obs         99.1 
_reflns.pdbx_Rmerge_I_obs            0.04500 
_reflns.pdbx_Rsym_value              ? 
_reflns.pdbx_netI_over_sigmaI        22.3000 
_reflns.B_iso_Wilson_estimate        ? 
_reflns.pdbx_redundancy              8.600 
# 
_reflns_shell.pdbx_diffrn_id         1 
_reflns_shell.pdbx_ordinal           1 
_reflns_shell.d_res_high             1.69 
_reflns_shell.d_res_low              1.75 
_reflns_shell.percent_possible_all   100.0 
_reflns_shell.Rmerge_I_obs           0.34500 
_reflns_shell.pdbx_Rsym_value        ? 
_reflns_shell.meanI_over_sigI_obs    5.000 
_reflns_shell.pdbx_redundancy        8.00 
# 
_refine.pdbx_refine_id                           'X-RAY DIFFRACTION' 
_refine.entry_id                                 1UY4 
_refine.pdbx_diffrn_id                           1 
_refine.pdbx_TLS_residual_ADP_flag               ? 
_refine.ls_number_reflns_obs                     17203 
_refine.ls_number_reflns_all                     ? 
_refine.pdbx_ls_sigma_I                          ? 
_refine.pdbx_ls_sigma_F                          ? 
_refine.pdbx_data_cutoff_high_absF               ? 
_refine.pdbx_data_cutoff_low_absF                ? 
_refine.pdbx_data_cutoff_high_rms_absF           ? 
_refine.ls_d_res_low                             20.00 
_refine.ls_d_res_high                            1.69 
_refine.ls_percent_reflns_obs                    99.1 
_refine.ls_R_factor_obs                          0.134 
_refine.ls_R_factor_all                          ? 
_refine.ls_R_factor_R_work                       0.132 
_refine.ls_R_factor_R_free                       0.177 
_refine.ls_R_factor_R_free_error                 ? 
_refine.ls_R_factor_R_free_error_details         ? 
_refine.ls_percent_reflns_R_free                 5.100 
_refine.ls_number_reflns_R_free                  926 
_refine.ls_number_parameters                     ? 
_refine.ls_number_restraints                     ? 
_refine.occupancy_min                            ? 
_refine.occupancy_max                            ? 
_refine.correlation_coeff_Fo_to_Fc               0.979 
_refine.correlation_coeff_Fo_to_Fc_free          0.970 
_refine.B_iso_mean                               21.41 
_refine.aniso_B[1][1]                            -0.52000 
_refine.aniso_B[2][2]                            -0.52000 
_refine.aniso_B[3][3]                            1.04000 
_refine.aniso_B[1][2]                            0.00000 
_refine.aniso_B[1][3]                            0.00000 
_refine.aniso_B[2][3]                            0.00000 
_refine.solvent_model_details                    'BABINET MODEL WITH MASK' 
_refine.solvent_model_param_ksol                 ? 
_refine.solvent_model_param_bsol                 ? 
_refine.pdbx_solvent_vdw_probe_radii             1.40 
_refine.pdbx_solvent_ion_probe_radii             0.80 
_refine.pdbx_solvent_shrinkage_radii             0.80 
_refine.pdbx_ls_cross_valid_method               THROUGHOUT 
_refine.details                                  'HYDROGENS HAVE BEEN ADDED IN THE RIDING POSITIONS' 
_refine.pdbx_starting_model                      'PDB ENTRY 1GMM' 
_refine.pdbx_method_to_determine_struct          'MOLECULAR REPLACEMENT' 
_refine.pdbx_isotropic_thermal_model             ? 
_refine.pdbx_stereochemistry_target_values       'MAXIMUM LIKELIHOOD' 
_refine.pdbx_stereochem_target_val_spec_case     ? 
_refine.pdbx_R_Free_selection_details            RANDOM 
_refine.pdbx_overall_ESU_R                       0.099 
_refine.pdbx_overall_ESU_R_Free                  0.081 
_refine.overall_SU_ML                            0.051 
_refine.pdbx_overall_phase_error                 ? 
_refine.overall_SU_B                             1.638 
_refine.overall_SU_R_Cruickshank_DPI             ? 
_refine.pdbx_overall_SU_R_free_Cruickshank_DPI   ? 
_refine.pdbx_overall_SU_R_Blow_DPI               ? 
_refine.pdbx_overall_SU_R_free_Blow_DPI          ? 
# 
_refine_hist.pdbx_refine_id                   'X-RAY DIFFRACTION' 
_refine_hist.cycle_id                         LAST 
_refine_hist.pdbx_number_atoms_protein        986 
_refine_hist.pdbx_number_atoms_nucleic_acid   0 
_refine_hist.pdbx_number_atoms_ligand         45 
_refine_hist.number_atoms_solvent             166 
_refine_hist.number_atoms_total               1197 
_refine_hist.d_res_high                       1.69 
_refine_hist.d_res_low                        20.00 
# 
loop_
_refine_ls_restr.type 
_refine_ls_restr.dev_ideal 
_refine_ls_restr.dev_ideal_target 
_refine_ls_restr.weight 
_refine_ls_restr.number 
_refine_ls_restr.pdbx_refine_id 
_refine_ls_restr.pdbx_restraint_function 
r_bond_refined_d             0.018 0.021 ? 1056 'X-RAY DIFFRACTION' ? 
r_bond_other_d               0.002 0.020 ? 902  'X-RAY DIFFRACTION' ? 
r_angle_refined_deg          1.679 1.966 ? 1446 'X-RAY DIFFRACTION' ? 
r_angle_other_deg            0.888 3.000 ? 2097 'X-RAY DIFFRACTION' ? 
r_dihedral_angle_1_deg       6.659 5.000 ? 131  'X-RAY DIFFRACTION' ? 
r_dihedral_angle_2_deg       ?     ?     ? ?    'X-RAY DIFFRACTION' ? 
r_dihedral_angle_3_deg       ?     ?     ? ?    'X-RAY DIFFRACTION' ? 
r_dihedral_angle_4_deg       ?     ?     ? ?    'X-RAY DIFFRACTION' ? 
r_chiral_restr               0.110 0.200 ? 185  'X-RAY DIFFRACTION' ? 
r_gen_planes_refined         0.008 0.020 ? 1144 'X-RAY DIFFRACTION' ? 
r_gen_planes_other           0.003 0.020 ? 204  'X-RAY DIFFRACTION' ? 
r_nbd_refined                0.206 0.200 ? 175  'X-RAY DIFFRACTION' ? 
r_nbd_other                  0.264 0.200 ? 1056 'X-RAY DIFFRACTION' ? 
r_nbtor_refined              ?     ?     ? ?    'X-RAY DIFFRACTION' ? 
r_nbtor_other                0.090 0.200 ? 622  'X-RAY DIFFRACTION' ? 
r_xyhbond_nbd_refined        0.186 0.200 ? 97   'X-RAY DIFFRACTION' ? 
r_xyhbond_nbd_other          ?     ?     ? ?    'X-RAY DIFFRACTION' ? 
r_metal_ion_refined          0.120 0.200 ? 4    'X-RAY DIFFRACTION' ? 
r_metal_ion_other            ?     ?     ? ?    'X-RAY DIFFRACTION' ? 
r_symmetry_vdw_refined       0.154 0.200 ? 12   'X-RAY DIFFRACTION' ? 
r_symmetry_vdw_other         0.265 0.200 ? 27   'X-RAY DIFFRACTION' ? 
r_symmetry_hbond_refined     0.285 0.200 ? 19   'X-RAY DIFFRACTION' ? 
r_symmetry_hbond_other       ?     ?     ? ?    'X-RAY DIFFRACTION' ? 
r_symmetry_metal_ion_refined ?     ?     ? ?    'X-RAY DIFFRACTION' ? 
r_symmetry_metal_ion_other   ?     ?     ? ?    'X-RAY DIFFRACTION' ? 
r_mcbond_it                  1.772 1.500 ? 654  'X-RAY DIFFRACTION' ? 
r_mcbond_other               ?     ?     ? ?    'X-RAY DIFFRACTION' ? 
r_mcangle_it                 2.743 2.000 ? 1074 'X-RAY DIFFRACTION' ? 
r_mcangle_other              ?     ?     ? ?    'X-RAY DIFFRACTION' ? 
r_scbond_it                  4.491 3.000 ? 402  'X-RAY DIFFRACTION' ? 
r_scbond_other               ?     ?     ? ?    'X-RAY DIFFRACTION' ? 
r_scangle_it                 6.449 4.500 ? 372  'X-RAY DIFFRACTION' ? 
r_scangle_other              ?     ?     ? ?    'X-RAY DIFFRACTION' ? 
r_long_range_B_refined       ?     ?     ? ?    'X-RAY DIFFRACTION' ? 
r_long_range_B_other         ?     ?     ? ?    'X-RAY DIFFRACTION' ? 
r_rigid_bond_restr           ?     ?     ? ?    'X-RAY DIFFRACTION' ? 
r_sphericity_free            ?     ?     ? ?    'X-RAY DIFFRACTION' ? 
r_sphericity_bonded          ?     ?     ? ?    'X-RAY DIFFRACTION' ? 
# 
_refine_ls_shell.pdbx_refine_id                   'X-RAY DIFFRACTION' 
_refine_ls_shell.pdbx_total_number_of_bins_used   20 
_refine_ls_shell.d_res_high                       1.69 
_refine_ls_shell.d_res_low                        1.73 
_refine_ls_shell.number_reflns_R_work             1241 
_refine_ls_shell.R_factor_R_work                  0.2840 
_refine_ls_shell.percent_reflns_obs               ? 
_refine_ls_shell.R_factor_R_free                  0.3430 
_refine_ls_shell.R_factor_R_free_error            ? 
_refine_ls_shell.percent_reflns_R_free            ? 
_refine_ls_shell.number_reflns_R_free             73 
_refine_ls_shell.number_reflns_all                ? 
_refine_ls_shell.R_factor_all                     ? 
# 
_struct.entry_id                  1UY4 
_struct.title                     
'Binding sub-site dissection of a family 6 carbohydrate-binding module by X-ray crystallography and isothermal titration calorimetry' 
_struct.pdbx_model_details        ? 
_struct.pdbx_CASP_flag            ? 
_struct.pdbx_model_type_details   ? 
# 
_struct_keywords.entry_id        1UY4 
_struct_keywords.pdbx_keywords   'CARBOHYDRATE-BINDING MODULE' 
_struct_keywords.text            
'CARBOHYDRATE-BINDING MODULE, THERMODYNAMICS, PROTEIN STRUCTURE, XYLAN, PROTEIN-CARBOHYDRATE INTERACTIONS' 
# 
loop_
_struct_asym.id 
_struct_asym.pdbx_blank_PDB_chainid_flag 
_struct_asym.pdbx_modified 
_struct_asym.entity_id 
_struct_asym.details 
A N N 1 ? 
B N N 2 ? 
C N N 3 ? 
D N N 4 ? 
E N N 5 ? 
F N N 6 ? 
# 
_struct_biol.id   1 
# 
loop_
_struct_conn.id 
_struct_conn.conn_type_id 
_struct_conn.pdbx_leaving_atom_flag 
_struct_conn.pdbx_PDB_id 
_struct_conn.ptnr1_label_asym_id 
_struct_conn.ptnr1_label_comp_id 
_struct_conn.ptnr1_label_seq_id 
_struct_conn.ptnr1_label_atom_id 
_struct_conn.pdbx_ptnr1_label_alt_id 
_struct_conn.pdbx_ptnr1_PDB_ins_code 
_struct_conn.pdbx_ptnr1_standard_comp_id 
_struct_conn.ptnr1_symmetry 
_struct_conn.ptnr2_label_asym_id 
_struct_conn.ptnr2_label_comp_id 
_struct_conn.ptnr2_label_seq_id 
_struct_conn.ptnr2_label_atom_id 
_struct_conn.pdbx_ptnr2_label_alt_id 
_struct_conn.pdbx_ptnr2_PDB_ins_code 
_struct_conn.ptnr1_auth_asym_id 
_struct_conn.ptnr1_auth_comp_id 
_struct_conn.ptnr1_auth_seq_id 
_struct_conn.ptnr2_auth_asym_id 
_struct_conn.ptnr2_auth_comp_id 
_struct_conn.ptnr2_auth_seq_id 
_struct_conn.ptnr2_symmetry 
_struct_conn.pdbx_ptnr3_label_atom_id 
_struct_conn.pdbx_ptnr3_label_seq_id 
_struct_conn.pdbx_ptnr3_label_comp_id 
_struct_conn.pdbx_ptnr3_label_asym_id 
_struct_conn.pdbx_ptnr3_label_alt_id 
_struct_conn.pdbx_ptnr3_PDB_ins_code 
_struct_conn.details 
_struct_conn.pdbx_dist_value 
_struct_conn.pdbx_value_order 
_struct_conn.pdbx_role 
covale1  covale both ? B XYP .   O4  ? ? ? 1_555 B XYP . C1 ? ? B XYP 1    B XYP 2    1_555 ? ? ? ? ? ? ? 1.417 ? ? 
covale2  covale both ? B XYP .   O4  ? ? ? 1_555 B XYP . C1 ? ? B XYP 2    B XYP 3    1_555 ? ? ? ? ? ? ? 1.434 ? ? 
covale3  covale both ? B XYP .   O4  ? ? ? 1_555 B XYP . C1 ? ? B XYP 3    B XYP 4    1_555 ? ? ? ? ? ? ? 1.429 ? ? 
metalc1  metalc ?    ? A GLU 25  OE1 ? ? ? 1_555 D CA  . CA ? ? A GLU 25   A CA  1147 1_555 ? ? ? ? ? ? ? 2.238 ? ? 
metalc2  metalc ?    ? A GLU 27  OE1 ? ? ? 1_555 D CA  . CA ? ? A GLU 27   A CA  1147 1_555 ? ? ? ? ? ? ? 2.481 ? ? 
metalc3  metalc ?    ? A GLU 27  OE2 ? ? ? 1_555 D CA  . CA ? ? A GLU 27   A CA  1147 1_555 ? ? ? ? ? ? ? 2.641 ? ? 
metalc4  metalc ?    ? A SER 35  OG  ? ? ? 1_555 C NA  . NA ? ? A SER 35   A NA  1146 1_555 ? ? ? ? ? ? ? 2.474 ? ? 
metalc5  metalc ?    ? A ARG 47  O   ? ? ? 1_555 D CA  . CA ? ? A ARG 47   A CA  1147 1_555 ? ? ? ? ? ? ? 2.286 ? ? 
metalc6  metalc ?    ? A THR 98  O   ? ? ? 3_545 C NA  . NA ? ? A THR 98   A NA  1146 1_555 ? ? ? ? ? ? ? 2.435 ? ? 
metalc7  metalc ?    ? A THR 115 OG1 ? ? ? 3_545 C NA  . NA ? ? A THR 115  A NA  1146 1_555 ? ? ? ? ? ? ? 2.527 ? ? 
metalc8  metalc ?    ? A ASP 137 OD1 ? ? ? 1_555 D CA  . CA ? ? A ASP 137  A CA  1147 1_555 ? ? ? ? ? ? ? 2.346 ? ? 
metalc9  metalc ?    ? A ASP 137 O   ? ? ? 1_555 D CA  . CA ? ? A ASP 137  A CA  1147 1_555 ? ? ? ? ? ? ? 2.440 ? ? 
metalc10 metalc ?    ? C NA  .   NA  ? ? ? 1_555 F HOH . O  ? ? A NA  1146 A HOH 2106 3_545 ? ? ? ? ? ? ? 2.221 ? ? 
metalc11 metalc ?    ? C NA  .   NA  ? ? ? 1_555 F HOH . O  ? ? A NA  1146 A HOH 2125 3_545 ? ? ? ? ? ? ? 2.570 ? ? 
metalc12 metalc ?    ? C NA  .   NA  ? ? ? 1_555 F HOH . O  ? ? A NA  1146 A HOH 2126 3_545 ? ? ? ? ? ? ? 2.302 ? ? 
metalc13 metalc ?    ? D CA  .   CA  ? ? ? 1_555 F HOH . O  ? ? A CA  1147 A HOH 2055 1_555 ? ? ? ? ? ? ? 2.391 ? ? 
# 
loop_
_struct_conn_type.id 
_struct_conn_type.criteria 
_struct_conn_type.reference 
covale ? ? 
metalc ? ? 
# 
loop_
_struct_sheet.id 
_struct_sheet.type 
_struct_sheet.number_strands 
_struct_sheet.details 
AA ? 3 ? 
AB ? 5 ? 
AC ? 4 ? 
AD ? 2 ? 
# 
loop_
_struct_sheet_order.sheet_id 
_struct_sheet_order.range_id_1 
_struct_sheet_order.range_id_2 
_struct_sheet_order.offset 
_struct_sheet_order.sense 
AA 1 2 ? parallel      
AA 2 3 ? anti-parallel 
AB 1 2 ? parallel      
AB 2 3 ? anti-parallel 
AB 3 4 ? anti-parallel 
AB 4 5 ? anti-parallel 
AC 1 2 ? anti-parallel 
AC 2 3 ? anti-parallel 
AC 3 4 ? anti-parallel 
AD 1 2 ? anti-parallel 
# 
loop_
_struct_sheet_range.sheet_id 
_struct_sheet_range.id 
_struct_sheet_range.beg_label_comp_id 
_struct_sheet_range.beg_label_asym_id 
_struct_sheet_range.beg_label_seq_id 
_struct_sheet_range.pdbx_beg_PDB_ins_code 
_struct_sheet_range.end_label_comp_id 
_struct_sheet_range.end_label_asym_id 
_struct_sheet_range.end_label_seq_id 
_struct_sheet_range.pdbx_end_PDB_ins_code 
_struct_sheet_range.beg_auth_comp_id 
_struct_sheet_range.beg_auth_asym_id 
_struct_sheet_range.beg_auth_seq_id 
_struct_sheet_range.end_auth_comp_id 
_struct_sheet_range.end_auth_asym_id 
_struct_sheet_range.end_auth_seq_id 
AA 1 ARG A 18  ? ASP A 19  ? ARG A 18  ASP A 19  
AA 2 THR A 57  ? ASP A 64  ? THR A 57  ASP A 64  
AA 3 SER A 31  ? THR A 32  ? SER A 31  THR A 32  
AB 1 ARG A 18  ? ASP A 19  ? ARG A 18  ASP A 19  
AB 2 THR A 57  ? ASP A 64  ? THR A 57  ASP A 64  
AB 3 VAL A 123 ? PHE A 130 ? VAL A 123 PHE A 130 
AB 4 THR A 82  ? SER A 88  ? THR A 82  SER A 88  
AB 5 LEU A 95  ? VAL A 101 ? LEU A 95  VAL A 101 
AC 1 ILE A 24  ? GLU A 25  ? ILE A 24  GLU A 25  
AC 2 ASN A 135 ? ARG A 143 ? ASN A 135 ARG A 143 
AC 3 ALA A 69  ? ALA A 77  ? ALA A 69  ALA A 77  
AC 4 ASN A 111 ? ILE A 120 ? ASN A 111 ILE A 120 
AD 1 GLN A 38  ? GLY A 41  ? GLN A 38  GLY A 41  
AD 2 ARG A 47  ? GLY A 50  ? ARG A 47  GLY A 50  
# 
loop_
_pdbx_struct_sheet_hbond.sheet_id 
_pdbx_struct_sheet_hbond.range_id_1 
_pdbx_struct_sheet_hbond.range_id_2 
_pdbx_struct_sheet_hbond.range_1_label_atom_id 
_pdbx_struct_sheet_hbond.range_1_label_comp_id 
_pdbx_struct_sheet_hbond.range_1_label_asym_id 
_pdbx_struct_sheet_hbond.range_1_label_seq_id 
_pdbx_struct_sheet_hbond.range_1_PDB_ins_code 
_pdbx_struct_sheet_hbond.range_1_auth_atom_id 
_pdbx_struct_sheet_hbond.range_1_auth_comp_id 
_pdbx_struct_sheet_hbond.range_1_auth_asym_id 
_pdbx_struct_sheet_hbond.range_1_auth_seq_id 
_pdbx_struct_sheet_hbond.range_2_label_atom_id 
_pdbx_struct_sheet_hbond.range_2_label_comp_id 
_pdbx_struct_sheet_hbond.range_2_label_asym_id 
_pdbx_struct_sheet_hbond.range_2_label_seq_id 
_pdbx_struct_sheet_hbond.range_2_PDB_ins_code 
_pdbx_struct_sheet_hbond.range_2_auth_atom_id 
_pdbx_struct_sheet_hbond.range_2_auth_comp_id 
_pdbx_struct_sheet_hbond.range_2_auth_asym_id 
_pdbx_struct_sheet_hbond.range_2_auth_seq_id 
AA 1 2 N ARG A 18  ? N ARG A 18  O ASN A 62  ? O ASN A 62  
AA 2 3 N THR A 59  ? N THR A 59  O SER A 31  ? O SER A 31  
AB 1 2 N ARG A 18  ? N ARG A 18  O ASN A 62  ? O ASN A 62  
AB 2 3 N ILE A 63  ? N ILE A 63  O HIS A 124 ? O HIS A 124 
AB 3 4 N VAL A 129 ? N VAL A 129 O GLN A 85  ? O GLN A 85  
AB 4 5 O ILE A 86  ? O ILE A 86  N LEU A 96  ? N LEU A 96  
AC 1 2 N ILE A 24  ? N ILE A 24  O PHE A 139 ? O PHE A 139 
AC 2 3 O SER A 142 ? O SER A 142 N THR A 70  ? N THR A 70  
AC 3 4 N VAL A 76  ? N VAL A 76  O ASN A 111 ? O ASN A 111 
AD 1 2 N ILE A 40  ? N ILE A 40  O GLY A 48  ? O GLY A 48  
# 
_atom_sites.entry_id                    1UY4 
_atom_sites.fract_transf_matrix[1][1]   -0.00004715 
_atom_sites.fract_transf_matrix[1][2]   -0.00517577 
_atom_sites.fract_transf_matrix[1][3]   0.01080969 
_atom_sites.fract_transf_matrix[2][1]   0.01045284 
_atom_sites.fract_transf_matrix[2][2]   -0.00530598 
_atom_sites.fract_transf_matrix[2][3]   -0.00249496 
_atom_sites.fract_transf_matrix[3][1]   0.01089017 
_atom_sites.fract_transf_matrix[3][2]   0.01749299 
_atom_sites.fract_transf_matrix[3][3]   0.00842329 
_atom_sites.fract_transf_vector[1]      0.293352 
_atom_sites.fract_transf_vector[2]      0.108973 
_atom_sites.fract_transf_vector[3]      0.084555 
# 
loop_
_atom_type.symbol 
C  
CA 
N  
NA 
O  
# 
loop_
_atom_site.group_PDB 
_atom_site.id 
_atom_site.type_symbol 
_atom_site.label_atom_id 
_atom_site.label_alt_id 
_atom_site.label_comp_id 
_atom_site.label_asym_id 
_atom_site.label_entity_id 
_atom_site.label_seq_id 
_atom_site.pdbx_PDB_ins_code 
_atom_site.Cartn_x 
_atom_site.Cartn_y 
_atom_site.Cartn_z 
_atom_site.occupancy 
_atom_site.B_iso_or_equiv 
_atom_site.pdbx_formal_charge 
_atom_site.auth_seq_id 
_atom_site.auth_comp_id 
_atom_site.auth_asym_id 
_atom_site.auth_atom_id 
_atom_site.pdbx_PDB_model_num 
ATOM   1    N  N   . SER A 1 14  ? -13.119 6.232   -6.881  1.00 41.06 ? 14   SER A N   1 
ATOM   2    C  CA  . SER A 1 14  ? -12.142 5.111   -6.919  1.00 38.57 ? 14   SER A CA  1 
ATOM   3    C  C   . SER A 1 14  ? -12.929 3.814   -7.001  1.00 38.17 ? 14   SER A C   1 
ATOM   4    O  O   . SER A 1 14  ? -14.099 3.773   -6.579  1.00 38.28 ? 14   SER A O   1 
ATOM   5    C  CB  . SER A 1 14  ? -11.260 5.146   -5.653  1.00 38.17 ? 14   SER A CB  1 
ATOM   6    O  OG  . SER A 1 14  ? -10.285 6.152   -5.750  1.00 34.35 ? 14   SER A OG  1 
ATOM   7    N  N   . PRO A 1 15  ? -12.350 2.742   -7.541  1.00 37.37 ? 15   PRO A N   1 
ATOM   8    C  CA  . PRO A 1 15  ? -13.157 1.520   -7.746  1.00 36.85 ? 15   PRO A CA  1 
ATOM   9    C  C   . PRO A 1 15  ? -13.716 0.966   -6.431  1.00 36.66 ? 15   PRO A C   1 
ATOM   10   O  O   . PRO A 1 15  ? -12.994 0.997   -5.403  1.00 35.88 ? 15   PRO A O   1 
ATOM   11   C  CB  . PRO A 1 15  ? -12.171 0.494   -8.349  1.00 37.58 ? 15   PRO A CB  1 
ATOM   12   C  CG  . PRO A 1 15  ? -10.956 1.315   -8.820  1.00 38.36 ? 15   PRO A CG  1 
ATOM   13   C  CD  . PRO A 1 15  ? -10.973 2.609   -8.026  1.00 37.38 ? 15   PRO A CD  1 
ATOM   14   N  N   . ILE A 1 16  ? -14.946 0.446   -6.477  1.00 35.74 ? 16   ILE A N   1 
ATOM   15   C  CA  . ILE A 1 16  ? -15.578 -0.169  -5.310  1.00 36.34 ? 16   ILE A CA  1 
ATOM   16   C  C   . ILE A 1 16  ? -14.988 -1.548  -4.943  1.00 34.81 ? 16   ILE A C   1 
ATOM   17   O  O   . ILE A 1 16  ? -15.154 -2.020  -3.801  1.00 34.85 ? 16   ILE A O   1 
ATOM   18   C  CB  . ILE A 1 16  ? -17.127 -0.246  -5.516  1.00 37.61 ? 16   ILE A CB  1 
ATOM   19   C  CG1 . ILE A 1 16  ? -17.832 -0.614  -4.208  1.00 42.39 ? 16   ILE A CG1 1 
ATOM   20   C  CG2 . ILE A 1 16  ? -17.505 -1.261  -6.534  1.00 39.89 ? 16   ILE A CG2 1 
ATOM   21   C  CD1 . ILE A 1 16  ? -17.803 0.521   -3.185  1.00 46.02 ? 16   ILE A CD1 1 
ATOM   22   N  N   . ARG A 1 17  ? -14.335 -2.208  -5.907  1.00 33.17 ? 17   ARG A N   1 
ATOM   23   C  CA  . ARG A 1 17  ? -13.704 -3.495  -5.663  1.00 33.03 ? 17   ARG A CA  1 
ATOM   24   C  C   . ARG A 1 17  ? -12.564 -3.714  -6.632  1.00 31.38 ? 17   ARG A C   1 
ATOM   25   O  O   . ARG A 1 17  ? -12.527 -3.065  -7.695  1.00 30.86 ? 17   ARG A O   1 
ATOM   26   C  CB  . ARG A 1 17  ? -14.681 -4.661  -5.808  1.00 34.94 ? 17   ARG A CB  1 
ATOM   27   C  CG  . ARG A 1 17  ? -15.376 -4.797  -7.121  1.00 37.95 ? 17   ARG A CG  1 
ATOM   28   C  CD  . ARG A 1 17  ? -16.578 -5.819  -7.022  1.00 46.87 ? 17   ARG A CD  1 
ATOM   29   N  NE  . ARG A 1 17  ? -17.490 -5.513  -5.884  1.00 54.06 ? 17   ARG A NE  1 
ATOM   30   C  CZ  . ARG A 1 17  ? -17.516 -6.151  -4.662  1.00 59.57 ? 17   ARG A CZ  1 
ATOM   31   N  NH1 . ARG A 1 17  ? -18.386 -5.729  -3.744  1.00 58.61 ? 17   ARG A NH1 1 
ATOM   32   N  NH2 . ARG A 1 17  ? -16.689 -7.191  -4.338  1.00 60.61 ? 17   ARG A NH2 1 
ATOM   33   N  N   . ARG A 1 18  ? -11.694 -4.666  -6.282  1.00 27.32 ? 18   ARG A N   1 
ATOM   34   C  CA  . ARG A 1 18  ? -10.471 -4.928  -7.036  1.00 25.71 ? 18   ARG A CA  1 
ATOM   35   C  C   . ARG A 1 18  ? -9.925  -6.327  -6.752  1.00 23.78 ? 18   ARG A C   1 
ATOM   36   O  O   . ARG A 1 18  ? -10.255 -6.953  -5.763  1.00 22.62 ? 18   ARG A O   1 
ATOM   37   C  CB  . ARG A 1 18  ? -9.409  -3.866  -6.719  1.00 26.45 ? 18   ARG A CB  1 
ATOM   38   C  CG  . ARG A 1 18  ? -9.490  -2.609  -7.684  1.00 27.85 ? 18   ARG A CG  1 
ATOM   39   C  CD  . ARG A 1 18  ? -8.501  -1.500  -7.374  1.00 27.60 ? 18   ARG A CD  1 
ATOM   40   N  NE  . ARG A 1 18  ? -9.035  -0.820  -6.164  1.00 29.89 ? 18   ARG A NE  1 
ATOM   41   C  CZ  . ARG A 1 18  ? -8.675  0.370   -5.729  1.00 27.65 ? 18   ARG A CZ  1 
ATOM   42   N  NH1 . ARG A 1 18  ? -9.298  0.859   -4.665  1.00 28.28 ? 18   ARG A NH1 1 
ATOM   43   N  NH2 . ARG A 1 18  ? -7.677  1.058   -6.310  1.00 28.98 ? 18   ARG A NH2 1 
ATOM   44   N  N   . ASP A 1 19  ? -9.074  -6.811  -7.657  1.00 21.96 ? 19   ASP A N   1 
ATOM   45   C  CA  . ASP A 1 19  ? -8.484  -8.126  -7.606  1.00 22.00 ? 19   ASP A CA  1 
ATOM   46   C  C   . ASP A 1 19  ? -7.136  -7.936  -6.906  1.00 20.27 ? 19   ASP A C   1 
ATOM   47   O  O   . ASP A 1 19  ? -6.386  -7.004  -7.248  1.00 20.79 ? 19   ASP A O   1 
ATOM   48   C  CB  . ASP A 1 19  ? -8.300  -8.563  -9.076  1.00 22.18 ? 19   ASP A CB  1 
ATOM   49   C  CG  . ASP A 1 19  ? -7.570  -9.904  -9.286  1.00 26.55 ? 19   ASP A CG  1 
ATOM   50   O  OD1 . ASP A 1 19  ? -7.170  -10.672 -8.436  1.00 25.11 ? 19   ASP A OD1 1 
ATOM   51   O  OD2 . ASP A 1 19  ? -7.322  -10.272 -10.469 1.00 39.05 ? 19   ASP A OD2 1 
ATOM   52   N  N   . ALA A 1 20  ? -6.796  -8.826  -5.968  1.00 18.76 ? 20   ALA A N   1 
ATOM   53   C  CA  . ALA A 1 20  ? -5.509  -8.713  -5.258  1.00 18.50 ? 20   ALA A CA  1 
ATOM   54   C  C   . ALA A 1 20  ? -4.321  -8.998  -6.160  1.00 19.02 ? 20   ALA A C   1 
ATOM   55   O  O   . ALA A 1 20  ? -3.198  -8.576  -5.851  1.00 18.20 ? 20   ALA A O   1 
ATOM   56   C  CB  . ALA A 1 20  ? -5.457  -9.648  -4.096  1.00 19.62 ? 20   ALA A CB  1 
ATOM   57   N  N   . PHE A 1 21  ? -4.580  -9.723  -7.237  1.00 19.04 ? 21   PHE A N   1 
ATOM   58   C  CA  . PHE A 1 21  ? -3.519  -10.255 -8.114  1.00 20.50 ? 21   PHE A CA  1 
ATOM   59   C  C   . PHE A 1 21  ? -3.473  -9.562  -9.445  1.00 21.24 ? 21   PHE A C   1 
ATOM   60   O  O   . PHE A 1 21  ? -3.208  -10.182 -10.491 1.00 22.54 ? 21   PHE A O   1 
ATOM   61   C  CB  . PHE A 1 21  ? -3.661  -11.746 -8.269  1.00 21.34 ? 21   PHE A CB  1 
ATOM   62   C  CG  . PHE A 1 21  ? -3.883  -12.455 -6.967  1.00 21.45 ? 21   PHE A CG  1 
ATOM   63   C  CD1 . PHE A 1 21  ? -2.879  -12.522 -6.030  1.00 22.55 ? 21   PHE A CD1 1 
ATOM   64   C  CD2 . PHE A 1 21  ? -5.134  -12.984 -6.649  1.00 22.87 ? 21   PHE A CD2 1 
ATOM   65   C  CE1 . PHE A 1 21  ? -3.100  -13.112 -4.814  1.00 25.91 ? 21   PHE A CE1 1 
ATOM   66   C  CE2 . PHE A 1 21  ? -5.353  -13.602 -5.429  1.00 24.48 ? 21   PHE A CE2 1 
ATOM   67   C  CZ  . PHE A 1 21  ? -4.326  -13.668 -4.518  1.00 22.47 ? 21   PHE A CZ  1 
ATOM   68   N  N   . SER A 1 22  ? -3.754  -8.268  -9.394  1.00 20.82 ? 22   SER A N   1 
ATOM   69   C  CA  . SER A 1 22  ? -3.526  -7.326  -10.480 1.00 20.50 ? 22   SER A CA  1 
ATOM   70   C  C   . SER A 1 22  ? -3.112  -5.997  -9.809  1.00 19.60 ? 22   SER A C   1 
ATOM   71   O  O   . SER A 1 22  ? -3.484  -5.746  -8.679  1.00 18.07 ? 22   SER A O   1 
ATOM   72   C  CB  . SER A 1 22  ? -4.784  -7.232  -11.375 1.00 22.21 ? 22   SER A CB  1 
ATOM   73   O  OG  . SER A 1 22  ? -4.657  -6.318  -12.486 1.00 25.41 ? 22   SER A OG  1 
ATOM   74   N  N   . ILE A 1 23  ? -2.345  -5.164  -10.508 1.00 18.92 ? 23   ILE A N   1 
ATOM   75   C  CA  . ILE A 1 23  ? -1.836  -3.926  -9.971  1.00 18.81 ? 23   ILE A CA  1 
ATOM   76   C  C   . ILE A 1 23  ? -2.980  -3.110  -9.415  1.00 19.48 ? 23   ILE A C   1 
ATOM   77   O  O   . ILE A 1 23  ? -4.021  -2.916  -10.067 1.00 19.88 ? 23   ILE A O   1 
ATOM   78   C  CB  . ILE A 1 23  ? -1.073  -3.133  -11.036 1.00 19.02 ? 23   ILE A CB  1 
ATOM   79   C  CG1 . ILE A 1 23  ? 0.252   -3.873  -11.370 1.00 19.21 ? 23   ILE A CG1 1 
ATOM   80   C  CG2 . ILE A 1 23  ? -0.833  -1.663  -10.606 1.00 19.21 ? 23   ILE A CG2 1 
ATOM   81   C  CD1 . ILE A 1 23  ? 1.315   -3.783  -10.374 1.00 19.35 ? 23   ILE A CD1 1 
ATOM   82   N  N   . ILE A 1 24  ? -2.766  -2.635  -8.207  1.00 18.84 ? 24   ILE A N   1 
ATOM   83   C  CA  . ILE A 1 24  ? -3.669  -1.676  -7.552  1.00 18.70 ? 24   ILE A CA  1 
ATOM   84   C  C   . ILE A 1 24  ? -2.933  -0.342  -7.468  1.00 17.77 ? 24   ILE A C   1 
ATOM   85   O  O   . ILE A 1 24  ? -1.795  -0.249  -6.975  1.00 19.08 ? 24   ILE A O   1 
ATOM   86   C  CB  . ILE A 1 24  ? -4.083  -2.199  -6.128  1.00 17.72 ? 24   ILE A CB  1 
ATOM   87   C  CG1 . ILE A 1 24  ? -4.829  -3.552  -6.244  1.00 19.15 ? 24   ILE A CG1 1 
ATOM   88   C  CG2 . ILE A 1 24  ? -4.902  -1.127  -5.370  1.00 18.95 ? 24   ILE A CG2 1 
ATOM   89   C  CD1 . ILE A 1 24  ? -4.875  -4.328  -4.906  1.00 21.21 ? 24   ILE A CD1 1 
ATOM   90   N  N   . GLU A 1 25  ? -3.558  0.720   -7.994  1.00 18.97 ? 25   GLU A N   1 
ATOM   91   C  CA  . GLU A 1 25  ? -2.943  2.036   -8.032  1.00 19.51 ? 25   GLU A CA  1 
ATOM   92   C  C   . GLU A 1 25  ? -3.164  2.721   -6.683  1.00 19.86 ? 25   GLU A C   1 
ATOM   93   O  O   . GLU A 1 25  ? -4.296  2.855   -6.225  1.00 20.41 ? 25   GLU A O   1 
ATOM   94   C  CB  . GLU A 1 25  ? -3.481  2.889   -9.179  1.00 19.79 ? 25   GLU A CB  1 
ATOM   95   C  CG  . GLU A 1 25  ? -3.187  2.291   -10.530 1.00 20.84 ? 25   GLU A CG  1 
ATOM   96   C  CD  . GLU A 1 25  ? -1.720  2.324   -10.889 1.00 21.69 ? 25   GLU A CD  1 
ATOM   97   O  OE1 . GLU A 1 25  ? -0.904  2.918   -10.139 1.00 20.51 ? 25   GLU A OE1 1 
ATOM   98   O  OE2 . GLU A 1 25  ? -1.399  1.792   -11.948 1.00 25.50 ? 25   GLU A OE2 1 
ATOM   99   N  N   . ALA A 1 26  ? -2.067  3.123   -6.045  1.00 19.03 ? 26   ALA A N   1 
ATOM   100  C  CA  . ALA A 1 26  ? -2.154  3.703   -4.708  1.00 20.15 ? 26   ALA A CA  1 
ATOM   101  C  C   . ALA A 1 26  ? -3.019  4.985   -4.674  1.00 19.90 ? 26   ALA A C   1 
ATOM   102  O  O   . ALA A 1 26  ? -3.670  5.270   -3.668  1.00 20.22 ? 26   ALA A O   1 
ATOM   103  C  CB  . ALA A 1 26  ? -0.772  3.938   -4.127  1.00 19.27 ? 26   ALA A CB  1 
ATOM   104  N  N   . GLU A 1 27  ? -3.002  5.756   -5.755  1.00 20.74 ? 27   GLU A N   1 
ATOM   105  C  CA  . GLU A 1 27  ? -3.748  7.003   -5.869  1.00 21.78 ? 27   GLU A CA  1 
ATOM   106  C  C   . GLU A 1 27  ? -5.252  6.771   -6.002  1.00 22.38 ? 27   GLU A C   1 
ATOM   107  O  O   . GLU A 1 27  ? -6.035  7.702   -5.846  1.00 22.97 ? 27   GLU A O   1 
ATOM   108  C  CB  . GLU A 1 27  ? -3.219  7.844   -7.060  1.00 21.89 ? 27   GLU A CB  1 
ATOM   109  C  CG  . GLU A 1 27  ? -3.390  7.197   -8.446  1.00 21.93 ? 27   GLU A CG  1 
ATOM   110  C  CD  . GLU A 1 27  ? -2.223  6.293   -8.851  1.00 24.15 ? 27   GLU A CD  1 
ATOM   111  O  OE1 . GLU A 1 27  ? -1.481  5.773   -7.958  1.00 21.58 ? 27   GLU A OE1 1 
ATOM   112  O  OE2 . GLU A 1 27  ? -2.014  6.103   -10.073 1.00 25.83 ? 27   GLU A OE2 1 
ATOM   113  N  N   . GLU A 1 28  ? -5.666  5.546   -6.291  1.00 21.53 ? 28   GLU A N   1 
ATOM   114  C  CA  . GLU A 1 28  ? -7.071  5.189   -6.379  1.00 22.65 ? 28   GLU A CA  1 
ATOM   115  C  C   . GLU A 1 28  ? -7.590  4.578   -5.060  1.00 21.41 ? 28   GLU A C   1 
ATOM   116  O  O   . GLU A 1 28  ? -8.188  3.528   -5.034  1.00 21.34 ? 28   GLU A O   1 
ATOM   117  C  CB  . GLU A 1 28  ? -7.333  4.255   -7.573  1.00 23.28 ? 28   GLU A CB  1 
ATOM   118  C  CG  . GLU A 1 28  ? -6.984  4.944   -8.908  1.00 26.27 ? 28   GLU A CG  1 
ATOM   119  C  CD  . GLU A 1 28  ? -7.142  4.061   -10.115 1.00 30.03 ? 28   GLU A CD  1 
ATOM   120  O  OE1 . GLU A 1 28  ? -6.838  4.541   -11.215 1.00 37.74 ? 28   GLU A OE1 1 
ATOM   121  O  OE2 . GLU A 1 28  ? -7.555  2.906   -10.001 1.00 30.49 ? 28   GLU A OE2 1 
ATOM   122  N  N   . TYR A 1 29  ? -7.346  5.288   -3.976  1.00 21.68 ? 29   TYR A N   1 
ATOM   123  C  CA  . TYR A 1 29  ? -7.773  4.839   -2.637  1.00 20.99 ? 29   TYR A CA  1 
ATOM   124  C  C   . TYR A 1 29  ? -9.199  5.273   -2.411  1.00 20.97 ? 29   TYR A C   1 
ATOM   125  O  O   . TYR A 1 29  ? -9.708  6.133   -3.111  1.00 21.36 ? 29   TYR A O   1 
ATOM   126  C  CB  . TYR A 1 29  ? -6.885  5.431   -1.545  1.00 20.54 ? 29   TYR A CB  1 
ATOM   127  C  CG  . TYR A 1 29  ? -6.884  6.930   -1.495  1.00 19.54 ? 29   TYR A CG  1 
ATOM   128  C  CD1 . TYR A 1 29  ? -7.800  7.622   -0.692  1.00 21.83 ? 29   TYR A CD1 1 
ATOM   129  C  CD2 . TYR A 1 29  ? -5.952  7.690   -2.233  1.00 24.18 ? 29   TYR A CD2 1 
ATOM   130  C  CE1 . TYR A 1 29  ? -7.819  9.014   -0.668  1.00 25.71 ? 29   TYR A CE1 1 
ATOM   131  C  CE2 . TYR A 1 29  ? -5.987  9.079   -2.218  1.00 24.28 ? 29   TYR A CE2 1 
ATOM   132  C  CZ  . TYR A 1 29  ? -6.916  9.725   -1.426  1.00 26.05 ? 29   TYR A CZ  1 
ATOM   133  O  OH  . TYR A 1 29  ? -6.930  11.088  -1.367  1.00 28.44 ? 29   TYR A OH  1 
ATOM   134  N  N   . ASN A 1 30  ? -9.834  4.646   -1.425  1.00 20.26 ? 30   ASN A N   1 
ATOM   135  C  CA  . ASN A 1 30  ? -11.263 4.836   -1.149  1.00 20.65 ? 30   ASN A CA  1 
ATOM   136  C  C   . ASN A 1 30  ? -11.525 5.791   0.032   1.00 21.11 ? 30   ASN A C   1 
ATOM   137  O  O   . ASN A 1 30  ? -12.495 6.556   -0.005  1.00 20.67 ? 30   ASN A O   1 
ATOM   138  C  CB  . ASN A 1 30  ? -11.970 3.491   -1.011  1.00 21.60 ? 30   ASN A CB  1 
ATOM   139  C  CG  . ASN A 1 30  ? -11.890 2.694   -2.285  1.00 21.07 ? 30   ASN A CG  1 
ATOM   140  O  OD1 . ASN A 1 30  ? -11.028 1.834   -2.446  1.00 20.70 ? 30   ASN A OD1 1 
ATOM   141  N  ND2 . ASN A 1 30  ? -12.791 3.005   -3.221  1.00 22.47 ? 30   ASN A ND2 1 
ATOM   142  N  N   . SER A 1 31  ? -10.620 5.822   1.010   1.00 19.84 ? 31   SER A N   1 
ATOM   143  C  CA  . SER A 1 31  ? -10.750 6.760   2.128   1.00 20.03 ? 31   SER A CA  1 
ATOM   144  C  C   . SER A 1 31  ? -9.392  6.909   2.796   1.00 19.56 ? 31   SER A C   1 
ATOM   145  O  O   . SER A 1 31  ? -8.497  6.049   2.628   1.00 20.00 ? 31   SER A O   1 
ATOM   146  C  CB  . SER A 1 31  ? -11.847 6.321   3.100   1.00 18.97 ? 31   SER A CB  1 
ATOM   147  O  OG  . SER A 1 31  ? -11.541 5.069   3.714   1.00 19.73 ? 31   SER A OG  1 
ATOM   148  N  N   . THR A 1 32  ? -9.202  8.016   3.501   1.00 19.36 ? 32   THR A N   1 
ATOM   149  C  CA  . THR A 1 32  ? -8.004  8.234   4.282   1.00 18.88 ? 32   THR A CA  1 
ATOM   150  C  C   . THR A 1 32  ? -8.291  9.125   5.481   1.00 18.78 ? 32   THR A C   1 
ATOM   151  O  O   . THR A 1 32  ? -9.189  9.923   5.419   1.00 19.37 ? 32   THR A O   1 
ATOM   152  C  CB  . THR A 1 32  ? -6.903  8.842   3.410   1.00 19.72 ? 32   THR A CB  1 
ATOM   153  O  OG1 . THR A 1 32  ? -5.698  9.028   4.143   1.00 18.18 ? 32   THR A OG1 1 
ATOM   154  C  CG2 . THR A 1 32  ? -7.288  10.215  2.848   1.00 19.27 ? 32   THR A CG2 1 
ATOM   155  N  N   . ASN A 1 33  ? -7.507  8.980   6.548   1.00 17.90 ? 33   ASN A N   1 
ATOM   156  C  CA  . ASN A 1 33  ? -7.577  9.912   7.687   1.00 18.24 ? 33   ASN A CA  1 
ATOM   157  C  C   . ASN A 1 33  ? -6.741  11.156  7.462   1.00 20.55 ? 33   ASN A C   1 
ATOM   158  O  O   . ASN A 1 33  ? -6.785  12.052  8.248   1.00 21.23 ? 33   ASN A O   1 
ATOM   159  C  CB  . ASN A 1 33  ? -7.210  9.247   9.023   1.00 18.40 ? 33   ASN A CB  1 
ATOM   160  C  CG  . ASN A 1 33  ? -5.749  8.871   9.112   1.00 17.26 ? 33   ASN A CG  1 
ATOM   161  O  OD1 . ASN A 1 33  ? -4.992  8.981   8.120   1.00 17.52 ? 33   ASN A OD1 1 
ATOM   162  N  ND2 . ASN A 1 33  ? -5.316  8.481   10.299  1.00 16.72 ? 33   ASN A ND2 1 
ATOM   163  N  N   . SER A 1 34  ? -5.956  11.176  6.366   1.00 20.42 ? 34   SER A N   1 
ATOM   164  C  CA  . SER A 1 34  ? -4.921  12.138  6.197   1.00 22.13 ? 34   SER A CA  1 
ATOM   165  C  C   . SER A 1 34  ? -5.470  13.529  5.849   1.00 23.68 ? 34   SER A C   1 
ATOM   166  O  O   . SER A 1 34  ? -6.486  13.681  5.092   1.00 26.97 ? 34   SER A O   1 
ATOM   167  C  CB  . SER A 1 34  ? -3.987  11.741  5.016   1.00 22.14 ? 34   SER A CB  1 
ATOM   168  O  OG  . SER A 1 34  ? -2.855  12.587  5.059   1.00 23.73 ? 34   SER A OG  1 
ATOM   169  N  N   . SER A 1 35  ? -4.814  14.506  6.413   1.00 24.22 ? 35   SER A N   1 
ATOM   170  C  CA  . SER A 1 35  ? -5.108  15.882  6.066   1.00 25.83 ? 35   SER A CA  1 
ATOM   171  C  C   . SER A 1 35  ? -4.041  16.471  5.143   1.00 25.49 ? 35   SER A C   1 
ATOM   172  O  O   . SER A 1 35  ? -4.135  17.650  4.786   1.00 25.87 ? 35   SER A O   1 
ATOM   173  C  CB  . SER A 1 35  ? -5.262  16.739  7.323   1.00 27.15 ? 35   SER A CB  1 
ATOM   174  O  OG  . SER A 1 35  ? -6.397  16.291  8.050   1.00 27.72 ? 35   SER A OG  1 
ATOM   175  N  N   . THR A 1 36  ? -3.023  15.689  4.799   1.00 24.84 ? 36   THR A N   1 
ATOM   176  C  CA  . THR A 1 36  ? -1.866  16.178  4.019   1.00 25.10 ? 36   THR A CA  1 
ATOM   177  C  C   . THR A 1 36  ? -1.676  15.434  2.743   1.00 25.49 ? 36   THR A C   1 
ATOM   178  O  O   . THR A 1 36  ? -1.095  15.983  1.814   1.00 24.97 ? 36   THR A O   1 
ATOM   179  C  CB  . THR A 1 36  ? -0.541  16.066  4.797   1.00 25.63 ? 36   THR A CB  1 
ATOM   180  O  OG1 . THR A 1 36  ? -0.308  14.710  5.299   1.00 26.59 ? 36   THR A OG1 1 
ATOM   181  C  CG2 . THR A 1 36  ? -0.540  17.012  6.000   1.00 28.19 ? 36   THR A CG2 1 
ATOM   182  N  N   . LEU A 1 37  ? -2.102  14.171  2.699   1.00 24.66 ? 37   LEU A N   1 
ATOM   183  C  CA  . LEU A 1 37  ? -1.887  13.326  1.522   1.00 24.61 ? 37   LEU A CA  1 
ATOM   184  C  C   . LEU A 1 37  ? -2.339  14.010  0.227   1.00 24.80 ? 37   LEU A C   1 
ATOM   185  O  O   . LEU A 1 37  ? -3.440  14.595  0.146   1.00 24.07 ? 37   LEU A O   1 
ATOM   186  C  CB  . LEU A 1 37  ? -2.590  11.990  1.709   1.00 23.09 ? 37   LEU A CB  1 
ATOM   187  C  CG  . LEU A 1 37  ? -2.486  10.951  0.574   1.00 24.84 ? 37   LEU A CG  1 
ATOM   188  C  CD1 . LEU A 1 37  ? -2.723  9.564   1.212   1.00 24.97 ? 37   LEU A CD1 1 
ATOM   189  C  CD2 . LEU A 1 37  ? -3.450  11.207  -0.585  1.00 23.51 ? 37   LEU A CD2 1 
ATOM   190  N  N   . GLN A 1 38  ? -1.469  13.926  -0.795  1.00 25.41 ? 38   GLN A N   1 
ATOM   191  C  CA  . GLN A 1 38  ? -1.798  14.391  -2.144  1.00 25.79 ? 38   GLN A CA  1 
ATOM   192  C  C   . GLN A 1 38  ? -1.566  13.295  -3.148  1.00 25.28 ? 38   GLN A C   1 
ATOM   193  O  O   . GLN A 1 38  ? -0.742  12.377  -2.930  1.00 24.06 ? 38   GLN A O   1 
ATOM   194  C  CB  . GLN A 1 38  ? -0.862  15.542  -2.518  1.00 26.71 ? 38   GLN A CB  1 
ATOM   195  C  CG  . GLN A 1 38  ? -0.940  16.779  -1.569  1.00 31.84 ? 38   GLN A CG  1 
ATOM   196  C  CD  . GLN A 1 38  ? -0.091  17.961  -2.088  1.00 37.42 ? 38   GLN A CD  1 
ATOM   197  O  OE1 . GLN A 1 38  ? 0.034   18.156  -3.313  1.00 39.24 ? 38   GLN A OE1 1 
ATOM   198  N  NE2 . GLN A 1 38  ? 0.530   18.710  -1.169  1.00 40.92 ? 38   GLN A NE2 1 
ATOM   199  N  N   . VAL A 1 39  ? -2.308  13.369  -4.237  1.00 25.41 ? 39   VAL A N   1 
ATOM   200  C  CA  . VAL A 1 39  ? -2.004  12.600  -5.440  1.00 25.49 ? 39   VAL A CA  1 
ATOM   201  C  C   . VAL A 1 39  ? -0.859  13.323  -6.104  1.00 25.63 ? 39   VAL A C   1 
ATOM   202  O  O   . VAL A 1 39  ? -0.938  14.550  -6.329  1.00 26.41 ? 39   VAL A O   1 
ATOM   203  C  CB  . VAL A 1 39  ? -3.213  12.417  -6.352  1.00 25.51 ? 39   VAL A CB  1 
ATOM   204  C  CG1 . VAL A 1 39  ? -2.815  11.755  -7.721  1.00 26.44 ? 39   VAL A CG1 1 
ATOM   205  C  CG2 . VAL A 1 39  ? -4.234  11.546  -5.663  1.00 27.07 ? 39   VAL A CG2 1 
ATOM   206  N  N   . ILE A 1 40  ? 0.228   12.594  -6.352  1.00 24.67 ? 40   ILE A N   1 
ATOM   207  C  CA  . ILE A 1 40  ? 1.446   13.136  -6.932  1.00 23.81 ? 40   ILE A CA  1 
ATOM   208  C  C   . ILE A 1 40  ? 1.700   12.491  -8.302  1.00 24.22 ? 40   ILE A C   1 
ATOM   209  O  O   . ILE A 1 40  ? 1.113   11.465  -8.650  1.00 23.90 ? 40   ILE A O   1 
ATOM   210  C  CB  . ILE A 1 40  ? 2.649   12.883  -6.014  1.00 24.01 ? 40   ILE A CB  1 
ATOM   211  C  CG1 . ILE A 1 40  ? 2.820   11.372  -5.694  1.00 24.05 ? 40   ILE A CG1 1 
ATOM   212  C  CG2 . ILE A 1 40  ? 2.529   13.721  -4.696  1.00 25.14 ? 40   ILE A CG2 1 
ATOM   213  C  CD1 . ILE A 1 40  ? 4.171   11.026  -5.234  1.00 26.42 ? 40   ILE A CD1 1 
ATOM   214  N  N   . GLY A 1 41  ? 2.548   13.138  -9.093  1.00 25.20 ? 41   GLY A N   1 
ATOM   215  C  CA  . GLY A 1 41  ? 3.062   12.553  -10.320 1.00 24.79 ? 41   GLY A CA  1 
ATOM   216  C  C   . GLY A 1 41  ? 4.364   11.790  -10.065 1.00 24.25 ? 41   GLY A C   1 
ATOM   217  O  O   . GLY A 1 41  ? 5.051   11.971  -9.071  1.00 24.15 ? 41   GLY A O   1 
ATOM   218  N  N   . THR A 1 42  ? 4.690   10.902  -10.998 1.00 25.69 ? 42   THR A N   1 
ATOM   219  C  CA  . THR A 1 42  ? 5.941   10.139  -10.956 1.00 25.03 ? 42   THR A CA  1 
ATOM   220  C  C   . THR A 1 42  ? 6.748   10.478  -12.218 1.00 24.21 ? 42   THR A C   1 
ATOM   221  O  O   . THR A 1 42  ? 6.212   11.054  -13.151 1.00 23.88 ? 42   THR A O   1 
ATOM   222  C  CB  . THR A 1 42  ? 5.676   8.597   -10.936 1.00 25.83 ? 42   THR A CB  1 
ATOM   223  O  OG1 . THR A 1 42  ? 5.016   8.208   -12.151 1.00 24.79 ? 42   THR A OG1 1 
ATOM   224  C  CG2 . THR A 1 42  ? 4.762   8.205   -9.777  1.00 24.60 ? 42   THR A CG2 1 
ATOM   225  N  N   . PRO A 1 43  ? 8.043   10.153  -12.233 1.00 23.89 ? 43   PRO A N   1 
ATOM   226  C  CA  . PRO A 1 43  ? 8.875   10.505  -13.391 1.00 24.63 ? 43   PRO A CA  1 
ATOM   227  C  C   . PRO A 1 43  ? 8.407   10.049  -14.780 1.00 24.33 ? 43   PRO A C   1 
ATOM   228  O  O   . PRO A 1 43  ? 8.683   10.750  -15.793 1.00 26.83 ? 43   PRO A O   1 
ATOM   229  C  CB  . PRO A 1 43  ? 10.254  9.947   -13.015 1.00 24.57 ? 43   PRO A CB  1 
ATOM   230  C  CG  . PRO A 1 43  ? 10.278  10.008  -11.513 1.00 24.32 ? 43   PRO A CG  1 
ATOM   231  C  CD  . PRO A 1 43  ? 8.862   9.621   -11.123 1.00 23.54 ? 43   PRO A CD  1 
ATOM   232  N  N   . ASN A 1 44  ? 7.717   8.932   -14.878 1.00 22.50 ? 44   ASN A N   1 
ATOM   233  C  CA  . ASN A 1 44  ? 7.253   8.436   -16.196 1.00 22.39 ? 44   ASN A CA  1 
ATOM   234  C  C   . ASN A 1 44  ? 5.777   8.756   -16.408 1.00 23.39 ? 44   ASN A C   1 
ATOM   235  O  O   . ASN A 1 44  ? 5.060   8.072   -17.112 1.00 23.97 ? 44   ASN A O   1 
ATOM   236  C  CB  . ASN A 1 44  ? 7.559   6.937   -16.288 1.00 22.07 ? 44   ASN A CB  1 
ATOM   237  C  CG  . ASN A 1 44  ? 9.016   6.638   -16.402 1.00 20.34 ? 44   ASN A CG  1 
ATOM   238  O  OD1 . ASN A 1 44  ? 9.824   7.527   -16.752 1.00 21.59 ? 44   ASN A OD1 1 
ATOM   239  N  ND2 . ASN A 1 44  ? 9.398   5.387   -16.108 1.00 19.31 ? 44   ASN A ND2 1 
ATOM   240  N  N   . ASN A 1 45  ? 5.333   9.816   -15.758 1.00 24.87 ? 45   ASN A N   1 
ATOM   241  C  CA  . ASN A 1 45  ? 3.989   10.366  -15.918 1.00 27.05 ? 45   ASN A CA  1 
ATOM   242  C  C   . ASN A 1 45  ? 2.899   9.448   -15.481 1.00 26.76 ? 45   ASN A C   1 
ATOM   243  O  O   . ASN A 1 45  ? 1.796   9.445   -16.008 1.00 26.09 ? 45   ASN A O   1 
ATOM   244  C  CB  . ASN A 1 45  ? 3.842   10.924  -17.346 1.00 30.39 ? 45   ASN A CB  1 
ATOM   245  C  CG  . ASN A 1 45  ? 4.809   12.078  -17.562 1.00 36.94 ? 45   ASN A CG  1 
ATOM   246  O  OD1 . ASN A 1 45  ? 5.047   12.894  -16.633 1.00 48.63 ? 45   ASN A OD1 1 
ATOM   247  N  ND2 . ASN A 1 45  ? 5.433   12.122  -18.730 1.00 46.17 ? 45   ASN A ND2 1 
ATOM   248  N  N   . GLY A 1 46  ? 3.243   8.650   -14.467 1.00 26.16 ? 46   GLY A N   1 
ATOM   249  C  CA  . GLY A 1 46  ? 2.271   7.920   -13.669 1.00 25.88 ? 46   GLY A CA  1 
ATOM   250  C  C   . GLY A 1 46  ? 1.831   8.824   -12.511 1.00 25.05 ? 46   GLY A C   1 
ATOM   251  O  O   . GLY A 1 46  ? 2.142   10.014  -12.456 1.00 24.94 ? 46   GLY A O   1 
ATOM   252  N  N   . ARG A 1 47  ? 1.056   8.244   -11.606 1.00 24.28 ? 47   ARG A N   1 
ATOM   253  C  CA  . ARG A 1 47  ? 0.659   8.908   -10.354 1.00 23.85 ? 47   ARG A CA  1 
ATOM   254  C  C   . ARG A 1 47  ? 0.892   8.011   -9.138  1.00 21.94 ? 47   ARG A C   1 
ATOM   255  O  O   . ARG A 1 47  ? 1.147   6.824   -9.267  1.00 20.70 ? 47   ARG A O   1 
ATOM   256  C  CB  . ARG A 1 47  ? -0.797  9.352   -10.449 1.00 24.43 ? 47   ARG A CB  1 
ATOM   257  C  CG  . ARG A 1 47  ? -1.084  10.333  -11.655 1.00 29.18 ? 47   ARG A CG  1 
ATOM   258  C  CD  . ARG A 1 47  ? -2.460  10.989  -11.694 1.00 40.74 ? 47   ARG A CD  1 
ATOM   259  N  NE  . ARG A 1 47  ? -2.276  12.415  -11.358 1.00 53.12 ? 47   ARG A NE  1 
ATOM   260  C  CZ  . ARG A 1 47  ? -3.204  13.278  -10.847 1.00 58.03 ? 47   ARG A CZ  1 
ATOM   261  N  NH1 . ARG A 1 47  ? -4.465  12.901  -10.634 1.00 59.46 ? 47   ARG A NH1 1 
ATOM   262  N  NH2 . ARG A 1 47  ? -2.837  14.548  -10.555 1.00 59.05 ? 47   ARG A NH2 1 
ATOM   263  N  N   . GLY A 1 48  ? 0.816   8.620   -7.968  1.00 22.07 ? 48   GLY A N   1 
ATOM   264  C  CA  . GLY A 1 48  ? 1.030   7.979   -6.699  1.00 21.01 ? 48   GLY A CA  1 
ATOM   265  C  C   . GLY A 1 48  ? 0.422   8.809   -5.599  1.00 21.43 ? 48   GLY A C   1 
ATOM   266  O  O   . GLY A 1 48  ? -0.332  9.763   -5.858  1.00 20.93 ? 48   GLY A O   1 
ATOM   267  N  N   . ILE A 1 49  ? 0.689   8.403   -4.362  1.00 21.24 ? 49   ILE A N   1 
ATOM   268  C  CA  . ILE A 1 49  ? 0.324   9.209   -3.217  1.00 20.94 ? 49   ILE A CA  1 
ATOM   269  C  C   . ILE A 1 49  ? 1.596   9.605   -2.522  1.00 21.37 ? 49   ILE A C   1 
ATOM   270  O  O   . ILE A 1 49  ? 2.572   8.836   -2.481  1.00 21.45 ? 49   ILE A O   1 
ATOM   271  C  CB  . ILE A 1 49  ? -0.666  8.430   -2.256  1.00 20.26 ? 49   ILE A CB  1 
ATOM   272  C  CG1 . ILE A 1 49  ? -0.083  7.091   -1.817  1.00 19.34 ? 49   ILE A CG1 1 
ATOM   273  C  CG2 . ILE A 1 49  ? -1.978  8.252   -2.950  1.00 20.75 ? 49   ILE A CG2 1 
ATOM   274  C  CD1 . ILE A 1 49  ? -0.954  6.261   -0.805  1.00 19.26 ? 49   ILE A CD1 1 
ATOM   275  N  N   . GLY A 1 50  ? 1.572   10.818  -1.957  1.00 21.18 ? 50   GLY A N   1 
ATOM   276  C  CA  . GLY A 1 50  ? 2.659   11.343  -1.198  1.00 21.50 ? 50   GLY A CA  1 
ATOM   277  C  C   . GLY A 1 50  ? 2.148   12.352  -0.168  1.00 21.76 ? 50   GLY A C   1 
ATOM   278  O  O   . GLY A 1 50  ? 0.961   12.411  0.089   1.00 22.65 ? 50   GLY A O   1 
ATOM   279  N  N   . TYR A 1 51  ? 3.066   13.123  0.383   1.00 22.07 ? 51   TYR A N   1 
ATOM   280  C  CA  . TYR A 1 51  ? 2.821   14.088  1.482   1.00 23.34 ? 51   TYR A CA  1 
ATOM   281  C  C   . TYR A 1 51  ? 2.139   13.391  2.636   1.00 23.21 ? 51   TYR A C   1 
ATOM   282  O  O   . TYR A 1 51  ? 1.218   13.929  3.248   1.00 23.71 ? 51   TYR A O   1 
ATOM   283  C  CB  . TYR A 1 51  ? 2.076   15.313  0.965   1.00 24.61 ? 51   TYR A CB  1 
ATOM   284  C  CG  . TYR A 1 51  ? 2.961   16.052  -0.033  1.00 27.37 ? 51   TYR A CG  1 
ATOM   285  C  CD1 . TYR A 1 51  ? 2.850   15.797  -1.383  1.00 31.69 ? 51   TYR A CD1 1 
ATOM   286  C  CD2 . TYR A 1 51  ? 3.966   16.948  0.394   1.00 31.56 ? 51   TYR A CD2 1 
ATOM   287  C  CE1 . TYR A 1 51  ? 3.688   16.424  -2.311  1.00 33.22 ? 51   TYR A CE1 1 
ATOM   288  C  CE2 . TYR A 1 51  ? 4.817   17.608  -0.542  1.00 31.02 ? 51   TYR A CE2 1 
ATOM   289  C  CZ  . TYR A 1 51  ? 4.658   17.316  -1.885  1.00 32.97 ? 51   TYR A CZ  1 
ATOM   290  O  OH  . TYR A 1 51  ? 5.477   17.917  -2.822  1.00 36.71 ? 51   TYR A OH  1 
ATOM   291  N  N   . ILE A 1 52  ? 2.598   12.147  2.870   1.00 22.66 ? 52   ILE A N   1 
ATOM   292  C  CA  . ILE A 1 52  ? 2.087   11.281  3.934   1.00 23.12 ? 52   ILE A CA  1 
ATOM   293  C  C   . ILE A 1 52  ? 2.823   11.538  5.242   1.00 23.63 ? 52   ILE A C   1 
ATOM   294  O  O   . ILE A 1 52  ? 4.018   11.757  5.257   1.00 23.45 ? 52   ILE A O   1 
ATOM   295  C  CB  . ILE A 1 52  ? 2.178   9.785   3.488   1.00 21.85 ? 52   ILE A CB  1 
ATOM   296  C  CG1 . ILE A 1 52  ? 1.148   9.493   2.391   1.00 22.85 ? 52   ILE A CG1 1 
ATOM   297  C  CG2 . ILE A 1 52  ? 2.054   8.859   4.672   1.00 23.66 ? 52   ILE A CG2 1 
ATOM   298  C  CD1 . ILE A 1 52  ? 1.415   8.162   1.680   1.00 25.08 ? 52   ILE A CD1 1 
ATOM   299  N  N   . GLU A 1 53  ? 2.096   11.487  6.361   1.00 24.95 ? 53   GLU A N   1 
ATOM   300  C  CA  . GLU A 1 53  ? 2.684   11.572  7.673   1.00 26.29 ? 53   GLU A CA  1 
ATOM   301  C  C   . GLU A 1 53  ? 2.369   10.382  8.548   1.00 25.48 ? 53   GLU A C   1 
ATOM   302  O  O   . GLU A 1 53  ? 1.457   9.610   8.259   1.00 22.92 ? 53   GLU A O   1 
ATOM   303  C  CB  . GLU A 1 53  ? 2.189   12.844  8.380   1.00 28.11 ? 53   GLU A CB  1 
ATOM   304  C  CG  . GLU A 1 53  ? 2.648   14.099  7.632   1.00 32.30 ? 53   GLU A CG  1 
ATOM   305  C  CD  . GLU A 1 53  ? 2.241   15.391  8.279   1.00 38.38 ? 53   GLU A CD  1 
ATOM   306  O  OE1 . GLU A 1 53  ? 1.269   15.410  9.061   1.00 39.83 ? 53   GLU A OE1 1 
ATOM   307  O  OE2 . GLU A 1 53  ? 2.876   16.416  7.951   1.00 44.74 ? 53   GLU A OE2 1 
ATOM   308  N  N   . ASN A 1 54  ? 3.190   10.245  9.590   1.00 25.47 ? 54   ASN A N   1 
ATOM   309  C  CA  . ASN A 1 54  ? 3.052   9.230   10.630  1.00 25.18 ? 54   ASN A CA  1 
ATOM   310  C  C   . ASN A 1 54  ? 1.631   9.199   11.134  1.00 24.64 ? 54   ASN A C   1 
ATOM   311  O  O   . ASN A 1 54  ? 1.037   10.246  11.440  1.00 23.94 ? 54   ASN A O   1 
ATOM   312  C  CB  . ASN A 1 54  ? 4.007   9.524   11.807  1.00 26.84 ? 54   ASN A CB  1 
ATOM   313  C  CG  . ASN A 1 54  ? 3.954   8.475   12.875  1.00 26.63 ? 54   ASN A CG  1 
ATOM   314  O  OD1 . ASN A 1 54  ? 3.929   7.304   12.608  1.00 32.13 ? 54   ASN A OD1 1 
ATOM   315  N  ND2 . ASN A 1 54  ? 3.898   8.893   14.095  1.00 36.78 ? 54   ASN A ND2 1 
ATOM   316  N  N   . GLY A 1 55  ? 1.089   7.993   11.223  1.00 23.22 ? 55   GLY A N   1 
ATOM   317  C  CA  . GLY A 1 55  ? -0.292  7.802   11.642  1.00 23.19 ? 55   GLY A CA  1 
ATOM   318  C  C   . GLY A 1 55  ? -1.336  7.819   10.546  1.00 21.18 ? 55   GLY A C   1 
ATOM   319  O  O   . GLY A 1 55  ? -2.526  7.441   10.776  1.00 20.53 ? 55   GLY A O   1 
ATOM   320  N  N   . ASN A 1 56  ? -0.941  8.237   9.343   1.00 20.13 ? 56   ASN A N   1 
ATOM   321  C  CA  . ASN A 1 56  ? -1.867  8.262   8.250   1.00 19.75 ? 56   ASN A CA  1 
ATOM   322  C  C   . ASN A 1 56  ? -2.300  6.809   7.849   1.00 18.67 ? 56   ASN A C   1 
ATOM   323  O  O   . ASN A 1 56  ? -1.511  5.880   7.822   1.00 18.84 ? 56   ASN A O   1 
ATOM   324  C  CB  . ASN A 1 56  ? -1.278  8.925   7.018   1.00 19.33 ? 56   ASN A CB  1 
ATOM   325  C  CG  . ASN A 1 56  ? -1.271  10.463  7.033   1.00 20.26 ? 56   ASN A CG  1 
ATOM   326  O  OD1 . ASN A 1 56  ? -0.857  11.050  5.994   1.00 24.54 ? 56   ASN A OD1 1 
ATOM   327  N  ND2 . ASN A 1 56  ? -1.632  11.125  8.158   1.00 22.38 ? 56   ASN A ND2 1 
ATOM   328  N  N   . THR A 1 57  ? -3.569  6.645   7.535   1.00 18.33 ? 57   THR A N   1 
ATOM   329  C  CA  . THR A 1 57  ? -4.112  5.413   7.008   1.00 18.36 ? 57   THR A CA  1 
ATOM   330  C  C   . THR A 1 57  ? -4.729  5.692   5.685   1.00 17.85 ? 57   THR A C   1 
ATOM   331  O  O   . THR A 1 57  ? -5.303  6.756   5.452   1.00 19.37 ? 57   THR A O   1 
ATOM   332  C  CB  . THR A 1 57  ? -5.205  4.824   7.937   1.00 17.69 ? 57   THR A CB  1 
ATOM   333  O  OG1 . THR A 1 57  ? -6.290  5.759   8.104   1.00 17.84 ? 57   THR A OG1 1 
ATOM   334  C  CG2 . THR A 1 57  ? -4.637  4.640   9.377   1.00 19.12 ? 57   THR A CG2 1 
ATOM   335  N  N   . VAL A 1 58  ? -4.626  4.719   4.819   1.00 18.19 ? 58   VAL A N   1 
ATOM   336  C  CA  . VAL A 1 58  ? -5.268  4.751   3.497   1.00 17.60 ? 58   VAL A CA  1 
ATOM   337  C  C   . VAL A 1 58  ? -5.938  3.415   3.265   1.00 17.45 ? 58   VAL A C   1 
ATOM   338  O  O   . VAL A 1 58  ? -5.316  2.346   3.369   1.00 17.46 ? 58   VAL A O   1 
ATOM   339  C  CB  . VAL A 1 58  ? -4.235  5.039   2.406   1.00 17.34 ? 58   VAL A CB  1 
ATOM   340  C  CG1 . VAL A 1 58  ? -4.864  5.131   1.045   1.00 18.74 ? 58   VAL A CG1 1 
ATOM   341  C  CG2 . VAL A 1 58  ? -3.471  6.305   2.730   1.00 19.33 ? 58   VAL A CG2 1 
ATOM   342  N  N   . THR A 1 59  ? -7.223  3.486   2.925   1.00 17.35 ? 59   THR A N   1 
ATOM   343  C  CA  . THR A 1 59  ? -8.066  2.344   2.766   1.00 17.74 ? 59   THR A CA  1 
ATOM   344  C  C   . THR A 1 59  ? -8.450  2.090   1.318   1.00 17.83 ? 59   THR A C   1 
ATOM   345  O  O   . THR A 1 59  ? -8.838  3.019   0.607   1.00 17.76 ? 59   THR A O   1 
ATOM   346  C  CB  . THR A 1 59  ? -9.353  2.515   3.635   1.00 18.26 ? 59   THR A CB  1 
ATOM   347  O  OG1 . THR A 1 59  ? -8.986  2.610   5.007   1.00 19.11 ? 59   THR A OG1 1 
ATOM   348  C  CG2 . THR A 1 59  ? -10.278 1.273   3.502   1.00 19.12 ? 59   THR A CG2 1 
ATOM   349  N  N   . TYR A 1 60  ? -8.403  0.807   0.935   1.00 17.72 ? 60   TYR A N   1 
ATOM   350  C  CA  . TYR A 1 60  ? -8.740  0.304   -0.407  1.00 17.62 ? 60   TYR A CA  1 
ATOM   351  C  C   . TYR A 1 60  ? -9.821  -0.733  -0.186  1.00 18.48 ? 60   TYR A C   1 
ATOM   352  O  O   . TYR A 1 60  ? -9.656  -1.700  0.561   1.00 19.27 ? 60   TYR A O   1 
ATOM   353  C  CB  . TYR A 1 60  ? -7.509  -0.327  -1.075  1.00 17.39 ? 60   TYR A CB  1 
ATOM   354  C  CG  . TYR A 1 60  ? -6.406  0.659   -1.233  1.00 15.76 ? 60   TYR A CG  1 
ATOM   355  C  CD1 . TYR A 1 60  ? -5.529  0.947   -0.182  1.00 16.58 ? 60   TYR A CD1 1 
ATOM   356  C  CD2 . TYR A 1 60  ? -6.251  1.390   -2.431  1.00 16.44 ? 60   TYR A CD2 1 
ATOM   357  C  CE1 . TYR A 1 60  ? -4.534  1.857   -0.328  1.00 17.30 ? 60   TYR A CE1 1 
ATOM   358  C  CE2 . TYR A 1 60  ? -5.269  2.361   -2.539  1.00 17.53 ? 60   TYR A CE2 1 
ATOM   359  C  CZ  . TYR A 1 60  ? -4.404  2.586   -1.511  1.00 16.99 ? 60   TYR A CZ  1 
ATOM   360  O  OH  . TYR A 1 60  ? -3.403  3.587   -1.615  1.00 18.08 ? 60   TYR A OH  1 
ATOM   361  N  N   . SER A 1 61  ? -10.952 -0.521  -0.829  1.00 19.75 ? 61   SER A N   1 
ATOM   362  C  CA  . SER A 1 61  ? -12.181 -1.294  -0.566  1.00 21.09 ? 61   SER A CA  1 
ATOM   363  C  C   . SER A 1 61  ? -12.259 -2.601  -1.343  1.00 19.86 ? 61   SER A C   1 
ATOM   364  O  O   . SER A 1 61  ? -11.883 -2.691  -2.522  1.00 20.21 ? 61   SER A O   1 
ATOM   365  C  CB  A SER A 1 61  ? -13.437 -0.429  -0.727  0.65 22.78 ? 61   SER A CB  1 
ATOM   366  C  CB  B SER A 1 61  ? -13.435 -0.462  -0.989  0.35 20.95 ? 61   SER A CB  1 
ATOM   367  O  OG  A SER A 1 61  ? -13.569 0.001   -2.030  0.65 26.18 ? 61   SER A OG  1 
ATOM   368  O  OG  B SER A 1 61  ? -13.449 0.899   -0.548  0.35 17.02 ? 61   SER A OG  1 
ATOM   369  N  N   . ASN A 1 62  ? -12.735 -3.635  -0.664  1.00 19.93 ? 62   ASN A N   1 
ATOM   370  C  CA  . ASN A 1 62  ? -13.186 -4.862  -1.305  1.00 20.38 ? 62   ASN A CA  1 
ATOM   371  C  C   . ASN A 1 62  ? -12.131 -5.481  -2.242  1.00 19.50 ? 62   ASN A C   1 
ATOM   372  O  O   . ASN A 1 62  ? -12.381 -5.726  -3.427  1.00 19.94 ? 62   ASN A O   1 
ATOM   373  C  CB  . ASN A 1 62  ? -14.465 -4.606  -2.074  1.00 22.11 ? 62   ASN A CB  1 
ATOM   374  C  CG  . ASN A 1 62  ? -15.623 -4.195  -1.172  1.00 25.61 ? 62   ASN A CG  1 
ATOM   375  O  OD1 . ASN A 1 62  ? -15.877 -4.819  -0.133  1.00 27.06 ? 62   ASN A OD1 1 
ATOM   376  N  ND2 . ASN A 1 62  ? -16.351 -3.158  -1.587  1.00 27.04 ? 62   ASN A ND2 1 
ATOM   377  N  N   . ILE A 1 63  ? -10.970 -5.784  -1.682  1.00 18.15 ? 63   ILE A N   1 
ATOM   378  C  CA  . ILE A 1 63  ? -9.934  -6.495  -2.410  1.00 18.93 ? 63   ILE A CA  1 
ATOM   379  C  C   . ILE A 1 63  ? -10.212 -7.970  -2.330  1.00 19.97 ? 63   ILE A C   1 
ATOM   380  O  O   . ILE A 1 63  ? -10.435 -8.519  -1.220  1.00 19.18 ? 63   ILE A O   1 
ATOM   381  C  CB  . ILE A 1 63  ? -8.489  -6.144  -1.854  1.00 19.53 ? 63   ILE A CB  1 
ATOM   382  C  CG1 . ILE A 1 63  ? -8.196  -4.634  -1.823  1.00 21.93 ? 63   ILE A CG1 1 
ATOM   383  C  CG2 . ILE A 1 63  ? -7.443  -6.840  -2.690  1.00 19.65 ? 63   ILE A CG2 1 
ATOM   384  C  CD1 . ILE A 1 63  ? -8.532  -3.850  -3.019  1.00 25.69 ? 63   ILE A CD1 1 
ATOM   385  N  N   . ASP A 1 64  ? -10.218 -8.633  -3.488  1.00 18.49 ? 64   ASP A N   1 
ATOM   386  C  CA  . ASP A 1 64  ? -10.523 -10.051 -3.532  1.00 19.90 ? 64   ASP A CA  1 
ATOM   387  C  C   . ASP A 1 64  ? -9.245  -10.883 -3.592  1.00 18.79 ? 64   ASP A C   1 
ATOM   388  O  O   . ASP A 1 64  ? -8.512  -10.861 -4.587  1.00 19.18 ? 64   ASP A O   1 
ATOM   389  C  CB  . ASP A 1 64  ? -11.373 -10.324 -4.755  1.00 20.18 ? 64   ASP A CB  1 
ATOM   390  C  CG  . ASP A 1 64  ? -11.886 -11.740 -4.805  1.00 23.46 ? 64   ASP A CG  1 
ATOM   391  O  OD1 . ASP A 1 64  ? -11.534 -12.604 -3.954  1.00 23.33 ? 64   ASP A OD1 1 
ATOM   392  O  OD2 . ASP A 1 64  ? -12.711 -12.049 -5.704  1.00 27.96 ? 64   ASP A OD2 1 
ATOM   393  N  N   . PHE A 1 65  ? -8.988  -11.587 -2.510  1.00 18.52 ? 65   PHE A N   1 
ATOM   394  C  CA  . PHE A 1 65  ? -7.836  -12.433 -2.343  1.00 19.73 ? 65   PHE A CA  1 
ATOM   395  C  C   . PHE A 1 65  ? -8.065  -13.888 -2.803  1.00 20.62 ? 65   PHE A C   1 
ATOM   396  O  O   . PHE A 1 65  ? -7.167  -14.698 -2.725  1.00 21.33 ? 65   PHE A O   1 
ATOM   397  C  CB  . PHE A 1 65  ? -7.414  -12.409 -0.878  1.00 19.27 ? 65   PHE A CB  1 
ATOM   398  C  CG  . PHE A 1 65  ? -6.952  -11.029 -0.449  1.00 17.81 ? 65   PHE A CG  1 
ATOM   399  C  CD1 . PHE A 1 65  ? -7.813  -10.161 0.199   1.00 18.59 ? 65   PHE A CD1 1 
ATOM   400  C  CD2 . PHE A 1 65  ? -5.643  -10.591 -0.730  1.00 18.29 ? 65   PHE A CD2 1 
ATOM   401  C  CE1 . PHE A 1 65  ? -7.407  -8.866  0.549   1.00 19.88 ? 65   PHE A CE1 1 
ATOM   402  C  CE2 . PHE A 1 65  ? -5.238  -9.323  -0.374  1.00 20.44 ? 65   PHE A CE2 1 
ATOM   403  C  CZ  . PHE A 1 65  ? -6.120  -8.447  0.278   1.00 19.04 ? 65   PHE A CZ  1 
ATOM   404  N  N   . GLY A 1 66  ? -9.258  -14.178 -3.244  1.00 21.92 ? 66   GLY A N   1 
ATOM   405  C  CA  . GLY A 1 66  ? -9.593  -15.527 -3.700  1.00 22.55 ? 66   GLY A CA  1 
ATOM   406  C  C   . GLY A 1 66  ? -9.191  -16.571 -2.683  1.00 22.15 ? 66   GLY A C   1 
ATOM   407  O  O   . GLY A 1 66  ? -9.532  -16.487 -1.505  1.00 22.86 ? 66   GLY A O   1 
ATOM   408  N  N   . SER A 1 67  ? -8.448  -17.554 -3.129  1.00 23.54 ? 67   SER A N   1 
ATOM   409  C  CA  . SER A 1 67  ? -8.101  -18.708 -2.310  1.00 23.89 ? 67   SER A CA  1 
ATOM   410  C  C   . SER A 1 67  ? -6.838  -18.451 -1.512  1.00 23.12 ? 67   SER A C   1 
ATOM   411  O  O   . SER A 1 67  ? -6.401  -19.334 -0.769  1.00 23.87 ? 67   SER A O   1 
ATOM   412  C  CB  . SER A 1 67  ? -7.916  -19.956 -3.204  1.00 25.49 ? 67   SER A CB  1 
ATOM   413  O  OG  . SER A 1 67  ? -6.923  -19.736 -4.184  1.00 30.36 ? 67   SER A OG  1 
ATOM   414  N  N   . GLY A 1 68  ? -6.221  -17.277 -1.664  1.00 21.89 ? 68   GLY A N   1 
ATOM   415  C  CA  . GLY A 1 68  ? -5.154  -16.867 -0.733  1.00 22.23 ? 68   GLY A CA  1 
ATOM   416  C  C   . GLY A 1 68  ? -4.009  -16.036 -1.261  1.00 21.41 ? 68   GLY A C   1 
ATOM   417  O  O   . GLY A 1 68  ? -3.530  -16.240 -2.379  1.00 22.37 ? 68   GLY A O   1 
ATOM   418  N  N   . ALA A 1 69  ? -3.564  -15.080 -0.428  1.00 19.93 ? 69   ALA A N   1 
ATOM   419  C  CA  . ALA A 1 69  ? -2.355  -14.338 -0.699  1.00 19.68 ? 69   ALA A CA  1 
ATOM   420  C  C   . ALA A 1 69  ? -1.472  -14.466 0.528   1.00 20.14 ? 69   ALA A C   1 
ATOM   421  O  O   . ALA A 1 69  ? -1.963  -14.351 1.663   1.00 19.26 ? 69   ALA A O   1 
ATOM   422  C  CB  . ALA A 1 69  ? -2.670  -12.882 -0.945  1.00 20.03 ? 69   ALA A CB  1 
ATOM   423  N  N   . THR A 1 70  ? -0.169  -14.616 0.282   1.00 20.29 ? 70   THR A N   1 
ATOM   424  C  CA  . THR A 1 70  ? 0.862   -14.632 1.353   1.00 19.11 ? 70   THR A CA  1 
ATOM   425  C  C   . THR A 1 70  ? 2.023   -13.690 1.172   1.00 19.09 ? 70   THR A C   1 
ATOM   426  O  O   . THR A 1 70  ? 2.958   -13.719 1.940   1.00 18.81 ? 70   THR A O   1 
ATOM   427  C  CB  . THR A 1 70  ? 1.399   -16.050 1.561   1.00 20.28 ? 70   THR A CB  1 
ATOM   428  O  OG1 . THR A 1 70  ? 1.875   -16.574 0.304   1.00 21.52 ? 70   THR A OG1 1 
ATOM   429  C  CG2 . THR A 1 70  ? 0.292   -16.962 2.082   1.00 21.83 ? 70   THR A CG2 1 
ATOM   430  N  N   . GLY A 1 71  ? 1.925   -12.809 0.193   1.00 19.29 ? 71   GLY A N   1 
ATOM   431  C  CA  . GLY A 1 71  ? 2.890   -11.743 -0.004  1.00 18.49 ? 71   GLY A CA  1 
ATOM   432  C  C   . GLY A 1 71  ? 2.304   -10.429 -0.528  1.00 18.21 ? 71   GLY A C   1 
ATOM   433  O  O   . GLY A 1 71  ? 1.211   -10.399 -1.057  1.00 17.87 ? 71   GLY A O   1 
ATOM   434  N  N   . PHE A 1 72  ? 3.025   -9.343  -0.233  1.00 18.57 ? 72   PHE A N   1 
ATOM   435  C  CA  . PHE A 1 72  ? 2.661   -7.983  -0.623  1.00 18.91 ? 72   PHE A CA  1 
ATOM   436  C  C   . PHE A 1 72  ? 3.904   -7.347  -1.229  1.00 19.72 ? 72   PHE A C   1 
ATOM   437  O  O   . PHE A 1 72  ? 4.992   -7.375  -0.648  1.00 19.35 ? 72   PHE A O   1 
ATOM   438  C  CB  . PHE A 1 72  ? 2.216   -7.212  0.624   1.00 20.05 ? 72   PHE A CB  1 
ATOM   439  C  CG  . PHE A 1 72  ? 1.907   -5.771  0.406   1.00 17.92 ? 72   PHE A CG  1 
ATOM   440  C  CD1 . PHE A 1 72  ? 0.672   -5.392  -0.121  1.00 20.33 ? 72   PHE A CD1 1 
ATOM   441  C  CD2 . PHE A 1 72  ? 2.804   -4.775  0.767   1.00 20.21 ? 72   PHE A CD2 1 
ATOM   442  C  CE1 . PHE A 1 72  ? 0.382   -4.043  -0.299  1.00 19.58 ? 72   PHE A CE1 1 
ATOM   443  C  CE2 . PHE A 1 72  ? 2.484   -3.434  0.568   1.00 18.73 ? 72   PHE A CE2 1 
ATOM   444  C  CZ  . PHE A 1 72  ? 1.275   -3.088  0.056   1.00 17.81 ? 72   PHE A CZ  1 
ATOM   445  N  N   . SER A 1 73  ? 3.700   -6.672  -2.358  1.00 19.01 ? 73   SER A N   1 
ATOM   446  C  CA  . SER A 1 73  ? 4.747   -5.955  -3.060  1.00 19.01 ? 73   SER A CA  1 
ATOM   447  C  C   . SER A 1 73  ? 4.237   -4.550  -3.354  1.00 19.36 ? 73   SER A C   1 
ATOM   448  O  O   . SER A 1 73  ? 3.078   -4.387  -3.751  1.00 19.39 ? 73   SER A O   1 
ATOM   449  C  CB  A SER A 1 73  ? 5.055   -6.719  -4.340  0.65 19.62 ? 73   SER A CB  1 
ATOM   450  C  CB  B SER A 1 73  ? 5.115   -6.657  -4.375  0.35 18.19 ? 73   SER A CB  1 
ATOM   451  O  OG  A SER A 1 73  ? 6.256   -6.320  -4.911  0.65 28.70 ? 73   SER A OG  1 
ATOM   452  O  OG  B SER A 1 73  ? 5.697   -7.939  -4.173  0.35 11.76 ? 73   SER A OG  1 
ATOM   453  N  N   . ALA A 1 74  ? 5.065   -3.517  -3.118  1.00 19.59 ? 74   ALA A N   1 
ATOM   454  C  CA  . ALA A 1 74  ? 4.683   -2.166  -3.434  1.00 19.43 ? 74   ALA A CA  1 
ATOM   455  C  C   . ALA A 1 74  ? 5.841   -1.454  -4.123  1.00 20.01 ? 74   ALA A C   1 
ATOM   456  O  O   . ALA A 1 74  ? 7.011   -1.729  -3.836  1.00 19.88 ? 74   ALA A O   1 
ATOM   457  C  CB  . ALA A 1 74  ? 4.265   -1.415  -2.207  1.00 20.08 ? 74   ALA A CB  1 
ATOM   458  N  N   . THR A 1 75  ? 5.509   -0.498  -4.978  1.00 19.09 ? 75   THR A N   1 
ATOM   459  C  CA  . THR A 1 75  ? 6.500   0.317   -5.646  1.00 18.69 ? 75   THR A CA  1 
ATOM   460  C  C   . THR A 1 75  ? 6.506   1.691   -5.002  1.00 18.32 ? 75   THR A C   1 
ATOM   461  O  O   . THR A 1 75  ? 5.514   2.423   -5.049  1.00 18.19 ? 75   THR A O   1 
ATOM   462  C  CB  . THR A 1 75  ? 6.163   0.385   -7.158  1.00 20.12 ? 75   THR A CB  1 
ATOM   463  O  OG1 . THR A 1 75  ? 6.210   -0.967  -7.723  1.00 22.86 ? 75   THR A OG1 1 
ATOM   464  C  CG2 . THR A 1 75  ? 7.203   1.197   -7.908  1.00 20.50 ? 75   THR A CG2 1 
ATOM   465  N  N   . VAL A 1 76  ? 7.616   1.988   -4.344  1.00 17.75 ? 76   VAL A N   1 
ATOM   466  C  CA  . VAL A 1 76  ? 7.714   3.072   -3.389  1.00 19.39 ? 76   VAL A CA  1 
ATOM   467  C  C   . VAL A 1 76  ? 9.027   3.842   -3.566  1.00 19.44 ? 76   VAL A C   1 
ATOM   468  O  O   . VAL A 1 76  ? 10.029  3.329   -4.079  1.00 19.43 ? 76   VAL A O   1 
ATOM   469  C  CB  . VAL A 1 76  ? 7.648   2.544   -1.942  1.00 19.26 ? 76   VAL A CB  1 
ATOM   470  C  CG1 . VAL A 1 76  ? 6.292   1.940   -1.642  1.00 20.77 ? 76   VAL A CG1 1 
ATOM   471  C  CG2 . VAL A 1 76  ? 8.767   1.515   -1.678  1.00 20.46 ? 76   VAL A CG2 1 
ATOM   472  N  N   . ALA A 1 77  ? 8.999   5.097   -3.124  1.00 20.98 ? 77   ALA A N   1 
ATOM   473  C  CA  . ALA A 1 77  ? 10.172  5.990   -3.070  1.00 21.44 ? 77   ALA A CA  1 
ATOM   474  C  C   . ALA A 1 77  ? 10.169  6.746   -1.763  1.00 21.53 ? 77   ALA A C   1 
ATOM   475  O  O   . ALA A 1 77  ? 9.149   7.232   -1.339  1.00 22.19 ? 77   ALA A O   1 
ATOM   476  C  CB  . ALA A 1 77  ? 10.102  6.970   -4.215  1.00 21.60 ? 77   ALA A CB  1 
ATOM   477  N  N   . THR A 1 78  ? 11.320  6.866   -1.150  1.00 22.37 ? 78   THR A N   1 
ATOM   478  C  CA  . THR A 1 78  ? 11.453  7.658   0.042   1.00 22.98 ? 78   THR A CA  1 
ATOM   479  C  C   . THR A 1 78  ? 12.904  7.996   0.344   1.00 24.81 ? 78   THR A C   1 
ATOM   480  O  O   . THR A 1 78  ? 13.815  7.277   -0.091  1.00 23.85 ? 78   THR A O   1 
ATOM   481  C  CB  . THR A 1 78  ? 10.806  6.945   1.279   1.00 22.70 ? 78   THR A CB  1 
ATOM   482  O  OG1 . THR A 1 78  ? 10.889  7.810   2.424   1.00 23.80 ? 78   THR A OG1 1 
ATOM   483  C  CG2 . THR A 1 78  ? 11.559  5.736   1.661   1.00 23.10 ? 78   THR A CG2 1 
ATOM   484  N  N   . GLU A 1 79  ? 13.096  9.072   1.124   1.00 27.02 ? 79   GLU A N   1 
ATOM   485  C  CA  . GLU A 1 79  ? 14.431  9.397   1.643   1.00 29.73 ? 79   GLU A CA  1 
ATOM   486  C  C   . GLU A 1 79  ? 14.638  9.081   3.109   1.00 31.48 ? 79   GLU A C   1 
ATOM   487  O  O   . GLU A 1 79  ? 15.704  9.321   3.654   1.00 31.67 ? 79   GLU A O   1 
ATOM   488  C  CB  . GLU A 1 79  ? 14.733  10.877  1.347   1.00 30.03 ? 79   GLU A CB  1 
ATOM   489  C  CG  . GLU A 1 79  ? 14.834  11.126  -0.131  1.00 31.06 ? 79   GLU A CG  1 
ATOM   490  C  CD  . GLU A 1 79  ? 15.357  12.477  -0.507  1.00 33.38 ? 79   GLU A CD  1 
ATOM   491  O  OE1 . GLU A 1 79  ? 15.290  12.784  -1.702  1.00 34.16 ? 79   GLU A OE1 1 
ATOM   492  O  OE2 . GLU A 1 79  ? 15.816  13.244  0.360   1.00 36.52 ? 79   GLU A OE2 1 
ATOM   493  N  N   . VAL A 1 80  ? 13.634  8.487   3.742   1.00 32.52 ? 80   VAL A N   1 
ATOM   494  C  CA  . VAL A 1 80  ? 13.668  8.173   5.167   1.00 33.97 ? 80   VAL A CA  1 
ATOM   495  C  C   . VAL A 1 80  ? 13.285  6.711   5.349   1.00 34.60 ? 80   VAL A C   1 
ATOM   496  O  O   . VAL A 1 80  ? 12.374  6.202   4.661   1.00 35.63 ? 80   VAL A O   1 
ATOM   497  C  CB  . VAL A 1 80  ? 12.597  9.007   5.877   1.00 34.28 ? 80   VAL A CB  1 
ATOM   498  C  CG1 . VAL A 1 80  ? 12.582  8.706   7.350   1.00 39.22 ? 80   VAL A CG1 1 
ATOM   499  C  CG2 . VAL A 1 80  ? 12.830  10.489  5.665   1.00 37.17 ? 80   VAL A CG2 1 
ATOM   500  N  N   . ASN A 1 81  ? 13.928  6.038   6.280   1.00 34.27 ? 81   ASN A N   1 
ATOM   501  C  CA  . ASN A 1 81  ? 13.553  4.684   6.575   1.00 34.85 ? 81   ASN A CA  1 
ATOM   502  C  C   . ASN A 1 81  ? 12.163  4.736   7.191   1.00 34.42 ? 81   ASN A C   1 
ATOM   503  O  O   . ASN A 1 81  ? 11.882  5.523   8.111   1.00 35.78 ? 81   ASN A O   1 
ATOM   504  C  CB  . ASN A 1 81  ? 14.574  3.985   7.480   1.00 35.55 ? 81   ASN A CB  1 
ATOM   505  C  CG  . ASN A 1 81  ? 15.966  3.986   6.891   1.00 37.48 ? 81   ASN A CG  1 
ATOM   506  O  OD1 . ASN A 1 81  ? 16.179  3.980   5.651   1.00 41.61 ? 81   ASN A OD1 1 
ATOM   507  N  ND2 . ASN A 1 81  ? 16.951  4.067   7.781   1.00 43.02 ? 81   ASN A ND2 1 
ATOM   508  N  N   . THR A 1 82  ? 11.254  3.933   6.654   1.00 32.28 ? 82   THR A N   1 
ATOM   509  C  CA  . THR A 1 82  ? 9.896   3.986   7.112   1.00 32.72 ? 82   THR A CA  1 
ATOM   510  C  C   . THR A 1 82  ? 9.278   2.579   7.034   1.00 30.77 ? 82   THR A C   1 
ATOM   511  O  O   . THR A 1 82  ? 9.923   1.623   6.555   1.00 31.99 ? 82   THR A O   1 
ATOM   512  C  CB  . THR A 1 82  ? 9.153   5.023   6.285   1.00 32.97 ? 82   THR A CB  1 
ATOM   513  O  OG1 . THR A 1 82  ? 7.868   5.170   6.801   1.00 38.46 ? 82   THR A OG1 1 
ATOM   514  C  CG2 . THR A 1 82  ? 8.925   4.549   4.874   1.00 36.18 ? 82   THR A CG2 1 
ATOM   515  N  N   . SER A 1 83  ? 8.101   2.443   7.606   1.00 27.20 ? 83   SER A N   1 
ATOM   516  C  CA  . SER A 1 83  ? 7.410   1.165   7.558   1.00 26.10 ? 83   SER A CA  1 
ATOM   517  C  C   . SER A 1 83  ? 5.943   1.373   7.293   1.00 23.89 ? 83   SER A C   1 
ATOM   518  O  O   . SER A 1 83  ? 5.384   2.445   7.557   1.00 23.35 ? 83   SER A O   1 
ATOM   519  C  CB  . SER A 1 83  ? 7.666   0.323   8.782   1.00 26.66 ? 83   SER A CB  1 
ATOM   520  O  OG  . SER A 1 83  ? 7.079   0.920   9.885   1.00 26.85 ? 83   SER A OG  1 
ATOM   521  N  N   . ILE A 1 84  ? 5.350   0.379   6.659   1.00 21.46 ? 84   ILE A N   1 
ATOM   522  C  CA  . ILE A 1 84  ? 3.949   0.427   6.311   1.00 20.44 ? 84   ILE A CA  1 
ATOM   523  C  C   . ILE A 1 84  ? 3.299   -0.862  6.809   1.00 20.00 ? 84   ILE A C   1 
ATOM   524  O  O   . ILE A 1 84  ? 3.664   -1.986  6.346   1.00 19.18 ? 84   ILE A O   1 
ATOM   525  C  CB  . ILE A 1 84  ? 3.740   0.560   4.751   1.00 20.76 ? 84   ILE A CB  1 
ATOM   526  C  CG1 . ILE A 1 84  ? 4.543   1.723   4.141   1.00 21.71 ? 84   ILE A CG1 1 
ATOM   527  C  CG2 . ILE A 1 84  ? 2.270   0.732   4.432   1.00 21.43 ? 84   ILE A CG2 1 
ATOM   528  C  CD1 . ILE A 1 84  ? 4.590   1.689   2.683   1.00 22.58 ? 84   ILE A CD1 1 
ATOM   529  N  N   . GLN A 1 85  ? 2.348   -0.723  7.727   1.00 17.71 ? 85   GLN A N   1 
ATOM   530  C  CA  . GLN A 1 85  ? 1.540   -1.879  8.135   1.00 19.17 ? 85   GLN A CA  1 
ATOM   531  C  C   . GLN A 1 85  ? 0.492   -2.145  7.086   1.00 17.52 ? 85   GLN A C   1 
ATOM   532  O  O   . GLN A 1 85  ? -0.082  -1.184  6.523   1.00 18.02 ? 85   GLN A O   1 
ATOM   533  C  CB  . GLN A 1 85  ? 0.841   -1.658  9.463   1.00 18.76 ? 85   GLN A CB  1 
ATOM   534  C  CG  . GLN A 1 85  ? 1.759   -1.551  10.624  1.00 22.18 ? 85   GLN A CG  1 
ATOM   535  C  CD  . GLN A 1 85  ? 1.044   -1.501  11.935  1.00 25.66 ? 85   GLN A CD  1 
ATOM   536  O  OE1 . GLN A 1 85  ? -0.152  -1.142  12.027  1.00 26.15 ? 85   GLN A OE1 1 
ATOM   537  N  NE2 . GLN A 1 85  ? 1.774   -1.870  12.984  1.00 29.45 ? 85   GLN A NE2 1 
ATOM   538  N  N   . ILE A 1 86  ? 0.233   -3.430  6.833   1.00 17.92 ? 86   ILE A N   1 
ATOM   539  C  CA  . ILE A 1 86  ? -0.873  -3.866  5.975   1.00 18.05 ? 86   ILE A CA  1 
ATOM   540  C  C   . ILE A 1 86  ? -1.871  -4.544  6.860   1.00 17.69 ? 86   ILE A C   1 
ATOM   541  O  O   . ILE A 1 86  ? -1.590  -5.593  7.445   1.00 19.01 ? 86   ILE A O   1 
ATOM   542  C  CB  . ILE A 1 86  ? -0.413  -4.785  4.837   1.00 18.14 ? 86   ILE A CB  1 
ATOM   543  C  CG1 . ILE A 1 86  ? 0.778   -4.216  4.060   1.00 19.86 ? 86   ILE A CG1 1 
ATOM   544  C  CG2 . ILE A 1 86  ? -1.588  -5.118  3.892   1.00 20.57 ? 86   ILE A CG2 1 
ATOM   545  C  CD1 . ILE A 1 86  ? 2.045   -4.878  4.343   1.00 21.75 ? 86   ILE A CD1 1 
ATOM   546  N  N   . ARG A 1 87  ? -3.059  -3.958  6.959   1.00 18.29 ? 87   ARG A N   1 
ATOM   547  C  CA  . ARG A 1 87  ? -4.134  -4.473  7.815   1.00 18.20 ? 87   ARG A CA  1 
ATOM   548  C  C   . ARG A 1 87  ? -5.333  -4.865  6.986   1.00 18.51 ? 87   ARG A C   1 
ATOM   549  O  O   . ARG A 1 87  ? -5.681  -4.224  5.954   1.00 19.24 ? 87   ARG A O   1 
ATOM   550  C  CB  . ARG A 1 87  ? -4.584  -3.367  8.786   1.00 18.66 ? 87   ARG A CB  1 
ATOM   551  C  CG  . ARG A 1 87  ? -3.480  -2.943  9.732   1.00 24.29 ? 87   ARG A CG  1 
ATOM   552  C  CD  . ARG A 1 87  ? -3.847  -3.166  11.128  1.00 28.04 ? 87   ARG A CD  1 
ATOM   553  N  NE  . ARG A 1 87  ? -2.771  -2.832  11.995  1.00 29.47 ? 87   ARG A NE  1 
ATOM   554  C  CZ  . ARG A 1 87  ? -2.661  -3.292  13.224  1.00 24.98 ? 87   ARG A CZ  1 
ATOM   555  N  NH1 . ARG A 1 87  ? -3.587  -4.079  13.742  1.00 26.10 ? 87   ARG A NH1 1 
ATOM   556  N  NH2 . ARG A 1 87  ? -1.607  -2.952  13.935  1.00 24.79 ? 87   ARG A NH2 1 
ATOM   557  N  N   . SER A 1 88  ? -6.052  -5.847  7.466   1.00 18.32 ? 88   SER A N   1 
ATOM   558  C  CA  . SER A 1 88  ? -7.294  -6.223  6.859   1.00 19.16 ? 88   SER A CA  1 
ATOM   559  C  C   . SER A 1 88  ? -8.450  -5.560  7.577   1.00 18.56 ? 88   SER A C   1 
ATOM   560  O  O   . SER A 1 88  ? -8.410  -5.380  8.803   1.00 19.64 ? 88   SER A O   1 
ATOM   561  C  CB  A SER A 1 88  ? -7.515  -7.737  6.762   0.65 19.67 ? 88   SER A CB  1 
ATOM   562  C  CB  B SER A 1 88  ? -7.407  -7.754  7.050   0.35 18.22 ? 88   SER A CB  1 
ATOM   563  O  OG  A SER A 1 88  ? -7.582  -8.305  8.011   0.65 22.72 ? 88   SER A OG  1 
ATOM   564  O  OG  B SER A 1 88  ? -8.530  -8.335  6.429   0.35 13.92 ? 88   SER A OG  1 
ATOM   565  N  N   . ASP A 1 89  ? -9.466  -5.196  6.787   1.00 19.54 ? 89   ASP A N   1 
ATOM   566  C  CA  . ASP A 1 89  ? -10.809 -4.746  7.222   1.00 20.63 ? 89   ASP A CA  1 
ATOM   567  C  C   . ASP A 1 89  ? -10.930 -3.355  7.794   1.00 20.21 ? 89   ASP A C   1 
ATOM   568  O  O   . ASP A 1 89  ? -11.893 -2.673  7.477   1.00 22.15 ? 89   ASP A O   1 
ATOM   569  C  CB  . ASP A 1 89  ? -11.473 -5.774  8.165   1.00 21.09 ? 89   ASP A CB  1 
ATOM   570  C  CG  . ASP A 1 89  ? -11.426 -7.152  7.625   1.00 21.53 ? 89   ASP A CG  1 
ATOM   571  O  OD1 . ASP A 1 89  ? -12.051 -7.368  6.558   1.00 20.08 ? 89   ASP A OD1 1 
ATOM   572  O  OD2 . ASP A 1 89  ? -10.785 -8.087  8.207   1.00 25.27 ? 89   ASP A OD2 1 
ATOM   573  N  N   . SER A 1 90  ? -9.985  -2.929  8.635   1.00 20.48 ? 90   SER A N   1 
ATOM   574  C  CA  . SER A 1 90  ? -9.986  -1.602  9.247   1.00 20.48 ? 90   SER A CA  1 
ATOM   575  C  C   . SER A 1 90  ? -8.599  -1.288  9.808   1.00 19.68 ? 90   SER A C   1 
ATOM   576  O  O   . SER A 1 90  ? -7.718  -2.183  9.875   1.00 19.88 ? 90   SER A O   1 
ATOM   577  C  CB  . SER A 1 90  ? -11.045 -1.527  10.373  1.00 21.14 ? 90   SER A CB  1 
ATOM   578  O  OG  . SER A 1 90  ? -10.563 -2.098  11.543  1.00 22.29 ? 90   SER A OG  1 
ATOM   579  N  N   . PRO A 1 91  ? -8.402  -0.048  10.263  1.00 19.23 ? 91   PRO A N   1 
ATOM   580  C  CA  . PRO A 1 91  ? -7.133  0.317   10.878  1.00 20.30 ? 91   PRO A CA  1 
ATOM   581  C  C   . PRO A 1 91  ? -6.778  -0.519  12.087  1.00 21.22 ? 91   PRO A C   1 
ATOM   582  O  O   . PRO A 1 91  ? -5.572  -0.676  12.313  1.00 22.63 ? 91   PRO A O   1 
ATOM   583  C  CB  . PRO A 1 91  ? -7.295  1.808   11.183  1.00 21.08 ? 91   PRO A CB  1 
ATOM   584  C  CG  . PRO A 1 91  ? -8.273  2.305   10.174  1.00 18.21 ? 91   PRO A CG  1 
ATOM   585  C  CD  . PRO A 1 91  ? -9.264  1.156   10.065  1.00 21.03 ? 91   PRO A CD  1 
ATOM   586  N  N   . THR A 1 92  ? -7.775  -1.098  12.761  1.00 21.53 ? 92   THR A N   1 
ATOM   587  C  CA  . THR A 1 92  ? -7.534  -1.949  13.935  1.00 22.83 ? 92   THR A CA  1 
ATOM   588  C  C   . THR A 1 92  ? -7.758  -3.406  13.657  1.00 21.79 ? 92   THR A C   1 
ATOM   589  O  O   . THR A 1 92  ? -7.766  -4.236  14.590  1.00 22.46 ? 92   THR A O   1 
ATOM   590  C  CB  . THR A 1 92  ? -8.379  -1.496  15.160  1.00 23.08 ? 92   THR A CB  1 
ATOM   591  O  OG1 . THR A 1 92  ? -9.748  -1.345  14.808  1.00 26.05 ? 92   THR A OG1 1 
ATOM   592  C  CG2 . THR A 1 92  ? -7.905  -0.161  15.631  1.00 27.32 ? 92   THR A CG2 1 
ATOM   593  N  N   . GLY A 1 93  ? -7.909  -3.747  12.387  1.00 21.08 ? 93   GLY A N   1 
ATOM   594  C  CA  . GLY A 1 93  ? -8.150  -5.122  11.967  1.00 21.42 ? 93   GLY A CA  1 
ATOM   595  C  C   . GLY A 1 93  ? -6.826  -5.876  11.982  1.00 20.43 ? 93   GLY A C   1 
ATOM   596  O  O   . GLY A 1 93  ? -5.839  -5.378  12.431  1.00 20.78 ? 93   GLY A O   1 
ATOM   597  N  N   . THR A 1 94  ? -6.851  -7.086  11.484  1.00 20.24 ? 94   THR A N   1 
ATOM   598  C  CA  . THR A 1 94  ? -5.725  -8.008  11.546  1.00 19.83 ? 94   THR A CA  1 
ATOM   599  C  C   . THR A 1 94  ? -4.494  -7.433  10.863  1.00 19.12 ? 94   THR A C   1 
ATOM   600  O  O   . THR A 1 94  ? -4.605  -6.949  9.731   1.00 19.50 ? 94   THR A O   1 
ATOM   601  C  CB  . THR A 1 94  ? -6.090  -9.310  10.838  1.00 19.72 ? 94   THR A CB  1 
ATOM   602  O  OG1 . THR A 1 94  ? -7.204  -9.891  11.495  1.00 21.27 ? 94   THR A OG1 1 
ATOM   603  C  CG2 . THR A 1 94  ? -4.969  -10.312 10.925  1.00 20.73 ? 94   THR A CG2 1 
ATOM   604  N  N   . LEU A 1 95  ? -3.363  -7.462  11.562  1.00 19.19 ? 95   LEU A N   1 
ATOM   605  C  CA  . LEU A 1 95  ? -2.100  -7.084  10.991  1.00 18.87 ? 95   LEU A CA  1 
ATOM   606  C  C   . LEU A 1 95  ? -1.645  -8.204  10.083  1.00 18.28 ? 95   LEU A C   1 
ATOM   607  O  O   . LEU A 1 95  ? -1.229  -9.282  10.544  1.00 19.06 ? 95   LEU A O   1 
ATOM   608  C  CB  . LEU A 1 95  ? -1.037  -6.795  12.053  1.00 19.45 ? 95   LEU A CB  1 
ATOM   609  C  CG  . LEU A 1 95  ? 0.319   -6.390  11.468  1.00 20.81 ? 95   LEU A CG  1 
ATOM   610  C  CD1 . LEU A 1 95  ? 0.276   -5.071  10.681  1.00 20.81 ? 95   LEU A CD1 1 
ATOM   611  C  CD2 . LEU A 1 95  ? 1.363   -6.381  12.622  1.00 25.21 ? 95   LEU A CD2 1 
ATOM   612  N  N   . LEU A 1 96  ? -1.705  -7.973  8.786   1.00 17.68 ? 96   LEU A N   1 
ATOM   613  C  CA  . LEU A 1 96  ? -1.250  -8.980  7.809   1.00 18.12 ? 96   LEU A CA  1 
ATOM   614  C  C   . LEU A 1 96  ? 0.246   -9.085  7.695   1.00 18.36 ? 96   LEU A C   1 
ATOM   615  O  O   . LEU A 1 96  ? 0.796   -10.165 7.503   1.00 18.08 ? 96   LEU A O   1 
ATOM   616  C  CB  . LEU A 1 96  ? -1.881  -8.705  6.418   1.00 17.53 ? 96   LEU A CB  1 
ATOM   617  C  CG  . LEU A 1 96  ? -3.415  -8.650  6.377   1.00 19.54 ? 96   LEU A CG  1 
ATOM   618  C  CD1 . LEU A 1 96  ? -3.847  -8.290  4.970   1.00 21.23 ? 96   LEU A CD1 1 
ATOM   619  C  CD2 . LEU A 1 96  ? -4.044  -9.972  6.816   1.00 20.16 ? 96   LEU A CD2 1 
ATOM   620  N  N   . GLY A 1 97  ? 0.899   -7.955  7.808   1.00 19.67 ? 97   GLY A N   1 
ATOM   621  C  CA  . GLY A 1 97  ? 2.336   -7.822  7.675   1.00 18.96 ? 97   GLY A CA  1 
ATOM   622  C  C   . GLY A 1 97  ? 2.750   -6.367  7.786   1.00 19.58 ? 97   GLY A C   1 
ATOM   623  O  O   . GLY A 1 97  ? 1.933   -5.478  7.916   1.00 18.83 ? 97   GLY A O   1 
ATOM   624  N  N   . THR A 1 98  ? 4.063   -6.172  7.775   1.00 19.69 ? 98   THR A N   1 
ATOM   625  C  CA  . THR A 1 98  ? 4.673   -4.875  7.758   1.00 20.10 ? 98   THR A CA  1 
ATOM   626  C  C   . THR A 1 98  ? 5.736   -4.842  6.691   1.00 20.50 ? 98   THR A C   1 
ATOM   627  O  O   . THR A 1 98  ? 6.649   -5.680  6.690   1.00 20.78 ? 98   THR A O   1 
ATOM   628  C  CB  . THR A 1 98  ? 5.324   -4.571  9.114   1.00 19.51 ? 98   THR A CB  1 
ATOM   629  O  OG1 . THR A 1 98  ? 4.392   -4.757  10.142  1.00 21.47 ? 98   THR A OG1 1 
ATOM   630  C  CG2 . THR A 1 98  ? 5.734   -3.113  9.217   1.00 22.25 ? 98   THR A CG2 1 
ATOM   631  N  N   . LEU A 1 99  ? 5.663   -3.827  5.837   1.00 20.27 ? 99   LEU A N   1 
ATOM   632  C  CA  . LEU A 1 99  ? 6.686   -3.580  4.851   1.00 20.72 ? 99   LEU A CA  1 
ATOM   633  C  C   . LEU A 1 99  ? 7.656   -2.541  5.364   1.00 21.56 ? 99   LEU A C   1 
ATOM   634  O  O   . LEU A 1 99  ? 7.271   -1.381  5.640   1.00 21.62 ? 99   LEU A O   1 
ATOM   635  C  CB  . LEU A 1 99  ? 6.038   -3.068  3.550   1.00 20.87 ? 99   LEU A CB  1 
ATOM   636  C  CG  . LEU A 1 99  ? 6.913   -2.901  2.316   1.00 21.17 ? 99   LEU A CG  1 
ATOM   637  C  CD1 . LEU A 1 99  ? 7.310   -4.284  1.760   1.00 25.88 ? 99   LEU A CD1 1 
ATOM   638  C  CD2 . LEU A 1 99  ? 6.241   -2.073  1.245   1.00 22.83 ? 99   LEU A CD2 1 
ATOM   639  N  N   . TYR A 1 100 ? 8.916   -2.949  5.509   1.00 21.90 ? 100  TYR A N   1 
ATOM   640  C  CA  . TYR A 1 100 ? 9.951   -2.015  5.923   1.00 24.51 ? 100  TYR A CA  1 
ATOM   641  C  C   . TYR A 1 100 ? 10.605  -1.498  4.679   1.00 24.81 ? 100  TYR A C   1 
ATOM   642  O  O   . TYR A 1 100 ? 11.055  -2.277  3.817   1.00 26.65 ? 100  TYR A O   1 
ATOM   643  C  CB  . TYR A 1 100 ? 10.977  -2.715  6.837   1.00 25.40 ? 100  TYR A CB  1 
ATOM   644  C  CG  . TYR A 1 100 ? 10.392  -2.940  8.210   1.00 26.84 ? 100  TYR A CG  1 
ATOM   645  C  CD1 . TYR A 1 100 ? 10.507  -1.967  9.193   1.00 29.67 ? 100  TYR A CD1 1 
ATOM   646  C  CD2 . TYR A 1 100 ? 9.611   -4.075  8.491   1.00 28.84 ? 100  TYR A CD2 1 
ATOM   647  C  CE1 . TYR A 1 100 ? 9.923   -2.134  10.413  1.00 31.55 ? 100  TYR A CE1 1 
ATOM   648  C  CE2 . TYR A 1 100 ? 9.054   -4.251  9.698   1.00 29.82 ? 100  TYR A CE2 1 
ATOM   649  C  CZ  . TYR A 1 100 ? 9.195   -3.294  10.665  1.00 31.71 ? 100  TYR A CZ  1 
ATOM   650  O  OH  . TYR A 1 100 ? 8.634   -3.489  11.914  1.00 35.52 ? 100  TYR A OH  1 
ATOM   651  N  N   . VAL A 1 101 ? 10.635  -0.186  4.579   1.00 25.47 ? 101  VAL A N   1 
ATOM   652  C  CA  . VAL A 1 101 ? 11.175  0.512   3.409   1.00 27.40 ? 101  VAL A CA  1 
ATOM   653  C  C   . VAL A 1 101 ? 12.357  1.405   3.828   1.00 27.92 ? 101  VAL A C   1 
ATOM   654  O  O   . VAL A 1 101 ? 12.192  2.410   4.538   1.00 30.54 ? 101  VAL A O   1 
ATOM   655  C  CB  . VAL A 1 101 ? 10.104  1.406   2.727   1.00 26.24 ? 101  VAL A CB  1 
ATOM   656  C  CG1 . VAL A 1 101 ? 10.681  2.079   1.455   1.00 27.97 ? 101  VAL A CG1 1 
ATOM   657  C  CG2 . VAL A 1 101 ? 8.844   0.601   2.358   1.00 27.11 ? 101  VAL A CG2 1 
ATOM   658  N  N   . SER A 1 102 ? 13.554  1.052   3.393   1.00 28.66 ? 102  SER A N   1 
ATOM   659  C  CA  . SER A 1 102 ? 14.645  2.016   3.584   1.00 28.99 ? 102  SER A CA  1 
ATOM   660  C  C   . SER A 1 102 ? 14.803  2.960   2.415   1.00 27.56 ? 102  SER A C   1 
ATOM   661  O  O   . SER A 1 102 ? 14.173  2.795   1.337   1.00 25.31 ? 102  SER A O   1 
ATOM   662  C  CB  . SER A 1 102 ? 15.942  1.340   3.950   1.00 31.07 ? 102  SER A CB  1 
ATOM   663  O  OG  . SER A 1 102 ? 16.139  0.213   3.188   1.00 34.12 ? 102  SER A OG  1 
ATOM   664  N  N   . SER A 1 103 ? 15.564  4.026   2.664   1.00 26.72 ? 103  SER A N   1 
ATOM   665  C  CA  . SER A 1 103 ? 15.725  5.046   1.661   1.00 26.40 ? 103  SER A CA  1 
ATOM   666  C  C   . SER A 1 103 ? 16.031  4.429   0.304   1.00 25.40 ? 103  SER A C   1 
ATOM   667  O  O   . SER A 1 103 ? 16.889  3.539   0.186   1.00 24.53 ? 103  SER A O   1 
ATOM   668  C  CB  . SER A 1 103 ? 16.855  6.041   2.041   1.00 26.66 ? 103  SER A CB  1 
ATOM   669  O  OG  . SER A 1 103 ? 17.053  6.894   0.929   1.00 28.79 ? 103  SER A OG  1 
ATOM   670  N  N   . THR A 1 104 ? 15.336  4.915   -0.710  1.00 25.47 ? 104  THR A N   1 
ATOM   671  C  CA  . THR A 1 104 ? 15.573  4.536   -2.116  1.00 25.85 ? 104  THR A CA  1 
ATOM   672  C  C   . THR A 1 104 ? 16.498  5.528   -2.829  1.00 27.47 ? 104  THR A C   1 
ATOM   673  O  O   . THR A 1 104 ? 16.794  5.363   -4.032  1.00 27.81 ? 104  THR A O   1 
ATOM   674  C  CB  . THR A 1 104 ? 14.256  4.471   -2.897  1.00 25.60 ? 104  THR A CB  1 
ATOM   675  O  OG1 . THR A 1 104 ? 13.654  5.790   -2.947  1.00 22.42 ? 104  THR A OG1 1 
ATOM   676  C  CG2 . THR A 1 104 ? 13.290  3.534   -2.192  1.00 24.94 ? 104  THR A CG2 1 
ATOM   677  N  N   . GLY A 1 105 ? 16.882  6.582   -2.116  1.00 28.75 ? 105  GLY A N   1 
ATOM   678  C  CA  . GLY A 1 105 ? 17.816  7.578   -2.615  1.00 29.80 ? 105  GLY A CA  1 
ATOM   679  C  C   . GLY A 1 105 ? 17.224  8.914   -3.005  1.00 29.26 ? 105  GLY A C   1 
ATOM   680  O  O   . GLY A 1 105 ? 17.942  9.953   -3.029  1.00 30.00 ? 105  GLY A O   1 
ATOM   681  N  N   . SER A 1 106 ? 15.936  8.925   -3.330  1.00 27.76 ? 106  SER A N   1 
ATOM   682  C  CA  . SER A 1 106 ? 15.227  10.149  -3.589  1.00 26.17 ? 106  SER A CA  1 
ATOM   683  C  C   . SER A 1 106 ? 13.723  9.928   -3.546  1.00 25.62 ? 106  SER A C   1 
ATOM   684  O  O   . SER A 1 106 ? 13.271  8.788   -3.639  1.00 24.86 ? 106  SER A O   1 
ATOM   685  C  CB  . SER A 1 106 ? 15.692  10.743  -4.913  1.00 26.73 ? 106  SER A CB  1 
ATOM   686  O  OG  . SER A 1 106 ? 14.814  10.626  -5.950  1.00 27.68 ? 106  SER A OG  1 
ATOM   687  N  N   . TRP A 1 107 ? 12.977  11.013  -3.462  1.00 23.85 ? 107  TRP A N   1 
ATOM   688  C  CA  . TRP A 1 107 ? 11.509  10.976  -3.494  1.00 25.33 ? 107  TRP A CA  1 
ATOM   689  C  C   . TRP A 1 107 ? 10.967  10.547  -4.816  1.00 24.69 ? 107  TRP A C   1 
ATOM   690  O  O   . TRP A 1 107 ? 9.776   10.232  -4.950  1.00 24.92 ? 107  TRP A O   1 
ATOM   691  C  CB  . TRP A 1 107 ? 10.922  12.343  -3.104  1.00 26.08 ? 107  TRP A CB  1 
ATOM   692  C  CG  . TRP A 1 107 ? 11.312  12.740  -1.721  1.00 26.97 ? 107  TRP A CG  1 
ATOM   693  C  CD1 . TRP A 1 107 ? 12.156  13.762  -1.362  1.00 30.21 ? 107  TRP A CD1 1 
ATOM   694  C  CD2 . TRP A 1 107 ? 10.879  12.131  -0.497  1.00 27.67 ? 107  TRP A CD2 1 
ATOM   695  N  NE1 . TRP A 1 107 ? 12.296  13.804  0.003   1.00 28.35 ? 107  TRP A NE1 1 
ATOM   696  C  CE2 . TRP A 1 107 ? 11.510  12.829  0.569   1.00 29.89 ? 107  TRP A CE2 1 
ATOM   697  C  CE3 . TRP A 1 107 ? 10.012  11.072  -0.190  1.00 26.31 ? 107  TRP A CE3 1 
ATOM   698  C  CZ2 . TRP A 1 107 ? 11.292  12.498  1.930   1.00 29.86 ? 107  TRP A CZ2 1 
ATOM   699  C  CZ3 . TRP A 1 107 ? 9.804   10.735  1.126   1.00 29.42 ? 107  TRP A CZ3 1 
ATOM   700  C  CH2 . TRP A 1 107 ? 10.475  11.432  2.188   1.00 28.16 ? 107  TRP A CH2 1 
ATOM   701  N  N   . ASN A 1 108 ? 11.846  10.515  -5.828  1.00 24.58 ? 108  ASN A N   1 
ATOM   702  C  CA  . ASN A 1 108 ? 11.443  10.079  -7.187  1.00 24.78 ? 108  ASN A CA  1 
ATOM   703  C  C   . ASN A 1 108 ? 12.149  8.830   -7.703  1.00 22.66 ? 108  ASN A C   1 
ATOM   704  O  O   . ASN A 1 108 ? 11.997  8.492   -8.873  1.00 23.29 ? 108  ASN A O   1 
ATOM   705  C  CB  . ASN A 1 108 ? 11.656  11.233  -8.161  1.00 25.85 ? 108  ASN A CB  1 
ATOM   706  C  CG  . ASN A 1 108 ? 10.785  12.435  -7.818  1.00 28.92 ? 108  ASN A CG  1 
ATOM   707  O  OD1 . ASN A 1 108 ? 11.281  13.528  -7.587  1.00 34.20 ? 108  ASN A OD1 1 
ATOM   708  N  ND2 . ASN A 1 108 ? 9.500   12.229  -7.793  1.00 31.23 ? 108  ASN A ND2 1 
ATOM   709  N  N   . THR A 1 109 ? 12.944  8.182   -6.855  1.00 22.76 ? 109  THR A N   1 
ATOM   710  C  CA  . THR A 1 109 ? 13.566  6.902   -7.171  1.00 22.58 ? 109  THR A CA  1 
ATOM   711  C  C   . THR A 1 109 ? 12.720  5.783   -6.567  1.00 21.98 ? 109  THR A C   1 
ATOM   712  O  O   . THR A 1 109 ? 12.803  5.501   -5.365  1.00 21.49 ? 109  THR A O   1 
ATOM   713  C  CB  . THR A 1 109 ? 14.980  6.842   -6.603  1.00 23.04 ? 109  THR A CB  1 
ATOM   714  O  OG1 . THR A 1 109 ? 15.740  7.916   -7.158  1.00 24.70 ? 109  THR A OG1 1 
ATOM   715  C  CG2 . THR A 1 109 ? 15.686  5.556   -7.063  1.00 24.11 ? 109  THR A CG2 1 
ATOM   716  N  N   . TYR A 1 110 ? 11.918  5.154   -7.406  1.00 20.95 ? 110  TYR A N   1 
ATOM   717  C  CA  . TYR A 1 110 ? 11.017  4.071   -6.984  1.00 21.50 ? 110  TYR A CA  1 
ATOM   718  C  C   . TYR A 1 110 ? 11.682  2.694   -7.016  1.00 22.02 ? 110  TYR A C   1 
ATOM   719  O  O   . TYR A 1 110 ? 12.526  2.429   -7.865  1.00 22.83 ? 110  TYR A O   1 
ATOM   720  C  CB  . TYR A 1 110 ? 9.744   4.097   -7.846  1.00 20.43 ? 110  TYR A CB  1 
ATOM   721  C  CG  . TYR A 1 110 ? 8.847   5.274   -7.494  1.00 20.33 ? 110  TYR A CG  1 
ATOM   722  C  CD1 . TYR A 1 110 ? 9.071   6.499   -8.047  1.00 20.12 ? 110  TYR A CD1 1 
ATOM   723  C  CD2 . TYR A 1 110 ? 7.827   5.151   -6.542  1.00 20.75 ? 110  TYR A CD2 1 
ATOM   724  C  CE1 . TYR A 1 110 ? 8.300   7.625   -7.708  1.00 22.04 ? 110  TYR A CE1 1 
ATOM   725  C  CE2 . TYR A 1 110 ? 7.013   6.238   -6.191  1.00 20.27 ? 110  TYR A CE2 1 
ATOM   726  C  CZ  . TYR A 1 110 ? 7.272   7.491   -6.750  1.00 20.92 ? 110  TYR A CZ  1 
ATOM   727  O  OH  . TYR A 1 110 ? 6.514   8.581   -6.429  1.00 21.45 ? 110  TYR A OH  1 
ATOM   728  N  N   . ASN A 1 111 ? 11.299  1.830   -6.093  1.00 22.73 ? 111  ASN A N   1 
ATOM   729  C  CA  . ASN A 1 111 ? 11.867  0.496   -5.899  1.00 23.13 ? 111  ASN A CA  1 
ATOM   730  C  C   . ASN A 1 111 ? 10.672  -0.391  -5.561  1.00 22.82 ? 111  ASN A C   1 
ATOM   731  O  O   . ASN A 1 111 ? 9.823   -0.012  -4.764  1.00 20.15 ? 111  ASN A O   1 
ATOM   732  C  CB  . ASN A 1 111 ? 12.833  0.608   -4.702  1.00 25.77 ? 111  ASN A CB  1 
ATOM   733  C  CG  . ASN A 1 111 ? 13.746  -0.605  -4.441  1.00 31.81 ? 111  ASN A CG  1 
ATOM   734  O  OD1 . ASN A 1 111 ? 14.396  -0.688  -3.321  1.00 45.65 ? 111  ASN A OD1 1 
ATOM   735  N  ND2 . ASN A 1 111 ? 13.933  -1.470  -5.447  1.00 44.39 ? 111  ASN A ND2 1 
ATOM   736  N  N   . THR A 1 112 ? 10.596  -1.564  -6.167  1.00 22.27 ? 112  THR A N   1 
ATOM   737  C  CA  . THR A 1 112 ? 9.681   -2.588  -5.694  1.00 23.56 ? 112  THR A CA  1 
ATOM   738  C  C   . THR A 1 112 ? 10.223  -3.253  -4.462  1.00 23.61 ? 112  THR A C   1 
ATOM   739  O  O   . THR A 1 112 ? 11.403  -3.678  -4.407  1.00 24.67 ? 112  THR A O   1 
ATOM   740  C  CB  . THR A 1 112 ? 9.457   -3.611  -6.784  1.00 25.80 ? 112  THR A CB  1 
ATOM   741  O  OG1 . THR A 1 112 ? 9.027   -2.921  -7.981  1.00 30.45 ? 112  THR A OG1 1 
ATOM   742  C  CG2 . THR A 1 112 ? 8.282   -4.548  -6.409  1.00 25.73 ? 112  THR A CG2 1 
ATOM   743  N  N   . VAL A 1 113 ? 9.423   -3.260  -3.410  1.00 21.73 ? 113  VAL A N   1 
ATOM   744  C  CA  . VAL A 1 113 ? 9.835   -3.824  -2.119  1.00 22.04 ? 113  VAL A CA  1 
ATOM   745  C  C   . VAL A 1 113 ? 8.720   -4.789  -1.720  1.00 21.05 ? 113  VAL A C   1 
ATOM   746  O  O   . VAL A 1 113 ? 7.560   -4.506  -1.960  1.00 20.95 ? 113  VAL A O   1 
ATOM   747  C  CB  . VAL A 1 113 ? 10.031  -2.694  -1.024  1.00 21.58 ? 113  VAL A CB  1 
ATOM   748  C  CG1 . VAL A 1 113 ? 10.519  -3.346  0.293   1.00 25.79 ? 113  VAL A CG1 1 
ATOM   749  C  CG2 . VAL A 1 113 ? 11.001  -1.632  -1.511  1.00 23.01 ? 113  VAL A CG2 1 
ATOM   750  N  N   . SER A 1 114 ? 9.070   -5.947  -1.179  1.00 20.85 ? 114  SER A N   1 
ATOM   751  C  CA  . SER A 1 114 ? 8.088   -6.969  -0.886  1.00 21.18 ? 114  SER A CA  1 
ATOM   752  C  C   . SER A 1 114 ? 8.234   -7.456  0.552   1.00 21.90 ? 114  SER A C   1 
ATOM   753  O  O   . SER A 1 114 ? 9.324   -7.381  1.155   1.00 22.22 ? 114  SER A O   1 
ATOM   754  C  CB  A SER A 1 114 ? 8.218   -8.162  -1.862  0.65 21.63 ? 114  SER A CB  1 
ATOM   755  C  CB  B SER A 1 114 ? 8.244   -8.145  -1.862  0.35 21.34 ? 114  SER A CB  1 
ATOM   756  O  OG  A SER A 1 114 ? 8.050   -7.765  -3.205  0.65 23.70 ? 114  SER A OG  1 
ATOM   757  O  OG  B SER A 1 114 ? 9.390   -8.914  -1.529  0.35 20.95 ? 114  SER A OG  1 
ATOM   758  N  N   . THR A 1 115 ? 7.134   -7.950  1.105   1.00 20.10 ? 115  THR A N   1 
ATOM   759  C  CA  . THR A 1 115 ? 7.188   -8.648  2.353   1.00 21.29 ? 115  THR A CA  1 
ATOM   760  C  C   . THR A 1 115 ? 6.222   -9.827  2.404   1.00 20.20 ? 115  THR A C   1 
ATOM   761  O  O   . THR A 1 115 ? 5.294   -9.927  1.590   1.00 20.45 ? 115  THR A O   1 
ATOM   762  C  CB  . THR A 1 115 ? 6.987   -7.658  3.495   1.00 22.34 ? 115  THR A CB  1 
ATOM   763  O  OG1 . THR A 1 115 ? 7.318   -8.297  4.751   1.00 26.45 ? 115  THR A OG1 1 
ATOM   764  C  CG2 . THR A 1 115 ? 5.520   -7.185  3.590   1.00 21.77 ? 115  THR A CG2 1 
ATOM   765  N  N   . ASN A 1 116 ? 6.459   -10.742 3.330   1.00 19.79 ? 116  ASN A N   1 
ATOM   766  C  CA  . ASN A 1 116 ? 5.486   -11.757 3.677   1.00 20.82 ? 116  ASN A CA  1 
ATOM   767  C  C   . ASN A 1 116 ? 4.304   -11.211 4.459   1.00 19.91 ? 116  ASN A C   1 
ATOM   768  O  O   . ASN A 1 116 ? 4.421   -10.273 5.260   1.00 20.37 ? 116  ASN A O   1 
ATOM   769  C  CB  . ASN A 1 116 ? 6.152   -12.835 4.584   1.00 21.61 ? 116  ASN A CB  1 
ATOM   770  C  CG  . ASN A 1 116 ? 6.799   -12.234 5.841   1.00 23.00 ? 116  ASN A CG  1 
ATOM   771  O  OD1 . ASN A 1 116 ? 7.860   -11.618 5.718   1.00 26.57 ? 116  ASN A OD1 1 
ATOM   772  N  ND2 . ASN A 1 116 ? 6.185   -12.406 7.052   1.00 24.75 ? 116  ASN A ND2 1 
ATOM   773  N  N   . ILE A 1 117 ? 3.145   -11.826 4.237   1.00 19.13 ? 117  ILE A N   1 
ATOM   774  C  CA  . ILE A 1 117 ? 1.982   -11.612 5.073   1.00 17.88 ? 117  ILE A CA  1 
ATOM   775  C  C   . ILE A 1 117 ? 1.373   -12.940 5.493   1.00 17.82 ? 117  ILE A C   1 
ATOM   776  O  O   . ILE A 1 117 ? 1.637   -14.003 4.889   1.00 19.39 ? 117  ILE A O   1 
ATOM   777  C  CB  . ILE A 1 117 ? 0.911   -10.722 4.317   1.00 17.85 ? 117  ILE A CB  1 
ATOM   778  C  CG1 . ILE A 1 117 ? 0.295   -11.435 3.094   1.00 16.95 ? 117  ILE A CG1 1 
ATOM   779  C  CG2 . ILE A 1 117 ? 1.500   -9.370  3.991   1.00 19.37 ? 117  ILE A CG2 1 
ATOM   780  C  CD1 . ILE A 1 117 ? -0.849  -10.678 2.514   1.00 19.36 ? 117  ILE A CD1 1 
ATOM   781  N  N   . SER A 1 118 ? 0.500   -12.879 6.491   1.00 18.25 ? 118  SER A N   1 
ATOM   782  C  CA  . SER A 1 118 ? -0.315  -14.029 6.859   1.00 17.93 ? 118  SER A CA  1 
ATOM   783  C  C   . SER A 1 118 ? -1.301  -14.323 5.729   1.00 18.18 ? 118  SER A C   1 
ATOM   784  O  O   . SER A 1 118 ? -1.802  -13.421 5.073   1.00 18.59 ? 118  SER A O   1 
ATOM   785  C  CB  . SER A 1 118 ? -1.062  -13.728 8.162   1.00 18.83 ? 118  SER A CB  1 
ATOM   786  O  OG  . SER A 1 118 ? -1.893  -12.558 8.063   1.00 19.08 ? 118  SER A OG  1 
ATOM   787  N  N   . LYS A 1 119 ? -1.605  -15.588 5.493   1.00 18.65 ? 119  LYS A N   1 
ATOM   788  C  CA  . LYS A 1 119 ? -2.526  -15.932 4.402   1.00 19.35 ? 119  LYS A CA  1 
ATOM   789  C  C   . LYS A 1 119 ? -3.878  -15.331 4.652   1.00 18.54 ? 119  LYS A C   1 
ATOM   790  O  O   . LYS A 1 119 ? -4.412  -15.471 5.729   1.00 19.80 ? 119  LYS A O   1 
ATOM   791  C  CB  . LYS A 1 119 ? -2.694  -17.429 4.291   1.00 19.66 ? 119  LYS A CB  1 
ATOM   792  C  CG  . LYS A 1 119 ? -3.598  -17.920 3.144   1.00 24.02 ? 119  LYS A CG  1 
ATOM   793  C  CD  . LYS A 1 119 ? -3.569  -19.418 3.051   1.00 29.81 ? 119  LYS A CD  1 
ATOM   794  C  CE  . LYS A 1 119 ? -4.890  -20.039 2.770   1.00 31.17 ? 119  LYS A CE  1 
ATOM   795  N  NZ  . LYS A 1 119 ? -4.850  -21.582 2.821   1.00 32.32 ? 119  LYS A NZ  1 
ATOM   796  N  N   . ILE A 1 120 ? -4.379  -14.620 3.668   1.00 18.70 ? 120  ILE A N   1 
ATOM   797  C  CA  . ILE A 1 120 ? -5.681  -13.986 3.690   1.00 18.59 ? 120  ILE A CA  1 
ATOM   798  C  C   . ILE A 1 120 ? -6.446  -14.502 2.455   1.00 17.95 ? 120  ILE A C   1 
ATOM   799  O  O   . ILE A 1 120 ? -5.895  -14.588 1.361   1.00 19.29 ? 120  ILE A O   1 
ATOM   800  C  CB  . ILE A 1 120 ? -5.579  -12.440 3.708   1.00 17.59 ? 120  ILE A CB  1 
ATOM   801  C  CG1 . ILE A 1 120 ? -6.967  -11.800 3.614   1.00 18.13 ? 120  ILE A CG1 1 
ATOM   802  C  CG2 . ILE A 1 120 ? -4.626  -11.917 2.622   1.00 19.28 ? 120  ILE A CG2 1 
ATOM   803  C  CD1 . ILE A 1 120 ? -6.977  -10.362 4.091   1.00 17.75 ? 120  ILE A CD1 1 
ATOM   804  N  N   . THR A 1 121 ? -7.719  -14.775 2.630   1.00 19.00 ? 121  THR A N   1 
ATOM   805  C  CA  . THR A 1 121 ? -8.616  -15.264 1.586   1.00 18.72 ? 121  THR A CA  1 
ATOM   806  C  C   . THR A 1 121 ? -9.880  -14.417 1.551   1.00 19.35 ? 121  THR A C   1 
ATOM   807  O  O   . THR A 1 121 ? -10.164 -13.665 2.503   1.00 19.56 ? 121  THR A O   1 
ATOM   808  C  CB  . THR A 1 121 ? -9.038  -16.735 1.812   1.00 19.66 ? 121  THR A CB  1 
ATOM   809  O  OG1 . THR A 1 121 ? -9.869  -16.855 2.994   1.00 21.24 ? 121  THR A OG1 1 
ATOM   810  C  CG2 . THR A 1 121 ? -7.818  -17.625 2.027   1.00 22.60 ? 121  THR A CG2 1 
ATOM   811  N  N   . GLY A 1 122 ? -10.600 -14.503 0.443   1.00 19.41 ? 122  GLY A N   1 
ATOM   812  C  CA  . GLY A 1 122 ? -11.882 -13.823 0.345   1.00 20.27 ? 122  GLY A CA  1 
ATOM   813  C  C   . GLY A 1 122 ? -11.742 -12.349 0.133   1.00 19.46 ? 122  GLY A C   1 
ATOM   814  O  O   . GLY A 1 122 ? -10.657 -11.881 -0.232  1.00 20.09 ? 122  GLY A O   1 
ATOM   815  N  N   . VAL A 1 123 ? -12.824 -11.617 0.363   1.00 19.93 ? 123  VAL A N   1 
ATOM   816  C  CA  . VAL A 1 123 ? -12.904 -10.194 0.056   1.00 20.97 ? 123  VAL A CA  1 
ATOM   817  C  C   . VAL A 1 123 ? -12.778 -9.385  1.335   1.00 21.02 ? 123  VAL A C   1 
ATOM   818  O  O   . VAL A 1 123 ? -13.555 -9.616  2.308   1.00 21.46 ? 123  VAL A O   1 
ATOM   819  C  CB  . VAL A 1 123 ? -14.216 -9.818  -0.639  1.00 21.62 ? 123  VAL A CB  1 
ATOM   820  C  CG1 . VAL A 1 123 ? -14.232 -8.307  -0.934  1.00 22.74 ? 123  VAL A CG1 1 
ATOM   821  C  CG2 . VAL A 1 123 ? -14.356 -10.632 -1.915  1.00 25.21 ? 123  VAL A CG2 1 
ATOM   822  N  N   . HIS A 1 124 ? -11.823 -8.462  1.330   1.00 19.53 ? 124  HIS A N   1 
ATOM   823  C  CA  . HIS A 1 124 ? -11.527 -7.585  2.471   1.00 19.86 ? 124  HIS A CA  1 
ATOM   824  C  C   . HIS A 1 124 ? -11.068 -6.236  2.051   1.00 19.06 ? 124  HIS A C   1 
ATOM   825  O  O   . HIS A 1 124 ? -10.314 -6.119  1.098   1.00 19.72 ? 124  HIS A O   1 
ATOM   826  C  CB  . HIS A 1 124 ? -10.461 -8.178  3.388   1.00 18.88 ? 124  HIS A CB  1 
ATOM   827  C  CG  . HIS A 1 124 ? -10.832 -9.503  3.923   1.00 21.25 ? 124  HIS A CG  1 
ATOM   828  N  ND1 . HIS A 1 124 ? -11.502 -9.656  5.119   1.00 21.50 ? 124  HIS A ND1 1 
ATOM   829  C  CD2 . HIS A 1 124 ? -10.628 -10.745 3.424   1.00 21.51 ? 124  HIS A CD2 1 
ATOM   830  C  CE1 . HIS A 1 124 ? -11.699 -10.947 5.326   1.00 25.96 ? 124  HIS A CE1 1 
ATOM   831  N  NE2 . HIS A 1 124 ? -11.200 -11.625 4.302   1.00 23.73 ? 124  HIS A NE2 1 
ATOM   832  N  N   . ASP A 1 125 ? -11.449 -5.219  2.807   1.00 19.57 ? 125  ASP A N   1 
ATOM   833  C  CA  . ASP A 1 125 ? -10.805 -3.915  2.696   1.00 18.54 ? 125  ASP A CA  1 
ATOM   834  C  C   . ASP A 1 125 ? -9.351  -4.105  3.153   1.00 18.40 ? 125  ASP A C   1 
ATOM   835  O  O   . ASP A 1 125 ? -9.040  -4.970  3.980   1.00 18.37 ? 125  ASP A O   1 
ATOM   836  C  CB  . ASP A 1 125 ? -11.458 -2.864  3.562   1.00 19.49 ? 125  ASP A CB  1 
ATOM   837  C  CG  . ASP A 1 125 ? -12.804 -2.418  3.086   1.00 18.68 ? 125  ASP A CG  1 
ATOM   838  O  OD1 . ASP A 1 125 ? -13.380 -2.965  2.116   1.00 18.83 ? 125  ASP A OD1 1 
ATOM   839  O  OD2 . ASP A 1 125 ? -13.398 -1.479  3.705   1.00 21.88 ? 125  ASP A OD2 1 
ATOM   840  N  N   . ILE A 1 126 ? -8.466  -3.283  2.601   1.00 17.90 ? 126  ILE A N   1 
ATOM   841  C  CA  . ILE A 1 126 ? -7.069  -3.256  3.026   1.00 18.09 ? 126  ILE A CA  1 
ATOM   842  C  C   . ILE A 1 126 ? -6.782  -1.857  3.481   1.00 17.23 ? 126  ILE A C   1 
ATOM   843  O  O   . ILE A 1 126 ? -7.148  -0.894  2.805   1.00 18.49 ? 126  ILE A O   1 
ATOM   844  C  CB  . ILE A 1 126 ? -6.108  -3.675  1.891   1.00 18.38 ? 126  ILE A CB  1 
ATOM   845  C  CG1 . ILE A 1 126 ? -6.235  -5.172  1.658   1.00 19.11 ? 126  ILE A CG1 1 
ATOM   846  C  CG2 . ILE A 1 126 ? -4.637  -3.249  2.222   1.00 18.74 ? 126  ILE A CG2 1 
ATOM   847  C  CD1 . ILE A 1 126 ? -5.671  -6.060  2.816   1.00 18.39 ? 126  ILE A CD1 1 
ATOM   848  N  N   . VAL A 1 127 ? -6.141  -1.756  4.639   1.00 17.19 ? 127  VAL A N   1 
ATOM   849  C  CA  . VAL A 1 127 ? -5.714  -0.463  5.183   1.00 17.05 ? 127  VAL A CA  1 
ATOM   850  C  C   . VAL A 1 127 ? -4.191  -0.452  5.280   1.00 17.55 ? 127  VAL A C   1 
ATOM   851  O  O   . VAL A 1 127 ? -3.568  -1.322  5.909   1.00 18.30 ? 127  VAL A O   1 
ATOM   852  C  CB  . VAL A 1 127 ? -6.318  -0.145  6.559   1.00 18.10 ? 127  VAL A CB  1 
ATOM   853  C  CG1 . VAL A 1 127 ? -5.931  1.272   6.942   1.00 17.49 ? 127  VAL A CG1 1 
ATOM   854  C  CG2 . VAL A 1 127 ? -7.781  -0.313  6.530   1.00 19.67 ? 127  VAL A CG2 1 
ATOM   855  N  N   . LEU A 1 128 ? -3.589  0.504   4.600   1.00 17.21 ? 128  LEU A N   1 
ATOM   856  C  CA  . LEU A 1 128 ? -2.165  0.785   4.806   1.00 17.24 ? 128  LEU A CA  1 
ATOM   857  C  C   . LEU A 1 128 ? -1.970  1.822   5.887   1.00 17.44 ? 128  LEU A C   1 
ATOM   858  O  O   . LEU A 1 128 ? -2.574  2.907   5.864   1.00 18.28 ? 128  LEU A O   1 
ATOM   859  C  CB  . LEU A 1 128 ? -1.502  1.222   3.503   1.00 17.74 ? 128  LEU A CB  1 
ATOM   860  C  CG  . LEU A 1 128 ? -1.647  0.280   2.308   1.00 17.10 ? 128  LEU A CG  1 
ATOM   861  C  CD1 . LEU A 1 128 ? -0.962  0.870   1.078   1.00 20.06 ? 128  LEU A CD1 1 
ATOM   862  C  CD2 . LEU A 1 128 ? -1.157  -1.134  2.607   1.00 18.68 ? 128  LEU A CD2 1 
ATOM   863  N  N   . VAL A 1 129 ? -1.110  1.493   6.843   1.00 17.16 ? 129  VAL A N   1 
ATOM   864  C  CA  . VAL A 1 129 ? -0.821  2.427   7.961   1.00 17.84 ? 129  VAL A CA  1 
ATOM   865  C  C   . VAL A 1 129 ? 0.643   2.835   7.900   1.00 18.41 ? 129  VAL A C   1 
ATOM   866  O  O   . VAL A 1 129 ? 1.542   2.002   8.048   1.00 18.80 ? 129  VAL A O   1 
ATOM   867  C  CB  . VAL A 1 129 ? -1.142  1.812   9.357   1.00 18.23 ? 129  VAL A CB  1 
ATOM   868  C  CG1 . VAL A 1 129 ? -0.995  2.883   10.453  1.00 18.78 ? 129  VAL A CG1 1 
ATOM   869  C  CG2 . VAL A 1 129 ? -2.536  1.147   9.353   1.00 19.58 ? 129  VAL A CG2 1 
ATOM   870  N  N   . PHE A 1 130 ? 0.868   4.148   7.803   1.00 19.11 ? 130  PHE A N   1 
ATOM   871  C  CA  . PHE A 1 130 ? 2.192   4.709   7.559   1.00 19.18 ? 130  PHE A CA  1 
ATOM   872  C  C   . PHE A 1 130 ? 2.856   5.236   8.822   1.00 20.56 ? 130  PHE A C   1 
ATOM   873  O  O   . PHE A 1 130 ? 2.223   5.945   9.646   1.00 22.65 ? 130  PHE A O   1 
ATOM   874  C  CB  . PHE A 1 130 ? 2.100   5.793   6.536   1.00 18.19 ? 130  PHE A CB  1 
ATOM   875  C  CG  . PHE A 1 130 ? 1.624   5.311   5.195   1.00 19.62 ? 130  PHE A CG  1 
ATOM   876  C  CD1 . PHE A 1 130 ? 2.534   4.951   4.227   1.00 19.93 ? 130  PHE A CD1 1 
ATOM   877  C  CD2 . PHE A 1 130 ? 0.305   5.224   4.917   1.00 20.93 ? 130  PHE A CD2 1 
ATOM   878  C  CE1 . PHE A 1 130 ? 2.130   4.467   2.991   1.00 20.26 ? 130  PHE A CE1 1 
ATOM   879  C  CE2 . PHE A 1 130 ? -0.151  4.754   3.667   1.00 20.60 ? 130  PHE A CE2 1 
ATOM   880  C  CZ  . PHE A 1 130 ? 0.779   4.376   2.692   1.00 19.84 ? 130  PHE A CZ  1 
ATOM   881  N  N   . SER A 1 131 ? 4.134   4.927   8.979   1.00 22.91 ? 131  SER A N   1 
ATOM   882  C  CA  . SER A 1 131 ? 4.890   5.441   10.101  1.00 23.72 ? 131  SER A CA  1 
ATOM   883  C  C   . SER A 1 131 ? 5.657   6.743   9.776   1.00 25.71 ? 131  SER A C   1 
ATOM   884  O  O   . SER A 1 131 ? 6.366   7.284   10.615  1.00 26.61 ? 131  SER A O   1 
ATOM   885  C  CB  . SER A 1 131 ? 5.852   4.397   10.585  1.00 24.34 ? 131  SER A CB  1 
ATOM   886  O  OG  . SER A 1 131 ? 6.915   4.291   9.654   1.00 30.24 ? 131  SER A OG  1 
ATOM   887  N  N   . GLY A 1 132 ? 5.521   7.213   8.559   1.00 24.57 ? 132  GLY A N   1 
ATOM   888  C  CA  . GLY A 1 132 ? 6.274   8.359   8.092   1.00 25.34 ? 132  GLY A CA  1 
ATOM   889  C  C   . GLY A 1 132 ? 6.166   8.501   6.579   1.00 25.01 ? 132  GLY A C   1 
ATOM   890  O  O   . GLY A 1 132 ? 5.449   7.738   5.928   1.00 22.49 ? 132  GLY A O   1 
ATOM   891  N  N   . PRO A 1 133 ? 6.871   9.514   6.049   1.00 24.83 ? 133  PRO A N   1 
ATOM   892  C  CA  . PRO A 1 133 ? 6.764   9.869   4.644   1.00 25.17 ? 133  PRO A CA  1 
ATOM   893  C  C   . PRO A 1 133 ? 7.333   8.782   3.690   1.00 23.77 ? 133  PRO A C   1 
ATOM   894  O  O   . PRO A 1 133 ? 8.422   8.253   3.933   1.00 22.96 ? 133  PRO A O   1 
ATOM   895  C  CB  . PRO A 1 133 ? 7.632   11.158  4.534   1.00 25.23 ? 133  PRO A CB  1 
ATOM   896  C  CG  . PRO A 1 133 ? 8.553   11.063  5.640   1.00 28.66 ? 133  PRO A CG  1 
ATOM   897  C  CD  . PRO A 1 133 ? 7.769   10.442  6.769   1.00 26.82 ? 133  PRO A CD  1 
ATOM   898  N  N   . VAL A 1 134 ? 6.559   8.514   2.652   1.00 23.59 ? 134  VAL A N   1 
ATOM   899  C  CA  . VAL A 1 134 ? 6.881   7.597   1.559   1.00 22.20 ? 134  VAL A CA  1 
ATOM   900  C  C   . VAL A 1 134 ? 5.957   7.936   0.420   1.00 21.34 ? 134  VAL A C   1 
ATOM   901  O  O   . VAL A 1 134 ? 4.823   8.322   0.619   1.00 20.94 ? 134  VAL A O   1 
ATOM   902  C  CB  . VAL A 1 134 ? 6.761   6.117   1.981   1.00 22.69 ? 134  VAL A CB  1 
ATOM   903  C  CG1 . VAL A 1 134 ? 5.390   5.860   2.557   1.00 25.23 ? 134  VAL A CG1 1 
ATOM   904  C  CG2 . VAL A 1 134 ? 7.097   5.131   0.815   1.00 22.71 ? 134  VAL A CG2 1 
ATOM   905  N  N   . ASN A 1 135 ? 6.464   7.863   -0.796  1.00 19.68 ? 135  ASN A N   1 
ATOM   906  C  CA  . ASN A 1 135 ? 5.647   7.953   -1.951  1.00 20.52 ? 135  ASN A CA  1 
ATOM   907  C  C   . ASN A 1 135 ? 5.328   6.547   -2.464  1.00 19.78 ? 135  ASN A C   1 
ATOM   908  O  O   . ASN A 1 135 ? 6.216   5.695   -2.572  1.00 20.42 ? 135  ASN A O   1 
ATOM   909  C  CB  . ASN A 1 135 ? 6.391   8.745   -3.029  1.00 21.18 ? 135  ASN A CB  1 
ATOM   910  C  CG  . ASN A 1 135 ? 6.513   10.197  -2.698  1.00 21.39 ? 135  ASN A CG  1 
ATOM   911  O  OD1 . ASN A 1 135 ? 5.762   10.715  -1.849  1.00 22.70 ? 135  ASN A OD1 1 
ATOM   912  N  ND2 . ASN A 1 135 ? 7.448   10.895  -3.383  1.00 21.53 ? 135  ASN A ND2 1 
ATOM   913  N  N   . VAL A 1 136 ? 4.067   6.305   -2.752  1.00 18.95 ? 136  VAL A N   1 
ATOM   914  C  CA  . VAL A 1 136 ? 3.599   4.994   -3.206  1.00 18.81 ? 136  VAL A CA  1 
ATOM   915  C  C   . VAL A 1 136 ? 2.953   5.147   -4.554  1.00 19.06 ? 136  VAL A C   1 
ATOM   916  O  O   . VAL A 1 136 ? 1.961   5.890   -4.702  1.00 19.50 ? 136  VAL A O   1 
ATOM   917  C  CB  . VAL A 1 136 ? 2.593   4.339   -2.232  1.00 18.42 ? 136  VAL A CB  1 
ATOM   918  C  CG1 . VAL A 1 136 ? 2.387   2.876   -2.578  1.00 18.34 ? 136  VAL A CG1 1 
ATOM   919  C  CG2 . VAL A 1 136 ? 3.062   4.486   -0.754  1.00 19.57 ? 136  VAL A CG2 1 
ATOM   920  N  N   . ASP A 1 137 ? 3.474   4.385   -5.528  1.00 18.77 ? 137  ASP A N   1 
ATOM   921  C  CA  . ASP A 1 137 ? 2.903   4.387   -6.869  1.00 18.70 ? 137  ASP A CA  1 
ATOM   922  C  C   . ASP A 1 137 ? 1.752   3.331   -6.983  1.00 18.46 ? 137  ASP A C   1 
ATOM   923  O  O   . ASP A 1 137 ? 0.596   3.642   -7.365  1.00 18.68 ? 137  ASP A O   1 
ATOM   924  C  CB  . ASP A 1 137 ? 4.059   4.143   -7.896  1.00 19.57 ? 137  ASP A CB  1 
ATOM   925  C  CG  . ASP A 1 137 ? 3.614   4.187   -9.305  1.00 20.79 ? 137  ASP A CG  1 
ATOM   926  O  OD1 . ASP A 1 137 ? 2.401   3.992   -9.588  1.00 20.37 ? 137  ASP A OD1 1 
ATOM   927  O  OD2 . ASP A 1 137 ? 4.445   4.397   -10.219 1.00 21.50 ? 137  ASP A OD2 1 
ATOM   928  N  N   . ASN A 1 138 ? 2.079   2.100   -6.627  1.00 17.51 ? 138  ASN A N   1 
ATOM   929  C  CA  . ASN A 1 138 ? 1.163   0.952   -6.763  1.00 18.24 ? 138  ASN A CA  1 
ATOM   930  C  C   . ASN A 1 138 ? 1.568   -0.175  -5.829  1.00 17.46 ? 138  ASN A C   1 
ATOM   931  O  O   . ASN A 1 138 ? 2.579   -0.067  -5.130  1.00 18.08 ? 138  ASN A O   1 
ATOM   932  C  CB  . ASN A 1 138 ? 1.061   0.510   -8.241  1.00 17.07 ? 138  ASN A CB  1 
ATOM   933  C  CG  . ASN A 1 138 ? 2.372   -0.101  -8.785  1.00 19.58 ? 138  ASN A CG  1 
ATOM   934  O  OD1 . ASN A 1 138 ? 2.702   -0.002  -9.996  1.00 24.47 ? 138  ASN A OD1 1 
ATOM   935  N  ND2 . ASN A 1 138 ? 3.058   -0.780  -7.946  1.00 16.62 ? 138  ASN A ND2 1 
ATOM   936  N  N   . PHE A 1 139 ? 0.753   -1.228  -5.791  1.00 18.10 ? 139  PHE A N   1 
ATOM   937  C  CA  . PHE A 1 139 ? 1.015   -2.455  -5.049  1.00 16.88 ? 139  PHE A CA  1 
ATOM   938  C  C   . PHE A 1 139 ? 0.225   -3.602  -5.618  1.00 18.24 ? 139  PHE A C   1 
ATOM   939  O  O   . PHE A 1 139 ? -0.670  -3.421  -6.396  1.00 17.98 ? 139  PHE A O   1 
ATOM   940  C  CB  . PHE A 1 139 ? 0.808   -2.288  -3.532  1.00 17.08 ? 139  PHE A CB  1 
ATOM   941  C  CG  . PHE A 1 139 ? -0.557  -1.766  -3.149  1.00 17.93 ? 139  PHE A CG  1 
ATOM   942  C  CD1 . PHE A 1 139 ? -0.760  -0.373  -2.935  1.00 19.80 ? 139  PHE A CD1 1 
ATOM   943  C  CD2 . PHE A 1 139 ? -1.587  -2.613  -2.924  1.00 17.86 ? 139  PHE A CD2 1 
ATOM   944  C  CE1 . PHE A 1 139 ? -1.983  0.118   -2.552  1.00 19.32 ? 139  PHE A CE1 1 
ATOM   945  C  CE2 . PHE A 1 139 ? -2.850  -2.111  -2.551  1.00 18.75 ? 139  PHE A CE2 1 
ATOM   946  C  CZ  . PHE A 1 139 ? -3.022  -0.760  -2.347  1.00 20.06 ? 139  PHE A CZ  1 
ATOM   947  N  N   . ILE A 1 140 ? 0.585   -4.793  -5.176  1.00 17.54 ? 140  ILE A N   1 
ATOM   948  C  CA  . ILE A 1 140 ? 0.003   -6.030  -5.636  1.00 18.34 ? 140  ILE A CA  1 
ATOM   949  C  C   . ILE A 1 140 ? 0.316   -7.102  -4.636  1.00 18.06 ? 140  ILE A C   1 
ATOM   950  O  O   . ILE A 1 140 ? 1.304   -7.028  -3.915  1.00 18.66 ? 140  ILE A O   1 
ATOM   951  C  CB  . ILE A 1 140 ? 0.522   -6.381  -7.065  1.00 18.34 ? 140  ILE A CB  1 
ATOM   952  C  CG1 . ILE A 1 140 ? -0.329  -7.502  -7.682  1.00 19.74 ? 140  ILE A CG1 1 
ATOM   953  C  CG2 . ILE A 1 140 ? 2.031   -6.688  -7.040  1.00 19.09 ? 140  ILE A CG2 1 
ATOM   954  C  CD1 . ILE A 1 140 ? -0.061  -7.770  -9.145  1.00 20.67 ? 140  ILE A CD1 1 
ATOM   955  N  N   . PHE A 1 141 ? -0.565  -8.074  -4.539  1.00 17.70 ? 141  PHE A N   1 
ATOM   956  C  CA  . PHE A 1 141 ? -0.356  -9.238  -3.656  1.00 18.65 ? 141  PHE A CA  1 
ATOM   957  C  C   . PHE A 1 141 ? 0.128   -10.466 -4.452  1.00 20.01 ? 141  PHE A C   1 
ATOM   958  O  O   . PHE A 1 141 ? -0.028  -10.555 -5.674  1.00 21.19 ? 141  PHE A O   1 
ATOM   959  C  CB  . PHE A 1 141 ? -1.645  -9.592  -2.909  1.00 18.95 ? 141  PHE A CB  1 
ATOM   960  C  CG  . PHE A 1 141 ? -2.070  -8.499  -1.946  1.00 16.61 ? 141  PHE A CG  1 
ATOM   961  C  CD1 . PHE A 1 141 ? -1.731  -8.565  -0.603  1.00 18.56 ? 141  PHE A CD1 1 
ATOM   962  C  CD2 . PHE A 1 141 ? -2.801  -7.397  -2.401  1.00 17.25 ? 141  PHE A CD2 1 
ATOM   963  C  CE1 . PHE A 1 141 ? -2.079  -7.526  0.283   1.00 18.58 ? 141  PHE A CE1 1 
ATOM   964  C  CE2 . PHE A 1 141 ? -3.169  -6.417  -1.544  1.00 17.71 ? 141  PHE A CE2 1 
ATOM   965  C  CZ  . PHE A 1 141 ? -2.806  -6.480  -0.174  1.00 19.26 ? 141  PHE A CZ  1 
ATOM   966  N  N   . SER A 1 142 ? 0.743   -11.382 -3.723  1.00 21.34 ? 142  SER A N   1 
ATOM   967  C  CA  . SER A 1 142 ? 1.232   -12.598 -4.306  1.00 24.27 ? 142  SER A CA  1 
ATOM   968  C  C   . SER A 1 142 ? 0.521   -13.778 -3.667  1.00 25.61 ? 142  SER A C   1 
ATOM   969  O  O   . SER A 1 142 ? 0.279   -13.835 -2.434  1.00 22.17 ? 142  SER A O   1 
ATOM   970  C  CB  . SER A 1 142 ? 2.750   -12.711 -4.162  1.00 24.73 ? 142  SER A CB  1 
ATOM   971  O  OG  . SER A 1 142 ? 3.151   -12.639 -2.813  1.00 31.06 ? 142  SER A OG  1 
ATOM   972  N  N   . ARG A 1 143 ? 0.216   -14.709 -4.544  1.00 28.56 ? 143  ARG A N   1 
ATOM   973  C  CA  . ARG A 1 143 ? -0.626  -15.806 -4.209  1.00 33.47 ? 143  ARG A CA  1 
ATOM   974  C  C   . ARG A 1 143 ? 0.135   -16.738 -3.339  1.00 35.77 ? 143  ARG A C   1 
ATOM   975  O  O   . ARG A 1 143 ? 1.372   -16.835 -3.400  1.00 34.85 ? 143  ARG A O   1 
ATOM   976  C  CB  . ARG A 1 143 ? -1.187  -16.506 -5.448  1.00 34.85 ? 143  ARG A CB  1 
ATOM   977  C  CG  . ARG A 1 143 ? -0.152  -17.247 -6.225  1.00 39.08 ? 143  ARG A CG  1 
ATOM   978  C  CD  . ARG A 1 143 ? -0.722  -17.945 -7.494  1.00 46.17 ? 143  ARG A CD  1 
ATOM   979  N  NE  . ARG A 1 143 ? 0.299   -18.751 -8.217  1.00 47.01 ? 143  ARG A NE  1 
ATOM   980  C  CZ  . ARG A 1 143 ? 0.107   -19.987 -8.700  1.00 47.86 ? 143  ARG A CZ  1 
ATOM   981  N  NH1 . ARG A 1 143 ? -1.076  -20.619 -8.540  1.00 48.26 ? 143  ARG A NH1 1 
ATOM   982  N  NH2 . ARG A 1 143 ? 1.100   -20.587 -9.372  1.00 45.40 ? 143  ARG A NH2 1 
ATOM   983  N  N   . SER A 1 144 ? -0.627  -17.381 -2.461  1.00 40.18 ? 144  SER A N   1 
ATOM   984  C  CA  . SER A 1 144 ? -0.089  -18.498 -1.676  1.00 43.14 ? 144  SER A CA  1 
ATOM   985  C  C   . SER A 1 144 ? 0.230   -19.704 -2.581  1.00 46.07 ? 144  SER A C   1 
ATOM   986  O  O   . SER A 1 144 ? -0.290  -19.803 -3.715  1.00 46.38 ? 144  SER A O   1 
ATOM   987  C  CB  . SER A 1 144 ? -1.070  -18.917 -0.571  1.00 42.51 ? 144  SER A CB  1 
ATOM   988  O  OG  . SER A 1 144 ? -2.372  -18.850 -1.028  1.00 43.28 ? 144  SER A OG  1 
ATOM   989  N  N   . SER A 1 145 ? 1.090   -20.594 -2.077  1.00 49.39 ? 145  SER A N   1 
ATOM   990  C  CA  . SER A 1 145 ? 1.439   -21.853 -2.760  1.00 52.08 ? 145  SER A CA  1 
ATOM   991  C  C   . SER A 1 145 ? 0.777   -23.030 -2.066  1.00 52.91 ? 145  SER A C   1 
ATOM   992  O  O   . SER A 1 145 ? -0.448  -23.186 -2.120  1.00 54.37 ? 145  SER A O   1 
ATOM   993  C  CB  . SER A 1 145 ? 2.957   -22.078 -2.751  1.00 53.14 ? 145  SER A CB  1 
ATOM   994  O  OG  . SER A 1 145 ? 3.416   -22.332 -4.093  1.00 56.63 ? 145  SER A OG  1 
HETATM 995  O  O1  . XYP B 2 .   ? 11.279  15.905  6.629   1.00 57.30 ? 1    XYP B O1  1 
HETATM 996  C  C1  . XYP B 2 .   ? 10.168  15.813  5.762   1.00 53.54 ? 1    XYP B C1  1 
HETATM 997  C  C2  . XYP B 2 .   ? 10.214  17.046  4.879   1.00 52.16 ? 1    XYP B C2  1 
HETATM 998  C  C3  . XYP B 2 .   ? 9.103   16.980  3.853   1.00 49.60 ? 1    XYP B C3  1 
HETATM 999  C  C4  . XYP B 2 .   ? 9.147   15.619  3.166   1.00 43.20 ? 1    XYP B C4  1 
HETATM 1000 C  C5  . XYP B 2 .   ? 9.111   14.529  4.196   1.00 41.86 ? 1    XYP B C5  1 
HETATM 1001 O  O2  . XYP B 2 .   ? 9.984   18.238  5.607   1.00 56.60 ? 1    XYP B O2  1 
HETATM 1002 O  O3  . XYP B 2 .   ? 9.266   18.034  2.908   1.00 49.31 ? 1    XYP B O3  1 
HETATM 1003 O  O4  . XYP B 2 .   ? 8.001   15.577  2.399   1.00 38.28 ? 1    XYP B O4  1 
HETATM 1004 O  O5  . XYP B 2 .   ? 10.218  14.620  5.054   1.00 50.01 ? 1    XYP B O5  1 
HETATM 1005 C  C1  . XYP B 2 .   ? 8.198   14.879  1.182   1.00 34.59 ? 2    XYP B C1  1 
HETATM 1006 C  C2  . XYP B 2 .   ? 6.841   14.240  0.862   1.00 27.95 ? 2    XYP B C2  1 
HETATM 1007 C  C3  . XYP B 2 .   ? 6.910   13.627  -0.518  1.00 27.30 ? 2    XYP B C3  1 
HETATM 1008 C  C4  . XYP B 2 .   ? 7.453   14.618  -1.560  1.00 30.53 ? 2    XYP B C4  1 
HETATM 1009 C  C5  . XYP B 2 .   ? 8.756   15.195  -1.069  1.00 31.26 ? 2    XYP B C5  1 
HETATM 1010 O  O2  . XYP B 2 .   ? 6.535   13.210  1.821   1.00 26.74 ? 2    XYP B O2  1 
HETATM 1011 O  O3  . XYP B 2 .   ? 5.659   13.105  -0.954  1.00 26.90 ? 2    XYP B O3  1 
HETATM 1012 O  O4  . XYP B 2 .   ? 7.680   13.952  -2.778  1.00 30.92 ? 2    XYP B O4  1 
HETATM 1013 O  O5  . XYP B 2 .   ? 8.609   15.776  0.225   1.00 36.81 ? 2    XYP B O5  1 
HETATM 1014 C  C1  . XYP B 2 .   ? 7.417   14.776  -3.921  1.00 33.27 ? 3    XYP B C1  1 
HETATM 1015 C  C2  . XYP B 2 .   ? 8.719   14.940  -4.686  1.00 33.80 ? 3    XYP B C2  1 
HETATM 1016 C  C3  . XYP B 2 .   ? 8.464   15.722  -5.967  1.00 34.79 ? 3    XYP B C3  1 
HETATM 1017 C  C4  . XYP B 2 .   ? 7.414   14.997  -6.772  1.00 36.78 ? 3    XYP B C4  1 
HETATM 1018 C  C5  . XYP B 2 .   ? 6.185   14.793  -5.938  1.00 37.54 ? 3    XYP B C5  1 
HETATM 1019 O  O2  . XYP B 2 .   ? 9.604   15.705  -3.890  1.00 33.29 ? 3    XYP B O2  1 
HETATM 1020 O  O3  . XYP B 2 .   ? 9.690   15.850  -6.690  1.00 34.98 ? 3    XYP B O3  1 
HETATM 1021 O  O4  . XYP B 2 .   ? 7.015   15.710  -7.892  1.00 42.49 ? 3    XYP B O4  1 
HETATM 1022 O  O5  . XYP B 2 .   ? 6.527   14.143  -4.705  1.00 37.53 ? 3    XYP B O5  1 
HETATM 1023 C  C1  . XYP B 2 .   ? 7.076   14.886  -9.058  1.00 47.68 ? 4    XYP B C1  1 
HETATM 1024 C  C2  . XYP B 2 .   ? 6.346   15.593  -10.173 1.00 50.95 ? 4    XYP B C2  1 
HETATM 1025 C  C3  . XYP B 2 .   ? 6.439   14.759  -11.446 1.00 52.21 ? 4    XYP B C3  1 
HETATM 1026 C  C4  . XYP B 2 .   ? 7.916   14.579  -11.729 1.00 53.30 ? 4    XYP B C4  1 
HETATM 1027 C  C5  . XYP B 2 .   ? 8.480   13.749  -10.577 1.00 52.84 ? 4    XYP B C5  1 
HETATM 1028 O  O2  . XYP B 2 .   ? 4.985   15.765  -9.854  1.00 51.90 ? 4    XYP B O2  1 
HETATM 1029 O  O3  . XYP B 2 .   ? 5.810   15.416  -12.520 1.00 52.65 ? 4    XYP B O3  1 
HETATM 1030 O  O4  . XYP B 2 .   ? 8.136   14.027  -13.005 1.00 57.60 ? 4    XYP B O4  1 
HETATM 1031 O  O5  . XYP B 2 .   ? 8.372   14.580  -9.414  1.00 52.81 ? 4    XYP B O5  1 
HETATM 1032 NA NA  . NA  C 3 .   ? -8.719  16.727  7.315   1.00 30.70 ? 1146 NA  A NA  1 
HETATM 1033 CA CA  . CA  D 4 .   ? 0.187   4.762   -9.493  1.00 20.89 ? 1147 CA  A CA  1 
HETATM 1034 C  C1  . GOL E 5 .   ? -9.585  -11.327 7.494   1.00 48.73 ? 1152 GOL A C1  1 
HETATM 1035 O  O1  . GOL E 5 .   ? -10.718 -11.990 8.070   1.00 50.57 ? 1152 GOL A O1  1 
HETATM 1036 C  C2  . GOL E 5 .   ? -8.395  -11.364 8.418   1.00 45.09 ? 1152 GOL A C2  1 
HETATM 1037 O  O2  . GOL E 5 .   ? -8.562  -12.285 9.463   1.00 51.63 ? 1152 GOL A O2  1 
HETATM 1038 C  C3  . GOL E 5 .   ? -7.148  -11.736 7.653   1.00 40.46 ? 1152 GOL A C3  1 
HETATM 1039 O  O3  . GOL E 5 .   ? -7.251  -13.059 7.300   1.00 34.88 ? 1152 GOL A O3  1 
HETATM 1040 O  O   . HOH F 6 .   ? -14.697 -9.822  7.169   1.00 59.41 ? 2001 HOH A O   1 
HETATM 1041 O  O   . HOH F 6 .   ? -14.905 7.962   -7.243  1.00 61.39 ? 2002 HOH A O   1 
HETATM 1042 O  O   . HOH F 6 .   ? -9.666  7.586   -7.820  1.00 49.74 ? 2003 HOH A O   1 
HETATM 1043 O  O   . HOH F 6 .   ? -15.946 0.586   -9.183  1.00 57.64 ? 2004 HOH A O   1 
HETATM 1044 O  O   . HOH F 6 .   ? -11.802 -2.969  -10.527 1.00 53.68 ? 2005 HOH A O   1 
HETATM 1045 O  O   . HOH F 6 .   ? -15.191 -1.740  -8.943  0.50 30.53 ? 2006 HOH A O   1 
HETATM 1046 O  O   . HOH F 6 .   ? -12.696 -7.877  -7.764  1.00 54.90 ? 2007 HOH A O   1 
HETATM 1047 O  O   . HOH F 6 .   ? -12.507 10.055  -6.394  1.00 60.09 ? 2008 HOH A O   1 
HETATM 1048 O  O   . HOH F 6 .   ? -6.407  -12.290 -11.011 1.00 29.61 ? 2009 HOH A O   1 
HETATM 1049 O  O   . HOH F 6 .   ? -8.737  10.596  -4.615  1.00 67.42 ? 2010 HOH A O   1 
HETATM 1050 O  O   . HOH F 6 .   ? -4.186  2.051   -14.326 1.00 61.25 ? 2011 HOH A O   1 
HETATM 1051 O  O   . HOH F 6 .   ? -1.212  5.040   -13.692 1.00 47.07 ? 2012 HOH A O   1 
HETATM 1052 O  O   . HOH F 6 .   ? -3.955  -1.590  -12.432 0.50 23.26 ? 2013 HOH A O   1 
HETATM 1053 O  O   . HOH F 6 .   ? -10.639 10.407  -3.054  0.50 35.40 ? 2014 HOH A O   1 
HETATM 1054 O  O   . HOH F 6 .   ? -3.200  0.175   -13.137 0.50 24.95 ? 2015 HOH A O   1 
HETATM 1055 O  O   . HOH F 6 .   ? 1.335   1.561   -11.935 1.00 27.27 ? 2016 HOH A O   1 
HETATM 1056 O  O   . HOH F 6 .   ? 2.147   18.517  3.547   1.00 49.28 ? 2017 HOH A O   1 
HETATM 1057 O  O   . HOH F 6 .   ? -3.332  6.775   -12.024 1.00 45.44 ? 2018 HOH A O   1 
HETATM 1058 O  O   . HOH F 6 .   ? -6.312  0.615   -9.107  1.00 26.47 ? 2019 HOH A O   1 
HETATM 1059 O  O   . HOH F 6 .   ? -6.182  2.621   -13.192 1.00 48.38 ? 2020 HOH A O   1 
HETATM 1060 O  O   . HOH F 6 .   ? -12.052 -9.448  14.437  1.00 57.62 ? 2021 HOH A O   1 
HETATM 1061 O  O   . HOH F 6 .   ? -11.409 9.075   -2.321  0.50 33.01 ? 2022 HOH A O   1 
HETATM 1062 O  O   . HOH F 6 .   ? -8.349  12.539  0.457   1.00 42.10 ? 2023 HOH A O   1 
HETATM 1063 O  O   . HOH F 6 .   ? -13.545 8.748   1.244   1.00 35.03 ? 2024 HOH A O   1 
HETATM 1064 O  O   . HOH F 6 .   ? -14.818 4.845   -2.742  1.00 46.42 ? 2025 HOH A O   1 
HETATM 1065 O  O   . HOH F 6 .   ? -13.088 3.332   2.154   0.50 13.26 ? 2026 HOH A O   1 
HETATM 1066 O  O   . HOH F 6 .   ? 6.800   14.047  7.910   1.00 59.31 ? 2027 HOH A O   1 
HETATM 1067 O  O   . HOH F 6 .   ? 4.188   13.762  11.512  1.00 56.52 ? 2028 HOH A O   1 
HETATM 1068 O  O   . HOH F 6 .   ? -4.176  3.148   12.783  1.00 43.40 ? 2029 HOH A O   1 
HETATM 1069 O  O   . HOH F 6 .   ? -0.645  4.590   13.795  1.00 38.70 ? 2030 HOH A O   1 
HETATM 1070 O  O   . HOH F 6 .   ? -5.652  14.036  9.890   1.00 23.54 ? 2031 HOH A O   1 
HETATM 1071 O  O   . HOH F 6 .   ? -14.969 -5.539  4.549   0.50 39.04 ? 2032 HOH A O   1 
HETATM 1072 O  O   . HOH F 6 .   ? -10.764 -15.185 -6.888  0.50 44.85 ? 2033 HOH A O   1 
HETATM 1073 O  O   . HOH F 6 .   ? -8.240  -15.156 -7.459  1.00 54.75 ? 2034 HOH A O   1 
HETATM 1074 O  O   . HOH F 6 .   ? -15.633 -14.245 -1.442  1.00 53.38 ? 2035 HOH A O   1 
HETATM 1075 O  O   . HOH F 6 .   ? -10.171 -20.381 0.787   1.00 53.85 ? 2036 HOH A O   1 
HETATM 1076 O  O   . HOH F 6 .   ? -4.238  -17.229 -6.971  0.50 43.79 ? 2037 HOH A O   1 
HETATM 1077 O  O   . HOH F 6 .   ? -1.589  14.051  7.632   1.00 40.53 ? 2038 HOH A O   1 
HETATM 1078 O  O   . HOH F 6 .   ? 0.212   18.408  1.687   1.00 34.65 ? 2039 HOH A O   1 
HETATM 1079 O  O   . HOH F 6 .   ? 0.247   -20.672 2.127   1.00 38.55 ? 2040 HOH A O   1 
HETATM 1080 O  O   . HOH F 6 .   ? -5.990  14.455  1.927   1.00 55.47 ? 2041 HOH A O   1 
HETATM 1081 O  O   . HOH F 6 .   ? -4.386  15.397  -4.326  1.00 42.94 ? 2042 HOH A O   1 
HETATM 1082 O  O   . HOH F 6 .   ? 11.962  1.564   9.945   1.00 54.59 ? 2043 HOH A O   1 
HETATM 1083 O  O   . HOH F 6 .   ? 14.181  -0.151  6.868   0.50 37.89 ? 2044 HOH A O   1 
HETATM 1084 O  O   . HOH F 6 .   ? 5.239   5.750   -13.293 1.00 49.33 ? 2045 HOH A O   1 
HETATM 1085 O  O   . HOH F 6 .   ? 10.988  10.363  -17.736 1.00 51.22 ? 2046 HOH A O   1 
HETATM 1086 O  O   . HOH F 6 .   ? -10.850 -7.701  12.724  1.00 43.87 ? 2047 HOH A O   1 
HETATM 1087 O  O   . HOH F 6 .   ? 4.676   5.045   -17.227 1.00 46.14 ? 2048 HOH A O   1 
HETATM 1088 O  O   . HOH F 6 .   ? 6.284   8.206   -19.806 1.00 53.68 ? 2049 HOH A O   1 
HETATM 1089 O  O   . HOH F 6 .   ? -14.023 -4.487  10.385  1.00 39.04 ? 2050 HOH A O   1 
HETATM 1090 O  O   . HOH F 6 .   ? -4.119  -1.847  16.650  1.00 48.06 ? 2051 HOH A O   1 
HETATM 1091 O  O   . HOH F 6 .   ? 7.303   14.006  -15.881 1.00 65.20 ? 2052 HOH A O   1 
HETATM 1092 O  O   . HOH F 6 .   ? 1.554   12.368  -13.785 1.00 40.68 ? 2053 HOH A O   1 
HETATM 1093 O  O   . HOH F 6 .   ? 3.950   -5.097  15.374  1.00 52.11 ? 2054 HOH A O   1 
HETATM 1094 O  O   . HOH F 6 .   ? 0.525   5.276   -11.804 1.00 21.79 ? 2055 HOH A O   1 
HETATM 1095 O  O   . HOH F 6 .   ? 2.335   19.019  8.005   1.00 57.41 ? 2056 HOH A O   1 
HETATM 1096 O  O   . HOH F 6 .   ? 0.141   17.906  9.704   1.00 58.43 ? 2057 HOH A O   1 
HETATM 1097 O  O   . HOH F 6 .   ? 3.659   16.162  4.584   1.00 48.49 ? 2058 HOH A O   1 
HETATM 1098 O  O   . HOH F 6 .   ? 5.531   11.988  9.770   1.00 33.10 ? 2059 HOH A O   1 
HETATM 1099 O  O   . HOH F 6 .   ? 1.929   12.725  12.242  1.00 43.83 ? 2060 HOH A O   1 
HETATM 1100 O  O   . HOH F 6 .   ? -15.128 -15.076 2.133   0.50 45.60 ? 2061 HOH A O   1 
HETATM 1101 O  O   . HOH F 6 .   ? -2.507  9.331   13.774  0.50 29.19 ? 2062 HOH A O   1 
HETATM 1102 O  O   . HOH F 6 .   ? -3.118  5.485   12.798  1.00 31.05 ? 2063 HOH A O   1 
HETATM 1103 O  O   . HOH F 6 .   ? -3.069  13.355  10.516  1.00 40.35 ? 2064 HOH A O   1 
HETATM 1104 O  O   . HOH F 6 .   ? -1.996  10.810  11.045  1.00 30.61 ? 2065 HOH A O   1 
HETATM 1105 O  O   . HOH F 6 .   ? -7.977  5.101   5.780   1.00 19.52 ? 2066 HOH A O   1 
HETATM 1106 O  O   . HOH F 6 .   ? -10.836 1.834   6.826   1.00 19.95 ? 2067 HOH A O   1 
HETATM 1107 O  O   . HOH F 6 .   ? -13.510 0.742   1.851   0.50 22.04 ? 2068 HOH A O   1 
HETATM 1108 O  O   . HOH F 6 .   ? -15.634 1.926   -1.703  1.00 52.50 ? 2069 HOH A O   1 
HETATM 1109 O  O   . HOH F 6 .   ? -11.308 -1.046  -4.512  1.00 26.26 ? 2070 HOH A O   1 
HETATM 1110 O  O   . HOH F 6 .   ? -14.483 -5.874  1.852   1.00 37.31 ? 2071 HOH A O   1 
HETATM 1111 O  O   . HOH F 6 .   ? -13.613 -7.678  -4.968  1.00 37.02 ? 2072 HOH A O   1 
HETATM 1112 O  O   . HOH F 6 .   ? -12.698 -14.757 -6.503  0.50 31.73 ? 2073 HOH A O   1 
HETATM 1113 O  O   . HOH F 6 .   ? -8.724  -12.814 -6.617  1.00 30.04 ? 2074 HOH A O   1 
HETATM 1114 O  O   . HOH F 6 .   ? -13.199 -14.612 -2.978  1.00 32.84 ? 2075 HOH A O   1 
HETATM 1115 O  O   . HOH F 6 .   ? -11.571 -10.434 -8.373  1.00 44.88 ? 2076 HOH A O   1 
HETATM 1116 O  O   . HOH F 6 .   ? -11.893 -18.709 -1.312  1.00 56.81 ? 2077 HOH A O   1 
HETATM 1117 O  O   . HOH F 6 .   ? -7.001  -21.256 0.779   1.00 55.22 ? 2078 HOH A O   1 
HETATM 1118 O  O   . HOH F 6 .   ? -7.523  -17.270 -6.005  1.00 41.25 ? 2079 HOH A O   1 
HETATM 1119 O  O   . HOH F 6 .   ? -4.456  -17.869 -4.559  0.50 28.22 ? 2080 HOH A O   1 
HETATM 1120 O  O   . HOH F 6 .   ? 5.617   -14.716 1.193   1.00 54.33 ? 2081 HOH A O   1 
HETATM 1121 O  O   . HOH F 6 .   ? 2.715   -19.215 0.262   1.00 49.20 ? 2082 HOH A O   1 
HETATM 1122 O  O   . HOH F 6 .   ? 4.752   -10.222 -2.919  0.50 32.31 ? 2083 HOH A O   1 
HETATM 1123 O  O   . HOH F 6 .   ? 7.350   -10.790 -4.589  1.00 49.07 ? 2084 HOH A O   1 
HETATM 1124 O  O   . HOH F 6 .   ? 3.176   -9.352  -4.389  0.50 19.10 ? 2085 HOH A O   1 
HETATM 1125 O  O   . HOH F 6 .   ? 14.897  14.583  2.133   1.00 51.79 ? 2086 HOH A O   1 
HETATM 1126 O  O   . HOH F 6 .   ? 14.260  13.941  -4.234  1.00 45.84 ? 2087 HOH A O   1 
HETATM 1127 O  O   . HOH F 6 .   ? 9.300   6.870   9.150   0.50 33.61 ? 2088 HOH A O   1 
HETATM 1128 O  O   . HOH F 6 .   ? 5.374   4.981   6.151   1.00 45.56 ? 2089 HOH A O   1 
HETATM 1129 O  O   . HOH F 6 .   ? 12.622  0.851   7.611   0.50 26.65 ? 2090 HOH A O   1 
HETATM 1130 O  O   . HOH F 6 .   ? 5.207   0.333   10.895  1.00 50.31 ? 2091 HOH A O   1 
HETATM 1131 O  O   . HOH F 6 .   ? 9.593   2.235   10.965  1.00 58.15 ? 2092 HOH A O   1 
HETATM 1132 O  O   . HOH F 6 .   ? 0.671   -1.432  15.748  1.00 50.88 ? 2093 HOH A O   1 
HETATM 1133 O  O   . HOH F 6 .   ? -2.193  0.650   13.284  1.00 43.96 ? 2094 HOH A O   1 
HETATM 1134 O  O   . HOH F 6 .   ? -13.365 -5.673  4.908   0.50 11.19 ? 2095 HOH A O   1 
HETATM 1135 O  O   . HOH F 6 .   ? -9.446  -8.247  10.583  1.00 25.19 ? 2096 HOH A O   1 
HETATM 1136 O  O   . HOH F 6 .   ? -14.497 -3.325  6.324   1.00 40.19 ? 2097 HOH A O   1 
HETATM 1137 O  O   . HOH F 6 .   ? -11.639 -4.716  11.865  1.00 31.91 ? 2098 HOH A O   1 
HETATM 1138 O  O   . HOH F 6 .   ? -4.254  -0.109  14.583  1.00 47.23 ? 2099 HOH A O   1 
HETATM 1139 O  O   . HOH F 6 .   ? -11.136 -3.751  14.913  1.00 52.18 ? 2100 HOH A O   1 
HETATM 1140 O  O   . HOH F 6 .   ? -5.546  -3.915  16.733  1.00 48.52 ? 2101 HOH A O   1 
HETATM 1141 O  O   . HOH F 6 .   ? -7.369  -9.023  14.648  0.50 40.11 ? 2102 HOH A O   1 
HETATM 1142 O  O   . HOH F 6 .   ? -6.805  -10.579 14.113  0.50 20.97 ? 2103 HOH A O   1 
HETATM 1143 O  O   . HOH F 6 .   ? -3.381  -8.259  14.402  1.00 34.91 ? 2104 HOH A O   1 
HETATM 1144 O  O   . HOH F 6 .   ? 4.289   -3.347  12.447  1.00 35.48 ? 2105 HOH A O   1 
HETATM 1145 O  O   . HOH F 6 .   ? 9.757   -6.909  6.624   1.00 47.76 ? 2106 HOH A O   1 
HETATM 1146 O  O   . HOH F 6 .   ? 9.744   -5.624  4.729   0.33 12.41 ? 2107 HOH A O   1 
HETATM 1147 O  O   . HOH F 6 .   ? 12.122  -4.596  3.330   0.33 27.79 ? 2108 HOH A O   1 
HETATM 1148 O  O   . HOH F 6 .   ? 13.785  -1.209  1.302   1.00 39.27 ? 2109 HOH A O   1 
HETATM 1149 O  O   . HOH F 6 .   ? 18.650  2.524   1.700   1.00 42.87 ? 2110 HOH A O   1 
HETATM 1150 O  O   . HOH F 6 .   ? 15.855  11.557  -8.389  1.00 47.27 ? 2111 HOH A O   1 
HETATM 1151 O  O   . HOH F 6 .   ? 14.358  13.361  -7.371  1.00 50.53 ? 2112 HOH A O   1 
HETATM 1152 O  O   . HOH F 6 .   ? 12.513  13.092  -11.272 1.00 59.96 ? 2113 HOH A O   1 
HETATM 1153 O  O   . HOH F 6 .   ? 18.000  7.873   -5.986  1.00 51.30 ? 2114 HOH A O   1 
HETATM 1154 O  O   . HOH F 6 .   ? 16.435  8.008   -9.756  1.00 42.68 ? 2115 HOH A O   1 
HETATM 1155 O  O   . HOH F 6 .   ? 14.330  0.780   -8.183  1.00 39.35 ? 2116 HOH A O   1 
HETATM 1156 O  O   . HOH F 6 .   ? 7.179   10.814  -7.580  1.00 27.30 ? 2117 HOH A O   1 
HETATM 1157 O  O   . HOH F 6 .   ? 13.787  -3.540  -5.839  1.00 46.94 ? 2118 HOH A O   1 
HETATM 1158 O  O   . HOH F 6 .   ? 12.686  -1.953  -8.216  1.00 26.41 ? 2119 HOH A O   1 
HETATM 1159 O  O   . HOH F 6 .   ? 7.493   -4.236  -9.675  1.00 50.25 ? 2120 HOH A O   1 
HETATM 1160 O  O   . HOH F 6 .   ? 13.486  -4.283  -2.638  1.00 46.04 ? 2121 HOH A O   1 
HETATM 1161 O  O   . HOH F 6 .   ? 11.922  -6.518  -1.126  1.00 32.28 ? 2122 HOH A O   1 
HETATM 1162 O  O   . HOH F 6 .   ? 10.420  -6.914  -4.298  0.50 28.35 ? 2123 HOH A O   1 
HETATM 1163 O  O   . HOH F 6 .   ? 7.431   -11.838 -0.223  1.00 59.32 ? 2124 HOH A O   1 
HETATM 1164 O  O   . HOH F 6 .   ? 5.488   -8.884  7.469   1.00 25.35 ? 2125 HOH A O   1 
HETATM 1165 O  O   . HOH F 6 .   ? 9.129   -9.647  7.193   1.00 29.01 ? 2126 HOH A O   1 
HETATM 1166 O  O   . HOH F 6 .   ? 3.989   -15.334 4.953   1.00 22.01 ? 2127 HOH A O   1 
HETATM 1167 O  O   . HOH F 6 .   ? -2.134  -12.019 10.701  1.00 18.23 ? 2128 HOH A O   1 
HETATM 1168 O  O   . HOH F 6 .   ? -4.421  -13.344 7.491   1.00 21.67 ? 2129 HOH A O   1 
HETATM 1169 O  O   . HOH F 6 .   ? -5.489  -24.035 2.835   1.00 38.48 ? 2130 HOH A O   1 
HETATM 1170 O  O   . HOH F 6 .   ? -6.708  -17.127 5.665   1.00 30.68 ? 2131 HOH A O   1 
HETATM 1171 O  O   . HOH F 6 .   ? -2.911  -22.724 1.722   1.00 58.93 ? 2132 HOH A O   1 
HETATM 1172 O  O   . HOH F 6 .   ? -9.181  -17.893 5.220   1.00 45.34 ? 2133 HOH A O   1 
HETATM 1173 O  O   . HOH F 6 .   ? -12.621 -16.452 2.819   1.00 43.41 ? 2134 HOH A O   1 
HETATM 1174 O  O   . HOH F 6 .   ? -15.279 -13.085 0.890   0.50 22.59 ? 2135 HOH A O   1 
HETATM 1175 O  O   . HOH F 6 .   ? -15.237 -7.737  3.575   1.00 45.65 ? 2136 HOH A O   1 
HETATM 1176 O  O   . HOH F 6 .   ? -14.775 -12.708 3.375   1.00 60.02 ? 2137 HOH A O   1 
HETATM 1177 O  O   . HOH F 6 .   ? -11.313 -14.437 5.751   0.50 24.50 ? 2138 HOH A O   1 
HETATM 1178 O  O   . HOH F 6 .   ? -12.787 -14.366 4.247   0.50 38.10 ? 2139 HOH A O   1 
HETATM 1179 O  O   . HOH F 6 .   ? -12.280 -0.428  5.950   1.00 22.53 ? 2140 HOH A O   1 
HETATM 1180 O  O   . HOH F 6 .   ? 3.112   1.934   10.247  1.00 28.22 ? 2141 HOH A O   1 
HETATM 1181 O  O   . HOH F 6 .   ? 1.801   4.561   12.755  1.00 59.71 ? 2142 HOH A O   1 
HETATM 1182 O  O   . HOH F 6 .   ? 7.365   6.518   13.263  1.00 52.36 ? 2143 HOH A O   1 
HETATM 1183 O  O   . HOH F 6 .   ? 9.238   5.242   10.611  0.50 36.92 ? 2144 HOH A O   1 
HETATM 1184 O  O   . HOH F 6 .   ? 7.640   10.222  10.975  1.00 53.83 ? 2145 HOH A O   1 
HETATM 1185 O  O   . HOH F 6 .   ? 2.772   3.979   -12.538 1.00 32.24 ? 2146 HOH A O   1 
HETATM 1186 O  O   . HOH F 6 .   ? 7.039   4.903   -10.328 1.00 24.57 ? 2147 HOH A O   1 
HETATM 1187 O  O   . HOH F 6 .   ? 4.261   -3.021  -7.023  1.00 40.27 ? 2148 HOH A O   1 
HETATM 1188 O  O   . HOH F 6 .   ? 4.472   -2.657  -10.303 0.50 26.73 ? 2149 HOH A O   1 
HETATM 1189 O  O   . HOH F 6 .   ? 3.663   -15.267 -1.628  1.00 40.78 ? 2150 HOH A O   1 
HETATM 1190 O  O   . HOH F 6 .   ? 0.945   -16.302 -8.983  1.00 41.89 ? 2151 HOH A O   1 
HETATM 1191 O  O   . HOH F 6 .   ? 1.365   -14.314 -7.206  1.00 46.67 ? 2152 HOH A O   1 
HETATM 1192 O  O   . HOH F 6 .   ? 3.337   -16.106 -5.820  1.00 48.22 ? 2153 HOH A O   1 
HETATM 1193 O  O   . HOH F 6 .   ? -2.446  -22.766 -9.815  1.00 53.56 ? 2154 HOH A O   1 
HETATM 1194 O  O   . HOH F 6 .   ? 0.273   -25.660 -3.850  1.00 54.29 ? 2155 HOH A O   1 
HETATM 1195 O  O   . HOH F 6 .   ? 10.338  12.438  8.479   1.00 58.85 ? 2156 HOH A O   1 
HETATM 1196 O  O   . HOH F 6 .   ? 5.165   14.109  4.082   1.00 27.89 ? 2157 HOH A O   1 
HETATM 1197 O  O   . HOH F 6 .   ? 5.003   10.997  1.625   1.00 25.28 ? 2158 HOH A O   1 
HETATM 1198 O  O   . HOH F 6 .   ? 9.844   17.569  -8.592  0.50 33.49 ? 2159 HOH A O   1 
HETATM 1199 O  O   . HOH F 6 .   ? 6.833   19.066  -7.007  1.00 63.94 ? 2160 HOH A O   1 
HETATM 1200 O  O   . HOH F 6 .   ? 12.388  15.600  -4.682  1.00 52.46 ? 2161 HOH A O   1 
HETATM 1201 O  O   . HOH F 6 .   ? 4.577   13.457  -13.579 1.00 51.48 ? 2162 HOH A O   1 
HETATM 1202 O  O   . HOH F 6 .   ? 10.190  17.369  -10.544 0.50 47.27 ? 2163 HOH A O   1 
HETATM 1203 O  O   . HOH F 6 .   ? 3.758   15.590  -8.023  1.00 43.58 ? 2164 HOH A O   1 
HETATM 1204 O  O   . HOH F 6 .   ? -8.586  -14.620 5.631   1.00 25.40 ? 2165 HOH A O   1 
HETATM 1205 O  O   . HOH F 6 .   ? -12.267 -10.350 8.611   1.00 38.59 ? 2166 HOH A O   1 
# 
loop_
_pdbx_poly_seq_scheme.asym_id 
_pdbx_poly_seq_scheme.entity_id 
_pdbx_poly_seq_scheme.seq_id 
_pdbx_poly_seq_scheme.mon_id 
_pdbx_poly_seq_scheme.ndb_seq_num 
_pdbx_poly_seq_scheme.pdb_seq_num 
_pdbx_poly_seq_scheme.auth_seq_num 
_pdbx_poly_seq_scheme.pdb_mon_id 
_pdbx_poly_seq_scheme.auth_mon_id 
_pdbx_poly_seq_scheme.pdb_strand_id 
_pdbx_poly_seq_scheme.pdb_ins_code 
_pdbx_poly_seq_scheme.hetero 
A 1 1   GLY 1   1   ?   ?   ?   A . n 
A 1 2   SER 2   2   ?   ?   ?   A . n 
A 1 3   HIS 3   3   ?   ?   ?   A . n 
A 1 4   MET 4   4   ?   ?   ?   A . n 
A 1 5   ALA 5   5   ?   ?   ?   A . n 
A 1 6   SER 6   6   ?   ?   ?   A . n 
A 1 7   PRO 7   7   ?   ?   ?   A . n 
A 1 8   THR 8   8   ?   ?   ?   A . n 
A 1 9   PRO 9   9   ?   ?   ?   A . n 
A 1 10  ALA 10  10  ?   ?   ?   A . n 
A 1 11  PRO 11  11  ?   ?   ?   A . n 
A 1 12  SER 12  12  ?   ?   ?   A . n 
A 1 13  GLN 13  13  ?   ?   ?   A . n 
A 1 14  SER 14  14  14  SER SER A . n 
A 1 15  PRO 15  15  15  PRO PRO A . n 
A 1 16  ILE 16  16  16  ILE ILE A . n 
A 1 17  ARG 17  17  17  ARG ARG A . n 
A 1 18  ARG 18  18  18  ARG ARG A . n 
A 1 19  ASP 19  19  19  ASP ASP A . n 
A 1 20  ALA 20  20  20  ALA ALA A . n 
A 1 21  PHE 21  21  21  PHE PHE A . n 
A 1 22  SER 22  22  22  SER SER A . n 
A 1 23  ILE 23  23  23  ILE ILE A . n 
A 1 24  ILE 24  24  24  ILE ILE A . n 
A 1 25  GLU 25  25  25  GLU GLU A . n 
A 1 26  ALA 26  26  26  ALA ALA A . n 
A 1 27  GLU 27  27  27  GLU GLU A . n 
A 1 28  GLU 28  28  28  GLU GLU A . n 
A 1 29  TYR 29  29  29  TYR TYR A . n 
A 1 30  ASN 30  30  30  ASN ASN A . n 
A 1 31  SER 31  31  31  SER SER A . n 
A 1 32  THR 32  32  32  THR THR A . n 
A 1 33  ASN 33  33  33  ASN ASN A . n 
A 1 34  SER 34  34  34  SER SER A . n 
A 1 35  SER 35  35  35  SER SER A . n 
A 1 36  THR 36  36  36  THR THR A . n 
A 1 37  LEU 37  37  37  LEU LEU A . n 
A 1 38  GLN 38  38  38  GLN GLN A . n 
A 1 39  VAL 39  39  39  VAL VAL A . n 
A 1 40  ILE 40  40  40  ILE ILE A . n 
A 1 41  GLY 41  41  41  GLY GLY A . n 
A 1 42  THR 42  42  42  THR THR A . n 
A 1 43  PRO 43  43  43  PRO PRO A . n 
A 1 44  ASN 44  44  44  ASN ASN A . n 
A 1 45  ASN 45  45  45  ASN ASN A . n 
A 1 46  GLY 46  46  46  GLY GLY A . n 
A 1 47  ARG 47  47  47  ARG ARG A . n 
A 1 48  GLY 48  48  48  GLY GLY A . n 
A 1 49  ILE 49  49  49  ILE ILE A . n 
A 1 50  GLY 50  50  50  GLY GLY A . n 
A 1 51  TYR 51  51  51  TYR TYR A . n 
A 1 52  ILE 52  52  52  ILE ILE A . n 
A 1 53  GLU 53  53  53  GLU GLU A . n 
A 1 54  ASN 54  54  54  ASN ASN A . n 
A 1 55  GLY 55  55  55  GLY GLY A . n 
A 1 56  ASN 56  56  56  ASN ASN A . n 
A 1 57  THR 57  57  57  THR THR A . n 
A 1 58  VAL 58  58  58  VAL VAL A . n 
A 1 59  THR 59  59  59  THR THR A . n 
A 1 60  TYR 60  60  60  TYR TYR A . n 
A 1 61  SER 61  61  61  SER SER A . n 
A 1 62  ASN 62  62  62  ASN ASN A . n 
A 1 63  ILE 63  63  63  ILE ILE A . n 
A 1 64  ASP 64  64  64  ASP ASP A . n 
A 1 65  PHE 65  65  65  PHE PHE A . n 
A 1 66  GLY 66  66  66  GLY GLY A . n 
A 1 67  SER 67  67  67  SER SER A . n 
A 1 68  GLY 68  68  68  GLY GLY A . n 
A 1 69  ALA 69  69  69  ALA ALA A . n 
A 1 70  THR 70  70  70  THR THR A . n 
A 1 71  GLY 71  71  71  GLY GLY A . n 
A 1 72  PHE 72  72  72  PHE PHE A . n 
A 1 73  SER 73  73  73  SER SER A . n 
A 1 74  ALA 74  74  74  ALA ALA A . n 
A 1 75  THR 75  75  75  THR THR A . n 
A 1 76  VAL 76  76  76  VAL VAL A . n 
A 1 77  ALA 77  77  77  ALA ALA A . n 
A 1 78  THR 78  78  78  THR THR A . n 
A 1 79  GLU 79  79  79  GLU GLU A . n 
A 1 80  VAL 80  80  80  VAL VAL A . n 
A 1 81  ASN 81  81  81  ASN ASN A . n 
A 1 82  THR 82  82  82  THR THR A . n 
A 1 83  SER 83  83  83  SER SER A . n 
A 1 84  ILE 84  84  84  ILE ILE A . n 
A 1 85  GLN 85  85  85  GLN GLN A . n 
A 1 86  ILE 86  86  86  ILE ILE A . n 
A 1 87  ARG 87  87  87  ARG ARG A . n 
A 1 88  SER 88  88  88  SER SER A . n 
A 1 89  ASP 89  89  89  ASP ASP A . n 
A 1 90  SER 90  90  90  SER SER A . n 
A 1 91  PRO 91  91  91  PRO PRO A . n 
A 1 92  THR 92  92  92  THR THR A . n 
A 1 93  GLY 93  93  93  GLY GLY A . n 
A 1 94  THR 94  94  94  THR THR A . n 
A 1 95  LEU 95  95  95  LEU LEU A . n 
A 1 96  LEU 96  96  96  LEU LEU A . n 
A 1 97  GLY 97  97  97  GLY GLY A . n 
A 1 98  THR 98  98  98  THR THR A . n 
A 1 99  LEU 99  99  99  LEU LEU A . n 
A 1 100 TYR 100 100 100 TYR TYR A . n 
A 1 101 VAL 101 101 101 VAL VAL A . n 
A 1 102 SER 102 102 102 SER SER A . n 
A 1 103 SER 103 103 103 SER SER A . n 
A 1 104 THR 104 104 104 THR THR A . n 
A 1 105 GLY 105 105 105 GLY GLY A . n 
A 1 106 SER 106 106 106 SER SER A . n 
A 1 107 TRP 107 107 107 TRP TRP A . n 
A 1 108 ASN 108 108 108 ASN ASN A . n 
A 1 109 THR 109 109 109 THR THR A . n 
A 1 110 TYR 110 110 110 TYR TYR A . n 
A 1 111 ASN 111 111 111 ASN ASN A . n 
A 1 112 THR 112 112 112 THR THR A . n 
A 1 113 VAL 113 113 113 VAL VAL A . n 
A 1 114 SER 114 114 114 SER SER A . n 
A 1 115 THR 115 115 115 THR THR A . n 
A 1 116 ASN 116 116 116 ASN ASN A . n 
A 1 117 ILE 117 117 117 ILE ILE A . n 
A 1 118 SER 118 118 118 SER SER A . n 
A 1 119 LYS 119 119 119 LYS LYS A . n 
A 1 120 ILE 120 120 120 ILE ILE A . n 
A 1 121 THR 121 121 121 THR THR A . n 
A 1 122 GLY 122 122 122 GLY GLY A . n 
A 1 123 VAL 123 123 123 VAL VAL A . n 
A 1 124 HIS 124 124 124 HIS HIS A . n 
A 1 125 ASP 125 125 125 ASP ASP A . n 
A 1 126 ILE 126 126 126 ILE ILE A . n 
A 1 127 VAL 127 127 127 VAL VAL A . n 
A 1 128 LEU 128 128 128 LEU LEU A . n 
A 1 129 VAL 129 129 129 VAL VAL A . n 
A 1 130 PHE 130 130 130 PHE PHE A . n 
A 1 131 SER 131 131 131 SER SER A . n 
A 1 132 GLY 132 132 132 GLY GLY A . n 
A 1 133 PRO 133 133 133 PRO PRO A . n 
A 1 134 VAL 134 134 134 VAL VAL A . n 
A 1 135 ASN 135 135 135 ASN ASN A . n 
A 1 136 VAL 136 136 136 VAL VAL A . n 
A 1 137 ASP 137 137 137 ASP ASP A . n 
A 1 138 ASN 138 138 138 ASN ASN A . n 
A 1 139 PHE 139 139 139 PHE PHE A . n 
A 1 140 ILE 140 140 140 ILE ILE A . n 
A 1 141 PHE 141 141 141 PHE PHE A . n 
A 1 142 SER 142 142 142 SER SER A . n 
A 1 143 ARG 143 143 143 ARG ARG A . n 
A 1 144 SER 144 144 144 SER SER A . n 
A 1 145 SER 145 145 145 SER SER A . n 
# 
loop_
_pdbx_nonpoly_scheme.asym_id 
_pdbx_nonpoly_scheme.entity_id 
_pdbx_nonpoly_scheme.mon_id 
_pdbx_nonpoly_scheme.ndb_seq_num 
_pdbx_nonpoly_scheme.pdb_seq_num 
_pdbx_nonpoly_scheme.auth_seq_num 
_pdbx_nonpoly_scheme.pdb_mon_id 
_pdbx_nonpoly_scheme.auth_mon_id 
_pdbx_nonpoly_scheme.pdb_strand_id 
_pdbx_nonpoly_scheme.pdb_ins_code 
C 3 NA  1   1146 1146 NA  NA  A . 
D 4 CA  1   1147 1147 CA  CA  A . 
E 5 GOL 1   1152 1152 GOL GOL A . 
F 6 HOH 1   2001 2001 HOH HOH A . 
F 6 HOH 2   2002 2002 HOH HOH A . 
F 6 HOH 3   2003 2003 HOH HOH A . 
F 6 HOH 4   2004 2004 HOH HOH A . 
F 6 HOH 5   2005 2005 HOH HOH A . 
F 6 HOH 6   2006 2006 HOH HOH A . 
F 6 HOH 7   2007 2007 HOH HOH A . 
F 6 HOH 8   2008 2008 HOH HOH A . 
F 6 HOH 9   2009 2009 HOH HOH A . 
F 6 HOH 10  2010 2010 HOH HOH A . 
F 6 HOH 11  2011 2011 HOH HOH A . 
F 6 HOH 12  2012 2012 HOH HOH A . 
F 6 HOH 13  2013 2013 HOH HOH A . 
F 6 HOH 14  2014 2014 HOH HOH A . 
F 6 HOH 15  2015 2015 HOH HOH A . 
F 6 HOH 16  2016 2016 HOH HOH A . 
F 6 HOH 17  2017 2017 HOH HOH A . 
F 6 HOH 18  2018 2018 HOH HOH A . 
F 6 HOH 19  2019 2019 HOH HOH A . 
F 6 HOH 20  2020 2020 HOH HOH A . 
F 6 HOH 21  2021 2021 HOH HOH A . 
F 6 HOH 22  2022 2022 HOH HOH A . 
F 6 HOH 23  2023 2023 HOH HOH A . 
F 6 HOH 24  2024 2024 HOH HOH A . 
F 6 HOH 25  2025 2025 HOH HOH A . 
F 6 HOH 26  2026 2026 HOH HOH A . 
F 6 HOH 27  2027 2027 HOH HOH A . 
F 6 HOH 28  2028 2028 HOH HOH A . 
F 6 HOH 29  2029 2029 HOH HOH A . 
F 6 HOH 30  2030 2030 HOH HOH A . 
F 6 HOH 31  2031 2031 HOH HOH A . 
F 6 HOH 32  2032 2032 HOH HOH A . 
F 6 HOH 33  2033 2033 HOH HOH A . 
F 6 HOH 34  2034 2034 HOH HOH A . 
F 6 HOH 35  2035 2035 HOH HOH A . 
F 6 HOH 36  2036 2036 HOH HOH A . 
F 6 HOH 37  2037 2037 HOH HOH A . 
F 6 HOH 38  2038 2038 HOH HOH A . 
F 6 HOH 39  2039 2039 HOH HOH A . 
F 6 HOH 40  2040 2040 HOH HOH A . 
F 6 HOH 41  2041 2041 HOH HOH A . 
F 6 HOH 42  2042 2042 HOH HOH A . 
F 6 HOH 43  2043 2043 HOH HOH A . 
F 6 HOH 44  2044 2044 HOH HOH A . 
F 6 HOH 45  2045 2045 HOH HOH A . 
F 6 HOH 46  2046 2046 HOH HOH A . 
F 6 HOH 47  2047 2047 HOH HOH A . 
F 6 HOH 48  2048 2048 HOH HOH A . 
F 6 HOH 49  2049 2049 HOH HOH A . 
F 6 HOH 50  2050 2050 HOH HOH A . 
F 6 HOH 51  2051 2051 HOH HOH A . 
F 6 HOH 52  2052 2052 HOH HOH A . 
F 6 HOH 53  2053 2053 HOH HOH A . 
F 6 HOH 54  2054 2054 HOH HOH A . 
F 6 HOH 55  2055 2055 HOH HOH A . 
F 6 HOH 56  2056 2056 HOH HOH A . 
F 6 HOH 57  2057 2057 HOH HOH A . 
F 6 HOH 58  2058 2058 HOH HOH A . 
F 6 HOH 59  2059 2059 HOH HOH A . 
F 6 HOH 60  2060 2060 HOH HOH A . 
F 6 HOH 61  2061 2061 HOH HOH A . 
F 6 HOH 62  2062 2062 HOH HOH A . 
F 6 HOH 63  2063 2063 HOH HOH A . 
F 6 HOH 64  2064 2064 HOH HOH A . 
F 6 HOH 65  2065 2065 HOH HOH A . 
F 6 HOH 66  2066 2066 HOH HOH A . 
F 6 HOH 67  2067 2067 HOH HOH A . 
F 6 HOH 68  2068 2068 HOH HOH A . 
F 6 HOH 69  2069 2069 HOH HOH A . 
F 6 HOH 70  2070 2070 HOH HOH A . 
F 6 HOH 71  2071 2071 HOH HOH A . 
F 6 HOH 72  2072 2072 HOH HOH A . 
F 6 HOH 73  2073 2073 HOH HOH A . 
F 6 HOH 74  2074 2074 HOH HOH A . 
F 6 HOH 75  2075 2075 HOH HOH A . 
F 6 HOH 76  2076 2076 HOH HOH A . 
F 6 HOH 77  2077 2077 HOH HOH A . 
F 6 HOH 78  2078 2078 HOH HOH A . 
F 6 HOH 79  2079 2079 HOH HOH A . 
F 6 HOH 80  2080 2080 HOH HOH A . 
F 6 HOH 81  2081 2081 HOH HOH A . 
F 6 HOH 82  2082 2082 HOH HOH A . 
F 6 HOH 83  2083 2083 HOH HOH A . 
F 6 HOH 84  2084 2084 HOH HOH A . 
F 6 HOH 85  2085 2085 HOH HOH A . 
F 6 HOH 86  2086 2086 HOH HOH A . 
F 6 HOH 87  2087 2087 HOH HOH A . 
F 6 HOH 88  2088 2088 HOH HOH A . 
F 6 HOH 89  2089 2089 HOH HOH A . 
F 6 HOH 90  2090 2090 HOH HOH A . 
F 6 HOH 91  2091 2091 HOH HOH A . 
F 6 HOH 92  2092 2092 HOH HOH A . 
F 6 HOH 93  2093 2093 HOH HOH A . 
F 6 HOH 94  2094 2094 HOH HOH A . 
F 6 HOH 95  2095 2095 HOH HOH A . 
F 6 HOH 96  2096 2096 HOH HOH A . 
F 6 HOH 97  2097 2097 HOH HOH A . 
F 6 HOH 98  2098 2098 HOH HOH A . 
F 6 HOH 99  2099 2099 HOH HOH A . 
F 6 HOH 100 2100 2100 HOH HOH A . 
F 6 HOH 101 2101 2101 HOH HOH A . 
F 6 HOH 102 2102 2102 HOH HOH A . 
F 6 HOH 103 2103 2103 HOH HOH A . 
F 6 HOH 104 2104 2104 HOH HOH A . 
F 6 HOH 105 2105 2105 HOH HOH A . 
F 6 HOH 106 2106 2106 HOH HOH A . 
F 6 HOH 107 2107 2107 HOH HOH A . 
F 6 HOH 108 2108 2108 HOH HOH A . 
F 6 HOH 109 2109 2109 HOH HOH A . 
F 6 HOH 110 2110 2110 HOH HOH A . 
F 6 HOH 111 2111 2111 HOH HOH A . 
F 6 HOH 112 2112 2112 HOH HOH A . 
F 6 HOH 113 2113 2113 HOH HOH A . 
F 6 HOH 114 2114 2114 HOH HOH A . 
F 6 HOH 115 2115 2115 HOH HOH A . 
F 6 HOH 116 2116 2116 HOH HOH A . 
F 6 HOH 117 2117 2117 HOH HOH A . 
F 6 HOH 118 2118 2118 HOH HOH A . 
F 6 HOH 119 2119 2119 HOH HOH A . 
F 6 HOH 120 2120 2120 HOH HOH A . 
F 6 HOH 121 2121 2121 HOH HOH A . 
F 6 HOH 122 2122 2122 HOH HOH A . 
F 6 HOH 123 2123 2123 HOH HOH A . 
F 6 HOH 124 2124 2124 HOH HOH A . 
F 6 HOH 125 2125 2125 HOH HOH A . 
F 6 HOH 126 2126 2126 HOH HOH A . 
F 6 HOH 127 2127 2127 HOH HOH A . 
F 6 HOH 128 2128 2128 HOH HOH A . 
F 6 HOH 129 2129 2129 HOH HOH A . 
F 6 HOH 130 2130 2130 HOH HOH A . 
F 6 HOH 131 2131 2131 HOH HOH A . 
F 6 HOH 132 2132 2132 HOH HOH A . 
F 6 HOH 133 2133 2133 HOH HOH A . 
F 6 HOH 134 2134 2134 HOH HOH A . 
F 6 HOH 135 2135 2135 HOH HOH A . 
F 6 HOH 136 2136 2136 HOH HOH A . 
F 6 HOH 137 2137 2137 HOH HOH A . 
F 6 HOH 138 2138 2138 HOH HOH A . 
F 6 HOH 139 2139 2139 HOH HOH A . 
F 6 HOH 140 2140 2140 HOH HOH A . 
F 6 HOH 141 2141 2141 HOH HOH A . 
F 6 HOH 142 2142 2142 HOH HOH A . 
F 6 HOH 143 2143 2143 HOH HOH A . 
F 6 HOH 144 2144 2144 HOH HOH A . 
F 6 HOH 145 2145 2145 HOH HOH A . 
F 6 HOH 146 2146 2146 HOH HOH A . 
F 6 HOH 147 2147 2147 HOH HOH A . 
F 6 HOH 148 2148 2148 HOH HOH A . 
F 6 HOH 149 2149 2149 HOH HOH A . 
F 6 HOH 150 2150 2150 HOH HOH A . 
F 6 HOH 151 2151 2151 HOH HOH A . 
F 6 HOH 152 2152 2152 HOH HOH A . 
F 6 HOH 153 2153 2153 HOH HOH A . 
F 6 HOH 154 2154 2154 HOH HOH A . 
F 6 HOH 155 2155 2155 HOH HOH A . 
F 6 HOH 156 2156 2156 HOH HOH A . 
F 6 HOH 157 2157 2157 HOH HOH A . 
F 6 HOH 158 2158 2158 HOH HOH A . 
F 6 HOH 159 2159 2159 HOH HOH A . 
F 6 HOH 160 2160 2160 HOH HOH A . 
F 6 HOH 161 2161 2161 HOH HOH A . 
F 6 HOH 162 2162 2162 HOH HOH A . 
F 6 HOH 163 2163 2163 HOH HOH A . 
F 6 HOH 164 2164 2164 HOH HOH A . 
F 6 HOH 165 2165 2165 HOH HOH A . 
F 6 HOH 166 2166 2166 HOH HOH A . 
# 
_pdbx_struct_assembly.id                   1 
_pdbx_struct_assembly.details              author_and_software_defined_assembly 
_pdbx_struct_assembly.method_details       PQS 
_pdbx_struct_assembly.oligomeric_details   monomeric 
_pdbx_struct_assembly.oligomeric_count     1 
# 
_pdbx_struct_assembly_gen.assembly_id       1 
_pdbx_struct_assembly_gen.oper_expression   1 
_pdbx_struct_assembly_gen.asym_id_list      A,B,C,D,E,F 
# 
_pdbx_struct_oper_list.id                   1 
_pdbx_struct_oper_list.type                 'identity operation' 
_pdbx_struct_oper_list.name                 1_555 
_pdbx_struct_oper_list.symmetry_operation   x,y,z 
_pdbx_struct_oper_list.matrix[1][1]         1.0000000000 
_pdbx_struct_oper_list.matrix[1][2]         0.0000000000 
_pdbx_struct_oper_list.matrix[1][3]         0.0000000000 
_pdbx_struct_oper_list.vector[1]            0.0000000000 
_pdbx_struct_oper_list.matrix[2][1]         0.0000000000 
_pdbx_struct_oper_list.matrix[2][2]         1.0000000000 
_pdbx_struct_oper_list.matrix[2][3]         0.0000000000 
_pdbx_struct_oper_list.vector[2]            0.0000000000 
_pdbx_struct_oper_list.matrix[3][1]         0.0000000000 
_pdbx_struct_oper_list.matrix[3][2]         0.0000000000 
_pdbx_struct_oper_list.matrix[3][3]         1.0000000000 
_pdbx_struct_oper_list.vector[3]            0.0000000000 
# 
_pdbx_struct_special_symmetry.id              1 
_pdbx_struct_special_symmetry.PDB_model_num   1 
_pdbx_struct_special_symmetry.auth_asym_id    A 
_pdbx_struct_special_symmetry.auth_comp_id    HOH 
_pdbx_struct_special_symmetry.auth_seq_id     2149 
_pdbx_struct_special_symmetry.PDB_ins_code    ? 
_pdbx_struct_special_symmetry.label_asym_id   F 
_pdbx_struct_special_symmetry.label_comp_id   HOH 
_pdbx_struct_special_symmetry.label_seq_id    . 
# 
loop_
_pdbx_struct_conn_angle.id 
_pdbx_struct_conn_angle.ptnr1_label_atom_id 
_pdbx_struct_conn_angle.ptnr1_label_alt_id 
_pdbx_struct_conn_angle.ptnr1_label_asym_id 
_pdbx_struct_conn_angle.ptnr1_label_comp_id 
_pdbx_struct_conn_angle.ptnr1_label_seq_id 
_pdbx_struct_conn_angle.ptnr1_auth_atom_id 
_pdbx_struct_conn_angle.ptnr1_auth_asym_id 
_pdbx_struct_conn_angle.ptnr1_auth_comp_id 
_pdbx_struct_conn_angle.ptnr1_auth_seq_id 
_pdbx_struct_conn_angle.ptnr1_PDB_ins_code 
_pdbx_struct_conn_angle.ptnr1_symmetry 
_pdbx_struct_conn_angle.ptnr2_label_atom_id 
_pdbx_struct_conn_angle.ptnr2_label_alt_id 
_pdbx_struct_conn_angle.ptnr2_label_asym_id 
_pdbx_struct_conn_angle.ptnr2_label_comp_id 
_pdbx_struct_conn_angle.ptnr2_label_seq_id 
_pdbx_struct_conn_angle.ptnr2_auth_atom_id 
_pdbx_struct_conn_angle.ptnr2_auth_asym_id 
_pdbx_struct_conn_angle.ptnr2_auth_comp_id 
_pdbx_struct_conn_angle.ptnr2_auth_seq_id 
_pdbx_struct_conn_angle.ptnr2_PDB_ins_code 
_pdbx_struct_conn_angle.ptnr2_symmetry 
_pdbx_struct_conn_angle.ptnr3_label_atom_id 
_pdbx_struct_conn_angle.ptnr3_label_alt_id 
_pdbx_struct_conn_angle.ptnr3_label_asym_id 
_pdbx_struct_conn_angle.ptnr3_label_comp_id 
_pdbx_struct_conn_angle.ptnr3_label_seq_id 
_pdbx_struct_conn_angle.ptnr3_auth_atom_id 
_pdbx_struct_conn_angle.ptnr3_auth_asym_id 
_pdbx_struct_conn_angle.ptnr3_auth_comp_id 
_pdbx_struct_conn_angle.ptnr3_auth_seq_id 
_pdbx_struct_conn_angle.ptnr3_PDB_ins_code 
_pdbx_struct_conn_angle.ptnr3_symmetry 
_pdbx_struct_conn_angle.value 
_pdbx_struct_conn_angle.value_esd 
1  OE1 ? A GLU 25  ? A GLU 25   ? 1_555 CA ? D CA . ? A CA 1147 ? 1_555 OE1 ? A GLU 27  ? A GLU 27   ? 1_555 100.8 ? 
2  OE1 ? A GLU 25  ? A GLU 25   ? 1_555 CA ? D CA . ? A CA 1147 ? 1_555 OE2 ? A GLU 27  ? A GLU 27   ? 1_555 87.1  ? 
3  OE1 ? A GLU 27  ? A GLU 27   ? 1_555 CA ? D CA . ? A CA 1147 ? 1_555 OE2 ? A GLU 27  ? A GLU 27   ? 1_555 50.9  ? 
4  OE1 ? A GLU 25  ? A GLU 25   ? 1_555 CA ? D CA . ? A CA 1147 ? 1_555 O   ? A ARG 47  ? A ARG 47   ? 1_555 167.6 ? 
5  OE1 ? A GLU 27  ? A GLU 27   ? 1_555 CA ? D CA . ? A CA 1147 ? 1_555 O   ? A ARG 47  ? A ARG 47   ? 1_555 81.6  ? 
6  OE2 ? A GLU 27  ? A GLU 27   ? 1_555 CA ? D CA . ? A CA 1147 ? 1_555 O   ? A ARG 47  ? A ARG 47   ? 1_555 85.1  ? 
7  OE1 ? A GLU 25  ? A GLU 25   ? 1_555 CA ? D CA . ? A CA 1147 ? 1_555 OD1 ? A ASP 137 ? A ASP 137  ? 1_555 100.2 ? 
8  OE1 ? A GLU 27  ? A GLU 27   ? 1_555 CA ? D CA . ? A CA 1147 ? 1_555 OD1 ? A ASP 137 ? A ASP 137  ? 1_555 142.5 ? 
9  OE2 ? A GLU 27  ? A GLU 27   ? 1_555 CA ? D CA . ? A CA 1147 ? 1_555 OD1 ? A ASP 137 ? A ASP 137  ? 1_555 160.7 ? 
10 O   ? A ARG 47  ? A ARG 47   ? 1_555 CA ? D CA . ? A CA 1147 ? 1_555 OD1 ? A ASP 137 ? A ASP 137  ? 1_555 84.5  ? 
11 OE1 ? A GLU 25  ? A GLU 25   ? 1_555 CA ? D CA . ? A CA 1147 ? 1_555 O   ? A ASP 137 ? A ASP 137  ? 1_555 87.4  ? 
12 OE1 ? A GLU 27  ? A GLU 27   ? 1_555 CA ? D CA . ? A CA 1147 ? 1_555 O   ? A ASP 137 ? A ASP 137  ? 1_555 76.1  ? 
13 OE2 ? A GLU 27  ? A GLU 27   ? 1_555 CA ? D CA . ? A CA 1147 ? 1_555 O   ? A ASP 137 ? A ASP 137  ? 1_555 124.4 ? 
14 O   ? A ARG 47  ? A ARG 47   ? 1_555 CA ? D CA . ? A CA 1147 ? 1_555 O   ? A ASP 137 ? A ASP 137  ? 1_555 104.9 ? 
15 OD1 ? A ASP 137 ? A ASP 137  ? 1_555 CA ? D CA . ? A CA 1147 ? 1_555 O   ? A ASP 137 ? A ASP 137  ? 1_555 74.1  ? 
16 OE1 ? A GLU 25  ? A GLU 25   ? 1_555 CA ? D CA . ? A CA 1147 ? 1_555 O   ? F HOH .   ? A HOH 2055 ? 1_555 88.1  ? 
17 OE1 ? A GLU 27  ? A GLU 27   ? 1_555 CA ? D CA . ? A CA 1147 ? 1_555 O   ? F HOH .   ? A HOH 2055 ? 1_555 127.3 ? 
18 OE2 ? A GLU 27  ? A GLU 27   ? 1_555 CA ? D CA . ? A CA 1147 ? 1_555 O   ? F HOH .   ? A HOH 2055 ? 1_555 78.3  ? 
19 O   ? A ARG 47  ? A ARG 47   ? 1_555 CA ? D CA . ? A CA 1147 ? 1_555 O   ? F HOH .   ? A HOH 2055 ? 1_555 80.9  ? 
20 OD1 ? A ASP 137 ? A ASP 137  ? 1_555 CA ? D CA . ? A CA 1147 ? 1_555 O   ? F HOH .   ? A HOH 2055 ? 1_555 84.1  ? 
21 O   ? A ASP 137 ? A ASP 137  ? 1_555 CA ? D CA . ? A CA 1147 ? 1_555 O   ? F HOH .   ? A HOH 2055 ? 1_555 156.6 ? 
22 OG  ? A SER 35  ? A SER 35   ? 1_555 NA ? C NA . ? A NA 1146 ? 1_555 O   ? A THR 98  ? A THR 98   ? 3_545 92.5  ? 
23 OG  ? A SER 35  ? A SER 35   ? 1_555 NA ? C NA . ? A NA 1146 ? 1_555 OG1 ? A THR 115 ? A THR 115  ? 3_545 163.6 ? 
24 O   ? A THR 98  ? A THR 98   ? 3_545 NA ? C NA . ? A NA 1146 ? 1_555 OG1 ? A THR 115 ? A THR 115  ? 3_545 84.1  ? 
25 OG  ? A SER 35  ? A SER 35   ? 1_555 NA ? C NA . ? A NA 1146 ? 1_555 O   ? F HOH .   ? A HOH 2106 ? 3_545 105.9 ? 
26 O   ? A THR 98  ? A THR 98   ? 3_545 NA ? C NA . ? A NA 1146 ? 1_555 O   ? F HOH .   ? A HOH 2106 ? 3_545 91.7  ? 
27 OG1 ? A THR 115 ? A THR 115  ? 3_545 NA ? C NA . ? A NA 1146 ? 1_555 O   ? F HOH .   ? A HOH 2106 ? 3_545 90.3  ? 
28 OG  ? A SER 35  ? A SER 35   ? 1_555 NA ? C NA . ? A NA 1146 ? 1_555 O   ? F HOH .   ? A HOH 2125 ? 3_545 82.3  ? 
29 O   ? A THR 98  ? A THR 98   ? 3_545 NA ? C NA . ? A NA 1146 ? 1_555 O   ? F HOH .   ? A HOH 2125 ? 3_545 88.5  ? 
30 OG1 ? A THR 115 ? A THR 115  ? 3_545 NA ? C NA . ? A NA 1146 ? 1_555 O   ? F HOH .   ? A HOH 2125 ? 3_545 81.5  ? 
31 O   ? F HOH .   ? A HOH 2106 ? 3_545 NA ? C NA . ? A NA 1146 ? 1_555 O   ? F HOH .   ? A HOH 2125 ? 3_545 171.8 ? 
32 OG  ? A SER 35  ? A SER 35   ? 1_555 NA ? C NA . ? A NA 1146 ? 1_555 O   ? F HOH .   ? A HOH 2126 ? 3_545 98.7  ? 
33 O   ? A THR 98  ? A THR 98   ? 3_545 NA ? C NA . ? A NA 1146 ? 1_555 O   ? F HOH .   ? A HOH 2126 ? 3_545 166.8 ? 
34 OG1 ? A THR 115 ? A THR 115  ? 3_545 NA ? C NA . ? A NA 1146 ? 1_555 O   ? F HOH .   ? A HOH 2126 ? 3_545 86.9  ? 
35 O   ? F HOH .   ? A HOH 2106 ? 3_545 NA ? C NA . ? A NA 1146 ? 1_555 O   ? F HOH .   ? A HOH 2126 ? 3_545 78.6  ? 
36 O   ? F HOH .   ? A HOH 2125 ? 3_545 NA ? C NA . ? A NA 1146 ? 1_555 O   ? F HOH .   ? A HOH 2126 ? 3_545 99.8  ? 
# 
loop_
_pdbx_audit_revision_history.ordinal 
_pdbx_audit_revision_history.data_content_type 
_pdbx_audit_revision_history.major_revision 
_pdbx_audit_revision_history.minor_revision 
_pdbx_audit_revision_history.revision_date 
1 'Structure model' 1 0 2004-06-18 
2 'Structure model' 1 1 2011-05-07 
3 'Structure model' 1 2 2011-07-13 
4 'Structure model' 1 3 2017-07-05 
5 'Structure model' 2 0 2020-07-29 
6 'Structure model' 2 1 2023-12-13 
# 
loop_
_pdbx_audit_revision_details.ordinal 
_pdbx_audit_revision_details.revision_ordinal 
_pdbx_audit_revision_details.data_content_type 
_pdbx_audit_revision_details.provider 
_pdbx_audit_revision_details.type 
_pdbx_audit_revision_details.description 
_pdbx_audit_revision_details.details 
1 1 'Structure model' repository 'Initial release' ?                          ? 
2 5 'Structure model' repository Remediation       'Carbohydrate remediation' ? 
# 
loop_
_pdbx_audit_revision_group.ordinal 
_pdbx_audit_revision_group.revision_ordinal 
_pdbx_audit_revision_group.data_content_type 
_pdbx_audit_revision_group.group 
1  2 'Structure model' 'Version format compliance' 
2  3 'Structure model' 'Version format compliance' 
3  4 'Structure model' 'Data collection'           
4  5 'Structure model' 'Atomic model'              
5  5 'Structure model' 'Data collection'           
6  5 'Structure model' 'Derived calculations'      
7  5 'Structure model' Other                       
8  5 'Structure model' 'Structure summary'         
9  6 'Structure model' 'Data collection'           
10 6 'Structure model' 'Database references'       
11 6 'Structure model' 'Derived calculations'      
12 6 'Structure model' 'Refinement description'    
13 6 'Structure model' 'Structure summary'         
# 
loop_
_pdbx_audit_revision_category.ordinal 
_pdbx_audit_revision_category.revision_ordinal 
_pdbx_audit_revision_category.data_content_type 
_pdbx_audit_revision_category.category 
1  4 'Structure model' diffrn_source                 
2  5 'Structure model' atom_site                     
3  5 'Structure model' chem_comp                     
4  5 'Structure model' entity                        
5  5 'Structure model' pdbx_branch_scheme            
6  5 'Structure model' pdbx_chem_comp_identifier     
7  5 'Structure model' pdbx_database_status          
8  5 'Structure model' pdbx_entity_branch            
9  5 'Structure model' pdbx_entity_branch_descriptor 
10 5 'Structure model' pdbx_entity_branch_link       
11 5 'Structure model' pdbx_entity_branch_list       
12 5 'Structure model' pdbx_entity_nonpoly           
13 5 'Structure model' pdbx_nonpoly_scheme           
14 5 'Structure model' pdbx_struct_assembly_gen      
15 5 'Structure model' pdbx_struct_conn_angle        
16 5 'Structure model' pdbx_struct_special_symmetry  
17 5 'Structure model' struct_asym                   
18 5 'Structure model' struct_conn                   
19 5 'Structure model' struct_conn_type              
20 5 'Structure model' struct_site                   
21 5 'Structure model' struct_site_gen               
22 6 'Structure model' chem_comp                     
23 6 'Structure model' chem_comp_atom                
24 6 'Structure model' chem_comp_bond                
25 6 'Structure model' database_2                    
26 6 'Structure model' pdbx_initial_refinement_model 
27 6 'Structure model' struct_conn                   
# 
loop_
_pdbx_audit_revision_item.ordinal 
_pdbx_audit_revision_item.revision_ordinal 
_pdbx_audit_revision_item.data_content_type 
_pdbx_audit_revision_item.item 
1  4 'Structure model' '_diffrn_source.type'                         
2  5 'Structure model' '_atom_site.B_iso_or_equiv'                   
3  5 'Structure model' '_atom_site.Cartn_x'                          
4  5 'Structure model' '_atom_site.Cartn_y'                          
5  5 'Structure model' '_atom_site.Cartn_z'                          
6  5 'Structure model' '_atom_site.auth_asym_id'                     
7  5 'Structure model' '_atom_site.auth_atom_id'                     
8  5 'Structure model' '_atom_site.auth_comp_id'                     
9  5 'Structure model' '_atom_site.auth_seq_id'                      
10 5 'Structure model' '_atom_site.label_asym_id'                    
11 5 'Structure model' '_atom_site.label_atom_id'                    
12 5 'Structure model' '_atom_site.label_comp_id'                    
13 5 'Structure model' '_atom_site.label_entity_id'                  
14 5 'Structure model' '_atom_site.type_symbol'                      
15 5 'Structure model' '_chem_comp.name'                             
16 5 'Structure model' '_chem_comp.type'                             
17 5 'Structure model' '_entity.formula_weight'                      
18 5 'Structure model' '_entity.pdbx_description'                    
19 5 'Structure model' '_entity.pdbx_number_of_molecules'            
20 5 'Structure model' '_entity.src_method'                          
21 5 'Structure model' '_entity.type'                                
22 5 'Structure model' '_pdbx_database_status.status_code_sf'        
23 5 'Structure model' '_pdbx_struct_assembly_gen.asym_id_list'      
24 5 'Structure model' '_pdbx_struct_conn_angle.ptnr1_auth_comp_id'  
25 5 'Structure model' '_pdbx_struct_conn_angle.ptnr1_auth_seq_id'   
26 5 'Structure model' '_pdbx_struct_conn_angle.ptnr1_label_asym_id' 
27 5 'Structure model' '_pdbx_struct_conn_angle.ptnr1_label_atom_id' 
28 5 'Structure model' '_pdbx_struct_conn_angle.ptnr1_label_comp_id' 
29 5 'Structure model' '_pdbx_struct_conn_angle.ptnr1_label_seq_id'  
30 5 'Structure model' '_pdbx_struct_conn_angle.ptnr1_symmetry'      
31 5 'Structure model' '_pdbx_struct_conn_angle.ptnr2_auth_comp_id'  
32 5 'Structure model' '_pdbx_struct_conn_angle.ptnr2_auth_seq_id'   
33 5 'Structure model' '_pdbx_struct_conn_angle.ptnr2_label_asym_id' 
34 5 'Structure model' '_pdbx_struct_conn_angle.ptnr2_label_atom_id' 
35 5 'Structure model' '_pdbx_struct_conn_angle.ptnr2_label_comp_id' 
36 5 'Structure model' '_pdbx_struct_conn_angle.ptnr3_auth_comp_id'  
37 5 'Structure model' '_pdbx_struct_conn_angle.ptnr3_auth_seq_id'   
38 5 'Structure model' '_pdbx_struct_conn_angle.ptnr3_label_asym_id' 
39 5 'Structure model' '_pdbx_struct_conn_angle.ptnr3_label_atom_id' 
40 5 'Structure model' '_pdbx_struct_conn_angle.ptnr3_label_comp_id' 
41 5 'Structure model' '_pdbx_struct_conn_angle.ptnr3_label_seq_id'  
42 5 'Structure model' '_pdbx_struct_conn_angle.ptnr3_symmetry'      
43 5 'Structure model' '_pdbx_struct_conn_angle.value'               
44 5 'Structure model' '_pdbx_struct_special_symmetry.label_asym_id' 
45 5 'Structure model' '_struct_conn.conn_type_id'                   
46 5 'Structure model' '_struct_conn.id'                             
47 5 'Structure model' '_struct_conn.pdbx_dist_value'                
48 5 'Structure model' '_struct_conn.pdbx_leaving_atom_flag'         
49 5 'Structure model' '_struct_conn.ptnr1_auth_asym_id'             
50 5 'Structure model' '_struct_conn.ptnr1_auth_comp_id'             
51 5 'Structure model' '_struct_conn.ptnr1_auth_seq_id'              
52 5 'Structure model' '_struct_conn.ptnr1_label_asym_id'            
53 5 'Structure model' '_struct_conn.ptnr1_label_atom_id'            
54 5 'Structure model' '_struct_conn.ptnr1_label_comp_id'            
55 5 'Structure model' '_struct_conn.ptnr1_label_seq_id'             
56 5 'Structure model' '_struct_conn.ptnr1_symmetry'                 
57 5 'Structure model' '_struct_conn.ptnr2_auth_asym_id'             
58 5 'Structure model' '_struct_conn.ptnr2_auth_comp_id'             
59 5 'Structure model' '_struct_conn.ptnr2_auth_seq_id'              
60 5 'Structure model' '_struct_conn.ptnr2_label_asym_id'            
61 5 'Structure model' '_struct_conn.ptnr2_label_atom_id'            
62 5 'Structure model' '_struct_conn.ptnr2_label_comp_id'            
63 5 'Structure model' '_struct_conn.ptnr2_label_seq_id'             
64 5 'Structure model' '_struct_conn.ptnr2_symmetry'                 
65 5 'Structure model' '_struct_conn_type.id'                        
66 6 'Structure model' '_chem_comp.pdbx_synonyms'                    
67 6 'Structure model' '_database_2.pdbx_DOI'                        
68 6 'Structure model' '_database_2.pdbx_database_accession'         
69 6 'Structure model' '_struct_conn.pdbx_leaving_atom_flag'         
# 
loop_
_software.name 
_software.classification 
_software.version 
_software.citation_id 
_software.pdbx_ordinal 
REFMAC refinement       5.1.24 ? 1 
d*TREK 'data reduction' .      ? 2 
d*TREK 'data scaling'   .      ? 3 
MOLREP phasing          .      ? 4 
# 
_pdbx_database_remark.id     700 
_pdbx_database_remark.text   
;
SHEET
THE SHEET STRUCTURE OF THIS MOLECULE IS BIFURCATED. IN
ORDER TO REPRESENT THIS FEATURE IN THE SHEET RECORDS BELOW,
TWO SHEETS ARE DEFINED.
;
# 
_pdbx_validate_close_contact.id               1 
_pdbx_validate_close_contact.PDB_model_num    1 
_pdbx_validate_close_contact.auth_atom_id_1   ND2 
_pdbx_validate_close_contact.auth_asym_id_1   A 
_pdbx_validate_close_contact.auth_comp_id_1   ASN 
_pdbx_validate_close_contact.auth_seq_id_1    111 
_pdbx_validate_close_contact.PDB_ins_code_1   ? 
_pdbx_validate_close_contact.label_alt_id_1   ? 
_pdbx_validate_close_contact.auth_atom_id_2   O 
_pdbx_validate_close_contact.auth_asym_id_2   A 
_pdbx_validate_close_contact.auth_comp_id_2   HOH 
_pdbx_validate_close_contact.auth_seq_id_2    2118 
_pdbx_validate_close_contact.PDB_ins_code_2   ? 
_pdbx_validate_close_contact.label_alt_id_2   ? 
_pdbx_validate_close_contact.dist             2.11 
# 
loop_
_pdbx_validate_rmsd_angle.id 
_pdbx_validate_rmsd_angle.PDB_model_num 
_pdbx_validate_rmsd_angle.auth_atom_id_1 
_pdbx_validate_rmsd_angle.auth_asym_id_1 
_pdbx_validate_rmsd_angle.auth_comp_id_1 
_pdbx_validate_rmsd_angle.auth_seq_id_1 
_pdbx_validate_rmsd_angle.PDB_ins_code_1 
_pdbx_validate_rmsd_angle.label_alt_id_1 
_pdbx_validate_rmsd_angle.auth_atom_id_2 
_pdbx_validate_rmsd_angle.auth_asym_id_2 
_pdbx_validate_rmsd_angle.auth_comp_id_2 
_pdbx_validate_rmsd_angle.auth_seq_id_2 
_pdbx_validate_rmsd_angle.PDB_ins_code_2 
_pdbx_validate_rmsd_angle.label_alt_id_2 
_pdbx_validate_rmsd_angle.auth_atom_id_3 
_pdbx_validate_rmsd_angle.auth_asym_id_3 
_pdbx_validate_rmsd_angle.auth_comp_id_3 
_pdbx_validate_rmsd_angle.auth_seq_id_3 
_pdbx_validate_rmsd_angle.PDB_ins_code_3 
_pdbx_validate_rmsd_angle.label_alt_id_3 
_pdbx_validate_rmsd_angle.angle_value 
_pdbx_validate_rmsd_angle.angle_target_value 
_pdbx_validate_rmsd_angle.angle_deviation 
_pdbx_validate_rmsd_angle.angle_standard_deviation 
_pdbx_validate_rmsd_angle.linker_flag 
1 1 NE A ARG 17 ? ? CZ A ARG 17 ? ? NH2 A ARG 17 ? ? 123.35 120.30 3.05 0.50 N 
2 1 CB A ASP 19 ? ? CG A ASP 19 ? ? OD1 A ASP 19 ? ? 127.65 118.30 9.35 0.90 N 
# 
loop_
_pdbx_validate_torsion.id 
_pdbx_validate_torsion.PDB_model_num 
_pdbx_validate_torsion.auth_comp_id 
_pdbx_validate_torsion.auth_asym_id 
_pdbx_validate_torsion.auth_seq_id 
_pdbx_validate_torsion.PDB_ins_code 
_pdbx_validate_torsion.label_alt_id 
_pdbx_validate_torsion.phi 
_pdbx_validate_torsion.psi 
1 1 GLU A 28 ? ? -96.14 51.77  
2 1 ASP A 89 ? ? 74.49  -41.79 
# 
loop_
_pdbx_unobs_or_zero_occ_residues.id 
_pdbx_unobs_or_zero_occ_residues.PDB_model_num 
_pdbx_unobs_or_zero_occ_residues.polymer_flag 
_pdbx_unobs_or_zero_occ_residues.occupancy_flag 
_pdbx_unobs_or_zero_occ_residues.auth_asym_id 
_pdbx_unobs_or_zero_occ_residues.auth_comp_id 
_pdbx_unobs_or_zero_occ_residues.auth_seq_id 
_pdbx_unobs_or_zero_occ_residues.PDB_ins_code 
_pdbx_unobs_or_zero_occ_residues.label_asym_id 
_pdbx_unobs_or_zero_occ_residues.label_comp_id 
_pdbx_unobs_or_zero_occ_residues.label_seq_id 
1  1 Y 1 A GLY 1  ? A GLY 1  
2  1 Y 1 A SER 2  ? A SER 2  
3  1 Y 1 A HIS 3  ? A HIS 3  
4  1 Y 1 A MET 4  ? A MET 4  
5  1 Y 1 A ALA 5  ? A ALA 5  
6  1 Y 1 A SER 6  ? A SER 6  
7  1 Y 1 A PRO 7  ? A PRO 7  
8  1 Y 1 A THR 8  ? A THR 8  
9  1 Y 1 A PRO 9  ? A PRO 9  
10 1 Y 1 A ALA 10 ? A ALA 10 
11 1 Y 1 A PRO 11 ? A PRO 11 
12 1 Y 1 A SER 12 ? A SER 12 
13 1 Y 1 A GLN 13 ? A GLN 13 
# 
loop_
_chem_comp_atom.comp_id 
_chem_comp_atom.atom_id 
_chem_comp_atom.type_symbol 
_chem_comp_atom.pdbx_aromatic_flag 
_chem_comp_atom.pdbx_stereo_config 
_chem_comp_atom.pdbx_ordinal 
ALA N    N  N N 1   
ALA CA   C  N S 2   
ALA C    C  N N 3   
ALA O    O  N N 4   
ALA CB   C  N N 5   
ALA OXT  O  N N 6   
ALA H    H  N N 7   
ALA H2   H  N N 8   
ALA HA   H  N N 9   
ALA HB1  H  N N 10  
ALA HB2  H  N N 11  
ALA HB3  H  N N 12  
ALA HXT  H  N N 13  
ARG N    N  N N 14  
ARG CA   C  N S 15  
ARG C    C  N N 16  
ARG O    O  N N 17  
ARG CB   C  N N 18  
ARG CG   C  N N 19  
ARG CD   C  N N 20  
ARG NE   N  N N 21  
ARG CZ   C  N N 22  
ARG NH1  N  N N 23  
ARG NH2  N  N N 24  
ARG OXT  O  N N 25  
ARG H    H  N N 26  
ARG H2   H  N N 27  
ARG HA   H  N N 28  
ARG HB2  H  N N 29  
ARG HB3  H  N N 30  
ARG HG2  H  N N 31  
ARG HG3  H  N N 32  
ARG HD2  H  N N 33  
ARG HD3  H  N N 34  
ARG HE   H  N N 35  
ARG HH11 H  N N 36  
ARG HH12 H  N N 37  
ARG HH21 H  N N 38  
ARG HH22 H  N N 39  
ARG HXT  H  N N 40  
ASN N    N  N N 41  
ASN CA   C  N S 42  
ASN C    C  N N 43  
ASN O    O  N N 44  
ASN CB   C  N N 45  
ASN CG   C  N N 46  
ASN OD1  O  N N 47  
ASN ND2  N  N N 48  
ASN OXT  O  N N 49  
ASN H    H  N N 50  
ASN H2   H  N N 51  
ASN HA   H  N N 52  
ASN HB2  H  N N 53  
ASN HB3  H  N N 54  
ASN HD21 H  N N 55  
ASN HD22 H  N N 56  
ASN HXT  H  N N 57  
ASP N    N  N N 58  
ASP CA   C  N S 59  
ASP C    C  N N 60  
ASP O    O  N N 61  
ASP CB   C  N N 62  
ASP CG   C  N N 63  
ASP OD1  O  N N 64  
ASP OD2  O  N N 65  
ASP OXT  O  N N 66  
ASP H    H  N N 67  
ASP H2   H  N N 68  
ASP HA   H  N N 69  
ASP HB2  H  N N 70  
ASP HB3  H  N N 71  
ASP HD2  H  N N 72  
ASP HXT  H  N N 73  
CA  CA   CA N N 74  
GLN N    N  N N 75  
GLN CA   C  N S 76  
GLN C    C  N N 77  
GLN O    O  N N 78  
GLN CB   C  N N 79  
GLN CG   C  N N 80  
GLN CD   C  N N 81  
GLN OE1  O  N N 82  
GLN NE2  N  N N 83  
GLN OXT  O  N N 84  
GLN H    H  N N 85  
GLN H2   H  N N 86  
GLN HA   H  N N 87  
GLN HB2  H  N N 88  
GLN HB3  H  N N 89  
GLN HG2  H  N N 90  
GLN HG3  H  N N 91  
GLN HE21 H  N N 92  
GLN HE22 H  N N 93  
GLN HXT  H  N N 94  
GLU N    N  N N 95  
GLU CA   C  N S 96  
GLU C    C  N N 97  
GLU O    O  N N 98  
GLU CB   C  N N 99  
GLU CG   C  N N 100 
GLU CD   C  N N 101 
GLU OE1  O  N N 102 
GLU OE2  O  N N 103 
GLU OXT  O  N N 104 
GLU H    H  N N 105 
GLU H2   H  N N 106 
GLU HA   H  N N 107 
GLU HB2  H  N N 108 
GLU HB3  H  N N 109 
GLU HG2  H  N N 110 
GLU HG3  H  N N 111 
GLU HE2  H  N N 112 
GLU HXT  H  N N 113 
GLY N    N  N N 114 
GLY CA   C  N N 115 
GLY C    C  N N 116 
GLY O    O  N N 117 
GLY OXT  O  N N 118 
GLY H    H  N N 119 
GLY H2   H  N N 120 
GLY HA2  H  N N 121 
GLY HA3  H  N N 122 
GLY HXT  H  N N 123 
GOL C1   C  N N 124 
GOL O1   O  N N 125 
GOL C2   C  N N 126 
GOL O2   O  N N 127 
GOL C3   C  N N 128 
GOL O3   O  N N 129 
GOL H11  H  N N 130 
GOL H12  H  N N 131 
GOL HO1  H  N N 132 
GOL H2   H  N N 133 
GOL HO2  H  N N 134 
GOL H31  H  N N 135 
GOL H32  H  N N 136 
GOL HO3  H  N N 137 
HIS N    N  N N 138 
HIS CA   C  N S 139 
HIS C    C  N N 140 
HIS O    O  N N 141 
HIS CB   C  N N 142 
HIS CG   C  Y N 143 
HIS ND1  N  Y N 144 
HIS CD2  C  Y N 145 
HIS CE1  C  Y N 146 
HIS NE2  N  Y N 147 
HIS OXT  O  N N 148 
HIS H    H  N N 149 
HIS H2   H  N N 150 
HIS HA   H  N N 151 
HIS HB2  H  N N 152 
HIS HB3  H  N N 153 
HIS HD1  H  N N 154 
HIS HD2  H  N N 155 
HIS HE1  H  N N 156 
HIS HE2  H  N N 157 
HIS HXT  H  N N 158 
HOH O    O  N N 159 
HOH H1   H  N N 160 
HOH H2   H  N N 161 
ILE N    N  N N 162 
ILE CA   C  N S 163 
ILE C    C  N N 164 
ILE O    O  N N 165 
ILE CB   C  N S 166 
ILE CG1  C  N N 167 
ILE CG2  C  N N 168 
ILE CD1  C  N N 169 
ILE OXT  O  N N 170 
ILE H    H  N N 171 
ILE H2   H  N N 172 
ILE HA   H  N N 173 
ILE HB   H  N N 174 
ILE HG12 H  N N 175 
ILE HG13 H  N N 176 
ILE HG21 H  N N 177 
ILE HG22 H  N N 178 
ILE HG23 H  N N 179 
ILE HD11 H  N N 180 
ILE HD12 H  N N 181 
ILE HD13 H  N N 182 
ILE HXT  H  N N 183 
LEU N    N  N N 184 
LEU CA   C  N S 185 
LEU C    C  N N 186 
LEU O    O  N N 187 
LEU CB   C  N N 188 
LEU CG   C  N N 189 
LEU CD1  C  N N 190 
LEU CD2  C  N N 191 
LEU OXT  O  N N 192 
LEU H    H  N N 193 
LEU H2   H  N N 194 
LEU HA   H  N N 195 
LEU HB2  H  N N 196 
LEU HB3  H  N N 197 
LEU HG   H  N N 198 
LEU HD11 H  N N 199 
LEU HD12 H  N N 200 
LEU HD13 H  N N 201 
LEU HD21 H  N N 202 
LEU HD22 H  N N 203 
LEU HD23 H  N N 204 
LEU HXT  H  N N 205 
LYS N    N  N N 206 
LYS CA   C  N S 207 
LYS C    C  N N 208 
LYS O    O  N N 209 
LYS CB   C  N N 210 
LYS CG   C  N N 211 
LYS CD   C  N N 212 
LYS CE   C  N N 213 
LYS NZ   N  N N 214 
LYS OXT  O  N N 215 
LYS H    H  N N 216 
LYS H2   H  N N 217 
LYS HA   H  N N 218 
LYS HB2  H  N N 219 
LYS HB3  H  N N 220 
LYS HG2  H  N N 221 
LYS HG3  H  N N 222 
LYS HD2  H  N N 223 
LYS HD3  H  N N 224 
LYS HE2  H  N N 225 
LYS HE3  H  N N 226 
LYS HZ1  H  N N 227 
LYS HZ2  H  N N 228 
LYS HZ3  H  N N 229 
LYS HXT  H  N N 230 
MET N    N  N N 231 
MET CA   C  N S 232 
MET C    C  N N 233 
MET O    O  N N 234 
MET CB   C  N N 235 
MET CG   C  N N 236 
MET SD   S  N N 237 
MET CE   C  N N 238 
MET OXT  O  N N 239 
MET H    H  N N 240 
MET H2   H  N N 241 
MET HA   H  N N 242 
MET HB2  H  N N 243 
MET HB3  H  N N 244 
MET HG2  H  N N 245 
MET HG3  H  N N 246 
MET HE1  H  N N 247 
MET HE2  H  N N 248 
MET HE3  H  N N 249 
MET HXT  H  N N 250 
NA  NA   NA N N 251 
PHE N    N  N N 252 
PHE CA   C  N S 253 
PHE C    C  N N 254 
PHE O    O  N N 255 
PHE CB   C  N N 256 
PHE CG   C  Y N 257 
PHE CD1  C  Y N 258 
PHE CD2  C  Y N 259 
PHE CE1  C  Y N 260 
PHE CE2  C  Y N 261 
PHE CZ   C  Y N 262 
PHE OXT  O  N N 263 
PHE H    H  N N 264 
PHE H2   H  N N 265 
PHE HA   H  N N 266 
PHE HB2  H  N N 267 
PHE HB3  H  N N 268 
PHE HD1  H  N N 269 
PHE HD2  H  N N 270 
PHE HE1  H  N N 271 
PHE HE2  H  N N 272 
PHE HZ   H  N N 273 
PHE HXT  H  N N 274 
PRO N    N  N N 275 
PRO CA   C  N S 276 
PRO C    C  N N 277 
PRO O    O  N N 278 
PRO CB   C  N N 279 
PRO CG   C  N N 280 
PRO CD   C  N N 281 
PRO OXT  O  N N 282 
PRO H    H  N N 283 
PRO HA   H  N N 284 
PRO HB2  H  N N 285 
PRO HB3  H  N N 286 
PRO HG2  H  N N 287 
PRO HG3  H  N N 288 
PRO HD2  H  N N 289 
PRO HD3  H  N N 290 
PRO HXT  H  N N 291 
SER N    N  N N 292 
SER CA   C  N S 293 
SER C    C  N N 294 
SER O    O  N N 295 
SER CB   C  N N 296 
SER OG   O  N N 297 
SER OXT  O  N N 298 
SER H    H  N N 299 
SER H2   H  N N 300 
SER HA   H  N N 301 
SER HB2  H  N N 302 
SER HB3  H  N N 303 
SER HG   H  N N 304 
SER HXT  H  N N 305 
THR N    N  N N 306 
THR CA   C  N S 307 
THR C    C  N N 308 
THR O    O  N N 309 
THR CB   C  N R 310 
THR OG1  O  N N 311 
THR CG2  C  N N 312 
THR OXT  O  N N 313 
THR H    H  N N 314 
THR H2   H  N N 315 
THR HA   H  N N 316 
THR HB   H  N N 317 
THR HG1  H  N N 318 
THR HG21 H  N N 319 
THR HG22 H  N N 320 
THR HG23 H  N N 321 
THR HXT  H  N N 322 
TRP N    N  N N 323 
TRP CA   C  N S 324 
TRP C    C  N N 325 
TRP O    O  N N 326 
TRP CB   C  N N 327 
TRP CG   C  Y N 328 
TRP CD1  C  Y N 329 
TRP CD2  C  Y N 330 
TRP NE1  N  Y N 331 
TRP CE2  C  Y N 332 
TRP CE3  C  Y N 333 
TRP CZ2  C  Y N 334 
TRP CZ3  C  Y N 335 
TRP CH2  C  Y N 336 
TRP OXT  O  N N 337 
TRP H    H  N N 338 
TRP H2   H  N N 339 
TRP HA   H  N N 340 
TRP HB2  H  N N 341 
TRP HB3  H  N N 342 
TRP HD1  H  N N 343 
TRP HE1  H  N N 344 
TRP HE3  H  N N 345 
TRP HZ2  H  N N 346 
TRP HZ3  H  N N 347 
TRP HH2  H  N N 348 
TRP HXT  H  N N 349 
TYR N    N  N N 350 
TYR CA   C  N S 351 
TYR C    C  N N 352 
TYR O    O  N N 353 
TYR CB   C  N N 354 
TYR CG   C  Y N 355 
TYR CD1  C  Y N 356 
TYR CD2  C  Y N 357 
TYR CE1  C  Y N 358 
TYR CE2  C  Y N 359 
TYR CZ   C  Y N 360 
TYR OH   O  N N 361 
TYR OXT  O  N N 362 
TYR H    H  N N 363 
TYR H2   H  N N 364 
TYR HA   H  N N 365 
TYR HB2  H  N N 366 
TYR HB3  H  N N 367 
TYR HD1  H  N N 368 
TYR HD2  H  N N 369 
TYR HE1  H  N N 370 
TYR HE2  H  N N 371 
TYR HH   H  N N 372 
TYR HXT  H  N N 373 
VAL N    N  N N 374 
VAL CA   C  N S 375 
VAL C    C  N N 376 
VAL O    O  N N 377 
VAL CB   C  N N 378 
VAL CG1  C  N N 379 
VAL CG2  C  N N 380 
VAL OXT  O  N N 381 
VAL H    H  N N 382 
VAL H2   H  N N 383 
VAL HA   H  N N 384 
VAL HB   H  N N 385 
VAL HG11 H  N N 386 
VAL HG12 H  N N 387 
VAL HG13 H  N N 388 
VAL HG21 H  N N 389 
VAL HG22 H  N N 390 
VAL HG23 H  N N 391 
VAL HXT  H  N N 392 
XYP O1   O  N N 393 
XYP C1   C  N R 394 
XYP C2   C  N R 395 
XYP C3   C  N S 396 
XYP C4   C  N R 397 
XYP C5   C  N N 398 
XYP O2   O  N N 399 
XYP O3   O  N N 400 
XYP O4   O  N N 401 
XYP O5   O  N N 402 
XYP HO1  H  N N 403 
XYP H1   H  N N 404 
XYP H2   H  N N 405 
XYP H3   H  N N 406 
XYP H4   H  N N 407 
XYP H51  H  N N 408 
XYP H52  H  N N 409 
XYP HO2  H  N N 410 
XYP HO3  H  N N 411 
XYP HO4  H  N N 412 
# 
loop_
_chem_comp_bond.comp_id 
_chem_comp_bond.atom_id_1 
_chem_comp_bond.atom_id_2 
_chem_comp_bond.value_order 
_chem_comp_bond.pdbx_aromatic_flag 
_chem_comp_bond.pdbx_stereo_config 
_chem_comp_bond.pdbx_ordinal 
ALA N   CA   sing N N 1   
ALA N   H    sing N N 2   
ALA N   H2   sing N N 3   
ALA CA  C    sing N N 4   
ALA CA  CB   sing N N 5   
ALA CA  HA   sing N N 6   
ALA C   O    doub N N 7   
ALA C   OXT  sing N N 8   
ALA CB  HB1  sing N N 9   
ALA CB  HB2  sing N N 10  
ALA CB  HB3  sing N N 11  
ALA OXT HXT  sing N N 12  
ARG N   CA   sing N N 13  
ARG N   H    sing N N 14  
ARG N   H2   sing N N 15  
ARG CA  C    sing N N 16  
ARG CA  CB   sing N N 17  
ARG CA  HA   sing N N 18  
ARG C   O    doub N N 19  
ARG C   OXT  sing N N 20  
ARG CB  CG   sing N N 21  
ARG CB  HB2  sing N N 22  
ARG CB  HB3  sing N N 23  
ARG CG  CD   sing N N 24  
ARG CG  HG2  sing N N 25  
ARG CG  HG3  sing N N 26  
ARG CD  NE   sing N N 27  
ARG CD  HD2  sing N N 28  
ARG CD  HD3  sing N N 29  
ARG NE  CZ   sing N N 30  
ARG NE  HE   sing N N 31  
ARG CZ  NH1  sing N N 32  
ARG CZ  NH2  doub N N 33  
ARG NH1 HH11 sing N N 34  
ARG NH1 HH12 sing N N 35  
ARG NH2 HH21 sing N N 36  
ARG NH2 HH22 sing N N 37  
ARG OXT HXT  sing N N 38  
ASN N   CA   sing N N 39  
ASN N   H    sing N N 40  
ASN N   H2   sing N N 41  
ASN CA  C    sing N N 42  
ASN CA  CB   sing N N 43  
ASN CA  HA   sing N N 44  
ASN C   O    doub N N 45  
ASN C   OXT  sing N N 46  
ASN CB  CG   sing N N 47  
ASN CB  HB2  sing N N 48  
ASN CB  HB3  sing N N 49  
ASN CG  OD1  doub N N 50  
ASN CG  ND2  sing N N 51  
ASN ND2 HD21 sing N N 52  
ASN ND2 HD22 sing N N 53  
ASN OXT HXT  sing N N 54  
ASP N   CA   sing N N 55  
ASP N   H    sing N N 56  
ASP N   H2   sing N N 57  
ASP CA  C    sing N N 58  
ASP CA  CB   sing N N 59  
ASP CA  HA   sing N N 60  
ASP C   O    doub N N 61  
ASP C   OXT  sing N N 62  
ASP CB  CG   sing N N 63  
ASP CB  HB2  sing N N 64  
ASP CB  HB3  sing N N 65  
ASP CG  OD1  doub N N 66  
ASP CG  OD2  sing N N 67  
ASP OD2 HD2  sing N N 68  
ASP OXT HXT  sing N N 69  
GLN N   CA   sing N N 70  
GLN N   H    sing N N 71  
GLN N   H2   sing N N 72  
GLN CA  C    sing N N 73  
GLN CA  CB   sing N N 74  
GLN CA  HA   sing N N 75  
GLN C   O    doub N N 76  
GLN C   OXT  sing N N 77  
GLN CB  CG   sing N N 78  
GLN CB  HB2  sing N N 79  
GLN CB  HB3  sing N N 80  
GLN CG  CD   sing N N 81  
GLN CG  HG2  sing N N 82  
GLN CG  HG3  sing N N 83  
GLN CD  OE1  doub N N 84  
GLN CD  NE2  sing N N 85  
GLN NE2 HE21 sing N N 86  
GLN NE2 HE22 sing N N 87  
GLN OXT HXT  sing N N 88  
GLU N   CA   sing N N 89  
GLU N   H    sing N N 90  
GLU N   H2   sing N N 91  
GLU CA  C    sing N N 92  
GLU CA  CB   sing N N 93  
GLU CA  HA   sing N N 94  
GLU C   O    doub N N 95  
GLU C   OXT  sing N N 96  
GLU CB  CG   sing N N 97  
GLU CB  HB2  sing N N 98  
GLU CB  HB3  sing N N 99  
GLU CG  CD   sing N N 100 
GLU CG  HG2  sing N N 101 
GLU CG  HG3  sing N N 102 
GLU CD  OE1  doub N N 103 
GLU CD  OE2  sing N N 104 
GLU OE2 HE2  sing N N 105 
GLU OXT HXT  sing N N 106 
GLY N   CA   sing N N 107 
GLY N   H    sing N N 108 
GLY N   H2   sing N N 109 
GLY CA  C    sing N N 110 
GLY CA  HA2  sing N N 111 
GLY CA  HA3  sing N N 112 
GLY C   O    doub N N 113 
GLY C   OXT  sing N N 114 
GLY OXT HXT  sing N N 115 
GOL C1  O1   sing N N 116 
GOL C1  C2   sing N N 117 
GOL C1  H11  sing N N 118 
GOL C1  H12  sing N N 119 
GOL O1  HO1  sing N N 120 
GOL C2  O2   sing N N 121 
GOL C2  C3   sing N N 122 
GOL C2  H2   sing N N 123 
GOL O2  HO2  sing N N 124 
GOL C3  O3   sing N N 125 
GOL C3  H31  sing N N 126 
GOL C3  H32  sing N N 127 
GOL O3  HO3  sing N N 128 
HIS N   CA   sing N N 129 
HIS N   H    sing N N 130 
HIS N   H2   sing N N 131 
HIS CA  C    sing N N 132 
HIS CA  CB   sing N N 133 
HIS CA  HA   sing N N 134 
HIS C   O    doub N N 135 
HIS C   OXT  sing N N 136 
HIS CB  CG   sing N N 137 
HIS CB  HB2  sing N N 138 
HIS CB  HB3  sing N N 139 
HIS CG  ND1  sing Y N 140 
HIS CG  CD2  doub Y N 141 
HIS ND1 CE1  doub Y N 142 
HIS ND1 HD1  sing N N 143 
HIS CD2 NE2  sing Y N 144 
HIS CD2 HD2  sing N N 145 
HIS CE1 NE2  sing Y N 146 
HIS CE1 HE1  sing N N 147 
HIS NE2 HE2  sing N N 148 
HIS OXT HXT  sing N N 149 
HOH O   H1   sing N N 150 
HOH O   H2   sing N N 151 
ILE N   CA   sing N N 152 
ILE N   H    sing N N 153 
ILE N   H2   sing N N 154 
ILE CA  C    sing N N 155 
ILE CA  CB   sing N N 156 
ILE CA  HA   sing N N 157 
ILE C   O    doub N N 158 
ILE C   OXT  sing N N 159 
ILE CB  CG1  sing N N 160 
ILE CB  CG2  sing N N 161 
ILE CB  HB   sing N N 162 
ILE CG1 CD1  sing N N 163 
ILE CG1 HG12 sing N N 164 
ILE CG1 HG13 sing N N 165 
ILE CG2 HG21 sing N N 166 
ILE CG2 HG22 sing N N 167 
ILE CG2 HG23 sing N N 168 
ILE CD1 HD11 sing N N 169 
ILE CD1 HD12 sing N N 170 
ILE CD1 HD13 sing N N 171 
ILE OXT HXT  sing N N 172 
LEU N   CA   sing N N 173 
LEU N   H    sing N N 174 
LEU N   H2   sing N N 175 
LEU CA  C    sing N N 176 
LEU CA  CB   sing N N 177 
LEU CA  HA   sing N N 178 
LEU C   O    doub N N 179 
LEU C   OXT  sing N N 180 
LEU CB  CG   sing N N 181 
LEU CB  HB2  sing N N 182 
LEU CB  HB3  sing N N 183 
LEU CG  CD1  sing N N 184 
LEU CG  CD2  sing N N 185 
LEU CG  HG   sing N N 186 
LEU CD1 HD11 sing N N 187 
LEU CD1 HD12 sing N N 188 
LEU CD1 HD13 sing N N 189 
LEU CD2 HD21 sing N N 190 
LEU CD2 HD22 sing N N 191 
LEU CD2 HD23 sing N N 192 
LEU OXT HXT  sing N N 193 
LYS N   CA   sing N N 194 
LYS N   H    sing N N 195 
LYS N   H2   sing N N 196 
LYS CA  C    sing N N 197 
LYS CA  CB   sing N N 198 
LYS CA  HA   sing N N 199 
LYS C   O    doub N N 200 
LYS C   OXT  sing N N 201 
LYS CB  CG   sing N N 202 
LYS CB  HB2  sing N N 203 
LYS CB  HB3  sing N N 204 
LYS CG  CD   sing N N 205 
LYS CG  HG2  sing N N 206 
LYS CG  HG3  sing N N 207 
LYS CD  CE   sing N N 208 
LYS CD  HD2  sing N N 209 
LYS CD  HD3  sing N N 210 
LYS CE  NZ   sing N N 211 
LYS CE  HE2  sing N N 212 
LYS CE  HE3  sing N N 213 
LYS NZ  HZ1  sing N N 214 
LYS NZ  HZ2  sing N N 215 
LYS NZ  HZ3  sing N N 216 
LYS OXT HXT  sing N N 217 
MET N   CA   sing N N 218 
MET N   H    sing N N 219 
MET N   H2   sing N N 220 
MET CA  C    sing N N 221 
MET CA  CB   sing N N 222 
MET CA  HA   sing N N 223 
MET C   O    doub N N 224 
MET C   OXT  sing N N 225 
MET CB  CG   sing N N 226 
MET CB  HB2  sing N N 227 
MET CB  HB3  sing N N 228 
MET CG  SD   sing N N 229 
MET CG  HG2  sing N N 230 
MET CG  HG3  sing N N 231 
MET SD  CE   sing N N 232 
MET CE  HE1  sing N N 233 
MET CE  HE2  sing N N 234 
MET CE  HE3  sing N N 235 
MET OXT HXT  sing N N 236 
PHE N   CA   sing N N 237 
PHE N   H    sing N N 238 
PHE N   H2   sing N N 239 
PHE CA  C    sing N N 240 
PHE CA  CB   sing N N 241 
PHE CA  HA   sing N N 242 
PHE C   O    doub N N 243 
PHE C   OXT  sing N N 244 
PHE CB  CG   sing N N 245 
PHE CB  HB2  sing N N 246 
PHE CB  HB3  sing N N 247 
PHE CG  CD1  doub Y N 248 
PHE CG  CD2  sing Y N 249 
PHE CD1 CE1  sing Y N 250 
PHE CD1 HD1  sing N N 251 
PHE CD2 CE2  doub Y N 252 
PHE CD2 HD2  sing N N 253 
PHE CE1 CZ   doub Y N 254 
PHE CE1 HE1  sing N N 255 
PHE CE2 CZ   sing Y N 256 
PHE CE2 HE2  sing N N 257 
PHE CZ  HZ   sing N N 258 
PHE OXT HXT  sing N N 259 
PRO N   CA   sing N N 260 
PRO N   CD   sing N N 261 
PRO N   H    sing N N 262 
PRO CA  C    sing N N 263 
PRO CA  CB   sing N N 264 
PRO CA  HA   sing N N 265 
PRO C   O    doub N N 266 
PRO C   OXT  sing N N 267 
PRO CB  CG   sing N N 268 
PRO CB  HB2  sing N N 269 
PRO CB  HB3  sing N N 270 
PRO CG  CD   sing N N 271 
PRO CG  HG2  sing N N 272 
PRO CG  HG3  sing N N 273 
PRO CD  HD2  sing N N 274 
PRO CD  HD3  sing N N 275 
PRO OXT HXT  sing N N 276 
SER N   CA   sing N N 277 
SER N   H    sing N N 278 
SER N   H2   sing N N 279 
SER CA  C    sing N N 280 
SER CA  CB   sing N N 281 
SER CA  HA   sing N N 282 
SER C   O    doub N N 283 
SER C   OXT  sing N N 284 
SER CB  OG   sing N N 285 
SER CB  HB2  sing N N 286 
SER CB  HB3  sing N N 287 
SER OG  HG   sing N N 288 
SER OXT HXT  sing N N 289 
THR N   CA   sing N N 290 
THR N   H    sing N N 291 
THR N   H2   sing N N 292 
THR CA  C    sing N N 293 
THR CA  CB   sing N N 294 
THR CA  HA   sing N N 295 
THR C   O    doub N N 296 
THR C   OXT  sing N N 297 
THR CB  OG1  sing N N 298 
THR CB  CG2  sing N N 299 
THR CB  HB   sing N N 300 
THR OG1 HG1  sing N N 301 
THR CG2 HG21 sing N N 302 
THR CG2 HG22 sing N N 303 
THR CG2 HG23 sing N N 304 
THR OXT HXT  sing N N 305 
TRP N   CA   sing N N 306 
TRP N   H    sing N N 307 
TRP N   H2   sing N N 308 
TRP CA  C    sing N N 309 
TRP CA  CB   sing N N 310 
TRP CA  HA   sing N N 311 
TRP C   O    doub N N 312 
TRP C   OXT  sing N N 313 
TRP CB  CG   sing N N 314 
TRP CB  HB2  sing N N 315 
TRP CB  HB3  sing N N 316 
TRP CG  CD1  doub Y N 317 
TRP CG  CD2  sing Y N 318 
TRP CD1 NE1  sing Y N 319 
TRP CD1 HD1  sing N N 320 
TRP CD2 CE2  doub Y N 321 
TRP CD2 CE3  sing Y N 322 
TRP NE1 CE2  sing Y N 323 
TRP NE1 HE1  sing N N 324 
TRP CE2 CZ2  sing Y N 325 
TRP CE3 CZ3  doub Y N 326 
TRP CE3 HE3  sing N N 327 
TRP CZ2 CH2  doub Y N 328 
TRP CZ2 HZ2  sing N N 329 
TRP CZ3 CH2  sing Y N 330 
TRP CZ3 HZ3  sing N N 331 
TRP CH2 HH2  sing N N 332 
TRP OXT HXT  sing N N 333 
TYR N   CA   sing N N 334 
TYR N   H    sing N N 335 
TYR N   H2   sing N N 336 
TYR CA  C    sing N N 337 
TYR CA  CB   sing N N 338 
TYR CA  HA   sing N N 339 
TYR C   O    doub N N 340 
TYR C   OXT  sing N N 341 
TYR CB  CG   sing N N 342 
TYR CB  HB2  sing N N 343 
TYR CB  HB3  sing N N 344 
TYR CG  CD1  doub Y N 345 
TYR CG  CD2  sing Y N 346 
TYR CD1 CE1  sing Y N 347 
TYR CD1 HD1  sing N N 348 
TYR CD2 CE2  doub Y N 349 
TYR CD2 HD2  sing N N 350 
TYR CE1 CZ   doub Y N 351 
TYR CE1 HE1  sing N N 352 
TYR CE2 CZ   sing Y N 353 
TYR CE2 HE2  sing N N 354 
TYR CZ  OH   sing N N 355 
TYR OH  HH   sing N N 356 
TYR OXT HXT  sing N N 357 
VAL N   CA   sing N N 358 
VAL N   H    sing N N 359 
VAL N   H2   sing N N 360 
VAL CA  C    sing N N 361 
VAL CA  CB   sing N N 362 
VAL CA  HA   sing N N 363 
VAL C   O    doub N N 364 
VAL C   OXT  sing N N 365 
VAL CB  CG1  sing N N 366 
VAL CB  CG2  sing N N 367 
VAL CB  HB   sing N N 368 
VAL CG1 HG11 sing N N 369 
VAL CG1 HG12 sing N N 370 
VAL CG1 HG13 sing N N 371 
VAL CG2 HG21 sing N N 372 
VAL CG2 HG22 sing N N 373 
VAL CG2 HG23 sing N N 374 
VAL OXT HXT  sing N N 375 
XYP O1  C1   sing N N 376 
XYP O1  HO1  sing N N 377 
XYP C1  C2   sing N N 378 
XYP C1  O5   sing N N 379 
XYP C1  H1   sing N N 380 
XYP C2  C3   sing N N 381 
XYP C2  O2   sing N N 382 
XYP C2  H2   sing N N 383 
XYP C3  C4   sing N N 384 
XYP C3  O3   sing N N 385 
XYP C3  H3   sing N N 386 
XYP C4  C5   sing N N 387 
XYP C4  O4   sing N N 388 
XYP C4  H4   sing N N 389 
XYP C5  O5   sing N N 390 
XYP C5  H51  sing N N 391 
XYP C5  H52  sing N N 392 
XYP O2  HO2  sing N N 393 
XYP O3  HO3  sing N N 394 
XYP O4  HO4  sing N N 395 
# 
loop_
_pdbx_branch_scheme.asym_id 
_pdbx_branch_scheme.entity_id 
_pdbx_branch_scheme.mon_id 
_pdbx_branch_scheme.num 
_pdbx_branch_scheme.pdb_asym_id 
_pdbx_branch_scheme.pdb_mon_id 
_pdbx_branch_scheme.pdb_seq_num 
_pdbx_branch_scheme.auth_asym_id 
_pdbx_branch_scheme.auth_mon_id 
_pdbx_branch_scheme.auth_seq_num 
_pdbx_branch_scheme.hetero 
B 2 XYP 1 B XYP 1 A XYP 1148 n 
B 2 XYP 2 B XYP 2 A XYP 1149 n 
B 2 XYP 3 B XYP 3 A XYP 1150 n 
B 2 XYP 4 B XYP 4 A XYP 1151 n 
# 
loop_
_pdbx_chem_comp_identifier.comp_id 
_pdbx_chem_comp_identifier.type 
_pdbx_chem_comp_identifier.program 
_pdbx_chem_comp_identifier.program_version 
_pdbx_chem_comp_identifier.identifier 
XYP 'CONDENSED IUPAC CARBOHYDRATE SYMBOL' GMML     1.0 DXylpb           
XYP 'COMMON NAME'                         GMML     1.0 b-D-xylopyranose 
XYP 'IUPAC CARBOHYDRATE SYMBOL'           PDB-CARE 1.0 b-D-Xylp         
XYP 'SNFG CARBOHYDRATE SYMBOL'            GMML     1.0 Xyl              
# 
_pdbx_entity_branch.entity_id   2 
_pdbx_entity_branch.type        oligosaccharide 
# 
loop_
_pdbx_entity_branch_descriptor.ordinal 
_pdbx_entity_branch_descriptor.entity_id 
_pdbx_entity_branch_descriptor.descriptor 
_pdbx_entity_branch_descriptor.type 
_pdbx_entity_branch_descriptor.program 
_pdbx_entity_branch_descriptor.program_version 
1 2 DXylpb1-4DXylpb1-4DXylpb1-4DXylpb1-ROH                                    'Glycam Condensed Sequence' GMML       1.0   
2 2 'WURCS=2.0/1,4,3/[a212h-1b_1-5]/1-1-1-1/a4-b1_b4-c1_c4-d1'                WURCS                       PDB2Glycan 1.1.0 
3 2 '[][b-D-Xylp]{[(4+1)][b-D-Xylp]{[(4+1)][b-D-Xylp]{[(4+1)][b-D-Xylp]{}}}}' LINUCS                      PDB-CARE   ?     
# 
loop_
_pdbx_entity_branch_link.link_id 
_pdbx_entity_branch_link.entity_id 
_pdbx_entity_branch_link.entity_branch_list_num_1 
_pdbx_entity_branch_link.comp_id_1 
_pdbx_entity_branch_link.atom_id_1 
_pdbx_entity_branch_link.leaving_atom_id_1 
_pdbx_entity_branch_link.entity_branch_list_num_2 
_pdbx_entity_branch_link.comp_id_2 
_pdbx_entity_branch_link.atom_id_2 
_pdbx_entity_branch_link.leaving_atom_id_2 
_pdbx_entity_branch_link.value_order 
_pdbx_entity_branch_link.details 
1 2 2 XYP C1 O1 1 XYP O4 HO4 sing ? 
2 2 3 XYP C1 O1 2 XYP O4 HO4 sing ? 
3 2 4 XYP C1 O1 3 XYP O4 HO4 sing ? 
# 
loop_
_pdbx_entity_branch_list.entity_id 
_pdbx_entity_branch_list.comp_id 
_pdbx_entity_branch_list.num 
_pdbx_entity_branch_list.hetero 
2 XYP 1 n 
2 XYP 2 n 
2 XYP 3 n 
2 XYP 4 n 
# 
loop_
_pdbx_entity_nonpoly.entity_id 
_pdbx_entity_nonpoly.name 
_pdbx_entity_nonpoly.comp_id 
3 'SODIUM ION'  NA  
4 'CALCIUM ION' CA  
5 GLYCEROL      GOL 
6 water         HOH 
# 
_pdbx_initial_refinement_model.id               1 
_pdbx_initial_refinement_model.entity_id_list   ? 
_pdbx_initial_refinement_model.type             'experimental model' 
_pdbx_initial_refinement_model.source_name      PDB 
_pdbx_initial_refinement_model.accession_code   1GMM 
_pdbx_initial_refinement_model.details          'PDB ENTRY 1GMM' 
# 
